data_7NZ5
#
_entry.id   7NZ5
#
_cell.length_a   69.246
_cell.length_b   98.811
_cell.length_c   238.875
_cell.angle_alpha   90.000
_cell.angle_beta   90.000
_cell.angle_gamma   90.000
#
_symmetry.space_group_name_H-M   'P 21 21 21'
#
loop_
_entity.id
_entity.type
_entity.pdbx_description
1 polymer 'CO-methylating acetyl-CoA synthase'
2 non-polymer 'IRON/SULFUR CLUSTER'
3 non-polymer 'ZINC ION'
4 non-polymer 'NICKEL (II) ION'
5 non-polymer DI(HYDROXYETHYL)ETHER
6 non-polymer 'CITRIC ACID'
7 non-polymer '2-[3,8,8,12,12-pentakis(2-hydroxy-2-oxoethyl)-2,7,11-tris(oxidanylidene)-1,4,6,9,10,13-hexaoxa-5$l^{6}-titanaspiro[4.4^{5}.4^{5}]tridecan-3-yl]ethanoic acid'
8 non-polymer (R,R)-2,3-BUTANEDIOL
9 water water
#
_entity_poly.entity_id   1
_entity_poly.type   'polypeptide(L)'
_entity_poly.pdbx_seq_one_letter_code
;NMSEVINFDQIFEGAIEPGKEPKRLFKEVYEGAITATSYAEILLSRAIEKYGPDHPVGYPDTAYFLPVIRAFSGEEVRTL
KDMVPILNRMRAQIKSELTFENARLAGEATWYAAEIIEALRYLKHTPENPIVVPPWTGFIGDPVVRQYGIKMVDWTIPGE
AIIIGRAKDSKAAKKIVDDLMGKGLMLFLCDEIIEQLLEENVKLGVDYIAYPLGNFTQVVHAANYALRAGLMFGGIAPGL
RDAHRDYQRRRVLAFVLYLGEHDMVKTAAAMGAIFTGFPVITDQPLPEDKQIKDWFISEPDYDKIVQTALEVRGIKITSI
DIDLPINFGPAFEGESIRKGDMHVEFGGGKTPSFELVRMVGPDEIEDGKVEVIGPDIDSVEPGGRLPIGIVVDIYGRKMQ
EDFEPVLERRIHYFTNYGEGFWHTAQRDLTWVRISKEAFAKGARLKHLGQLLYAKFKQEFPSIVDRVQVTIYTDEQKVLE
LREIARKKYAERDARLRELSDEAVDTYYSCLLCQSFAPTHVCIVSPERVGLCGAISWLDAKAAYEINPNGPNQPIPKEGL
IDPVKGQWESFNEYIYKNSQRTIERMNLYTIMEYPMTSCGCFEAIMAYLPELNGFMIVNREHSGMTPIGMTFSTLAGMVG
GGTQTPGFMGIGKSYIGSRKFVKADGGLARVVWMPKDLKEQLRSIIEERAEEEGLGRDFIDKIADETVGTTVDEVLPFLE
EKGHPALSMEPLL
;
_entity_poly.pdbx_strand_id   A,B
#
loop_
_chem_comp.id
_chem_comp.type
_chem_comp.name
_chem_comp.formula
BU3 non-polymer (R,R)-2,3-BUTANEDIOL 'C4 H10 O2'
CIT non-polymer 'CITRIC ACID' 'C6 H8 O7'
NI non-polymer 'NICKEL (II) ION' 'Ni 2'
PEG non-polymer DI(HYDROXYETHYL)ETHER 'C4 H10 O3'
SF4 non-polymer 'IRON/SULFUR CLUSTER' 'Fe4 S4'
UW8 non-polymer '2-[3,8,8,12,12-pentakis(2-hydroxy-2-oxoethyl)-2,7,11-tris(oxidanylidene)-1,4,6,9,10,13-hexaoxa-5$l^{6}-titanaspiro[4.4^{5}.4^{5}]tridecan-3-yl]ethanoic acid' 'C18 H18 O21 Ti'
ZN non-polymer 'ZINC ION' 'Zn 2'
#
# COMPACT_ATOMS: atom_id res chain seq x y z
N VAL A 5 -30.98 -24.34 -6.59
CA VAL A 5 -32.03 -24.97 -5.79
C VAL A 5 -31.59 -24.99 -4.32
N ILE A 6 -30.28 -24.99 -4.07
CA ILE A 6 -29.81 -24.86 -2.70
C ILE A 6 -30.07 -23.41 -2.29
N ASN A 7 -30.93 -23.23 -1.30
CA ASN A 7 -31.21 -21.89 -0.77
C ASN A 7 -30.43 -21.72 0.55
N PHE A 8 -29.11 -21.58 0.43
CA PHE A 8 -28.30 -21.56 1.64
C PHE A 8 -28.71 -20.41 2.57
N ASP A 9 -29.11 -19.27 2.00
CA ASP A 9 -29.39 -18.10 2.81
C ASP A 9 -30.56 -18.32 3.76
N GLN A 10 -31.32 -19.41 3.56
CA GLN A 10 -32.41 -19.72 4.45
C GLN A 10 -31.94 -19.92 5.89
N ILE A 11 -30.66 -20.25 6.11
CA ILE A 11 -30.24 -20.43 7.49
C ILE A 11 -30.29 -19.13 8.28
N PHE A 12 -30.33 -17.98 7.61
CA PHE A 12 -30.35 -16.70 8.30
C PHE A 12 -31.75 -16.16 8.58
N GLU A 13 -32.81 -16.90 8.21
CA GLU A 13 -34.12 -16.29 8.05
C GLU A 13 -34.63 -15.67 9.34
N GLY A 14 -34.43 -16.33 10.47
CA GLY A 14 -34.96 -15.81 11.72
C GLY A 14 -34.08 -14.84 12.47
N ALA A 15 -32.90 -14.52 11.94
CA ALA A 15 -31.87 -13.93 12.79
C ALA A 15 -32.21 -12.51 13.22
N ILE A 16 -32.81 -11.70 12.34
CA ILE A 16 -32.99 -10.28 12.60
C ILE A 16 -34.40 -9.87 12.17
N GLU A 17 -35.18 -9.34 13.08
CA GLU A 17 -36.50 -8.85 12.73
C GLU A 17 -36.41 -7.55 11.91
N PRO A 18 -37.26 -7.39 10.90
CA PRO A 18 -37.13 -6.22 10.04
C PRO A 18 -37.31 -4.94 10.82
N GLY A 19 -36.55 -3.94 10.42
CA GLY A 19 -36.52 -2.69 11.10
C GLY A 19 -35.65 -2.65 12.32
N LYS A 20 -35.11 -3.76 12.83
CA LYS A 20 -34.19 -3.68 13.97
C LYS A 20 -32.78 -4.07 13.58
N GLU A 21 -32.34 -3.86 12.37
CA GLU A 21 -31.03 -4.24 11.94
C GLU A 21 -29.98 -3.60 12.86
N PRO A 22 -28.91 -4.31 13.18
CA PRO A 22 -27.81 -3.73 13.96
C PRO A 22 -26.94 -2.85 13.07
N LYS A 23 -27.42 -1.61 12.86
CA LYS A 23 -26.75 -0.71 11.91
C LYS A 23 -25.33 -0.36 12.34
N ARG A 24 -25.05 -0.35 13.65
CA ARG A 24 -23.68 -0.08 14.08
C ARG A 24 -22.75 -1.15 13.50
N LEU A 25 -23.15 -2.42 13.61
CA LEU A 25 -22.35 -3.50 13.05
C LEU A 25 -22.29 -3.41 11.53
N PHE A 26 -23.44 -3.18 10.88
CA PHE A 26 -23.45 -3.20 9.42
C PHE A 26 -22.66 -2.04 8.83
N LYS A 27 -22.70 -0.87 9.47
CA LYS A 27 -21.86 0.23 8.99
C LYS A 27 -20.40 -0.10 9.17
N GLU A 28 -20.03 -0.71 10.30
CA GLU A 28 -18.63 -1.09 10.46
C GLU A 28 -18.20 -2.12 9.41
N VAL A 29 -19.08 -3.08 9.10
CA VAL A 29 -18.73 -4.08 8.08
C VAL A 29 -18.58 -3.41 6.73
N TYR A 30 -19.47 -2.46 6.42
CA TYR A 30 -19.42 -1.79 5.13
C TYR A 30 -18.12 -0.99 5.00
N GLU A 31 -17.77 -0.25 6.05
CA GLU A 31 -16.55 0.53 6.02
C GLU A 31 -15.33 -0.38 5.88
N GLY A 32 -15.33 -1.51 6.59
CA GLY A 32 -14.19 -2.41 6.52
C GLY A 32 -14.06 -3.12 5.19
N ALA A 33 -15.19 -3.44 4.54
CA ALA A 33 -15.13 -4.08 3.25
C ALA A 33 -14.68 -3.09 2.19
N ILE A 34 -15.13 -1.84 2.28
CA ILE A 34 -14.62 -0.82 1.37
C ILE A 34 -13.11 -0.66 1.56
N THR A 35 -12.66 -0.67 2.81
CA THR A 35 -11.25 -0.49 3.09
C THR A 35 -10.43 -1.67 2.55
N ALA A 36 -10.91 -2.90 2.78
CA ALA A 36 -10.17 -4.07 2.32
C ALA A 36 -10.08 -4.10 0.80
N THR A 37 -11.20 -3.86 0.11
CA THR A 37 -11.14 -3.87 -1.35
C THR A 37 -10.28 -2.73 -1.87
N SER A 38 -10.25 -1.57 -1.18
CA SER A 38 -9.38 -0.48 -1.62
C SER A 38 -7.91 -0.85 -1.45
N TYR A 39 -7.56 -1.46 -0.32
CA TYR A 39 -6.21 -1.95 -0.13
C TYR A 39 -5.81 -2.83 -1.30
N ALA A 40 -6.69 -3.77 -1.64
CA ALA A 40 -6.39 -4.72 -2.70
C ALA A 40 -6.29 -4.03 -4.06
N GLU A 41 -7.15 -3.05 -4.27
N GLU A 41 -7.15 -3.09 -4.17
CA GLU A 41 -7.18 -2.33 -5.55
CA GLU A 41 -7.19 -2.37 -5.46
C GLU A 41 -5.83 -1.65 -5.79
C GLU A 41 -5.83 -1.69 -5.70
N ILE A 42 -5.31 -0.98 -4.77
CA ILE A 42 -4.09 -0.20 -4.96
C ILE A 42 -2.88 -1.12 -5.03
N LEU A 43 -2.83 -2.15 -4.18
CA LEU A 43 -1.70 -3.09 -4.26
C LEU A 43 -1.68 -3.83 -5.59
N LEU A 44 -2.85 -4.17 -6.14
CA LEU A 44 -2.89 -4.88 -7.40
C LEU A 44 -2.47 -3.98 -8.56
N SER A 45 -2.93 -2.73 -8.55
CA SER A 45 -2.54 -1.82 -9.63
C SER A 45 -1.04 -1.56 -9.59
N ARG A 46 -0.47 -1.39 -8.39
CA ARG A 46 0.97 -1.21 -8.30
C ARG A 46 1.70 -2.44 -8.79
N ALA A 47 1.20 -3.64 -8.44
CA ALA A 47 1.88 -4.86 -8.86
C ALA A 47 1.87 -5.01 -10.38
N ILE A 48 0.74 -4.67 -11.01
CA ILE A 48 0.67 -4.74 -12.46
C ILE A 48 1.58 -3.69 -13.09
N GLU A 49 1.75 -2.55 -12.42
CA GLU A 49 2.68 -1.55 -12.93
C GLU A 49 4.11 -2.10 -12.92
N LYS A 50 4.48 -2.77 -11.81
CA LYS A 50 5.86 -3.21 -11.63
C LYS A 50 6.18 -4.45 -12.44
N TYR A 51 5.27 -5.41 -12.53
CA TYR A 51 5.54 -6.71 -13.12
C TYR A 51 4.91 -6.91 -14.48
N GLY A 52 3.79 -6.24 -14.75
CA GLY A 52 3.05 -6.46 -15.96
C GLY A 52 1.86 -7.37 -15.71
N PRO A 53 0.81 -7.20 -16.52
CA PRO A 53 -0.44 -7.94 -16.27
C PRO A 53 -0.29 -9.45 -16.34
N ASP A 54 0.69 -9.97 -17.08
CA ASP A 54 0.84 -11.40 -17.28
C ASP A 54 1.70 -12.08 -16.22
N HIS A 55 2.21 -11.36 -15.24
CA HIS A 55 3.07 -11.96 -14.24
C HIS A 55 2.31 -13.05 -13.48
N PRO A 56 2.88 -14.25 -13.33
CA PRO A 56 2.18 -15.30 -12.59
C PRO A 56 2.00 -14.91 -11.13
N VAL A 57 0.89 -15.38 -10.56
CA VAL A 57 0.61 -15.13 -9.15
C VAL A 57 -0.01 -16.40 -8.58
N GLY A 58 0.28 -16.70 -7.33
CA GLY A 58 -0.30 -17.86 -6.69
C GLY A 58 0.38 -18.15 -5.37
N TYR A 59 -0.12 -19.20 -4.74
CA TYR A 59 0.26 -19.70 -3.42
C TYR A 59 1.16 -20.91 -3.56
N PRO A 60 2.00 -21.19 -2.55
CA PRO A 60 2.85 -22.38 -2.64
C PRO A 60 2.08 -23.67 -2.34
N ASP A 61 2.25 -24.65 -3.23
CA ASP A 61 1.86 -26.05 -3.00
C ASP A 61 0.36 -26.22 -2.77
N THR A 62 -0.42 -25.78 -3.74
CA THR A 62 -1.86 -25.99 -3.75
C THR A 62 -2.32 -26.32 -5.17
N ALA A 63 -3.36 -27.14 -5.25
CA ALA A 63 -3.99 -27.43 -6.53
C ALA A 63 -5.14 -26.47 -6.82
N TYR A 64 -5.44 -25.52 -5.93
CA TYR A 64 -6.70 -24.78 -5.98
C TYR A 64 -6.52 -23.28 -6.19
N PHE A 65 -5.42 -22.88 -6.84
CA PHE A 65 -5.21 -21.50 -7.29
C PHE A 65 -5.29 -20.60 -6.06
N LEU A 66 -6.20 -19.64 -6.02
CA LEU A 66 -6.52 -18.89 -4.81
C LEU A 66 -7.80 -19.54 -4.30
N PRO A 67 -7.72 -20.42 -3.30
CA PRO A 67 -8.85 -21.33 -3.03
C PRO A 67 -10.18 -20.67 -2.69
N VAL A 68 -10.20 -19.55 -1.97
CA VAL A 68 -11.50 -18.95 -1.63
C VAL A 68 -12.24 -18.57 -2.91
N ILE A 69 -11.51 -17.96 -3.84
CA ILE A 69 -12.07 -17.58 -5.13
C ILE A 69 -12.41 -18.81 -5.95
N ARG A 70 -11.52 -19.80 -5.96
CA ARG A 70 -11.76 -20.98 -6.77
C ARG A 70 -13.02 -21.70 -6.32
N ALA A 71 -13.30 -21.69 -5.01
CA ALA A 71 -14.48 -22.35 -4.52
C ALA A 71 -15.73 -21.53 -4.80
N PHE A 72 -15.74 -20.24 -4.43
CA PHE A 72 -17.03 -19.55 -4.45
C PHE A 72 -17.41 -19.05 -5.84
N SER A 73 -16.45 -18.77 -6.72
CA SER A 73 -16.79 -18.33 -8.08
C SER A 73 -16.00 -19.05 -9.17
N GLY A 74 -14.99 -19.85 -8.82
CA GLY A 74 -14.44 -20.84 -9.71
C GLY A 74 -13.30 -20.39 -10.60
N GLU A 75 -12.88 -19.13 -10.55
CA GLU A 75 -11.86 -18.66 -11.48
C GLU A 75 -10.51 -19.33 -11.20
N GLU A 76 -9.82 -19.70 -12.29
CA GLU A 76 -8.45 -20.22 -12.23
C GLU A 76 -7.49 -19.04 -12.30
N VAL A 77 -7.26 -18.40 -11.15
CA VAL A 77 -6.35 -17.27 -11.09
C VAL A 77 -4.93 -17.75 -11.31
N ARG A 78 -4.27 -17.20 -12.33
CA ARG A 78 -2.90 -17.61 -12.63
C ARG A 78 -1.96 -16.42 -12.76
N THR A 79 -2.49 -15.28 -13.20
CA THR A 79 -1.69 -14.09 -13.45
C THR A 79 -2.38 -12.87 -12.84
N LEU A 80 -1.61 -11.79 -12.69
CA LEU A 80 -2.12 -10.60 -12.03
C LEU A 80 -3.41 -10.10 -12.69
N LYS A 81 -3.44 -10.10 -14.03
CA LYS A 81 -4.60 -9.56 -14.72
C LYS A 81 -5.88 -10.31 -14.37
N ASP A 82 -5.76 -11.61 -14.08
CA ASP A 82 -6.96 -12.39 -13.79
C ASP A 82 -7.69 -11.83 -12.59
N MET A 83 -6.97 -11.21 -11.67
CA MET A 83 -7.66 -10.77 -10.47
C MET A 83 -8.38 -9.45 -10.67
N VAL A 84 -8.10 -8.73 -11.76
CA VAL A 84 -8.69 -7.40 -11.92
C VAL A 84 -10.21 -7.47 -12.03
N PRO A 85 -10.80 -8.25 -12.94
CA PRO A 85 -12.26 -8.28 -13.01
C PRO A 85 -12.89 -8.83 -11.75
N ILE A 86 -12.22 -9.79 -11.10
CA ILE A 86 -12.77 -10.38 -9.89
C ILE A 86 -12.92 -9.32 -8.82
N LEU A 87 -11.84 -8.58 -8.55
CA LEU A 87 -11.95 -7.54 -7.53
C LEU A 87 -12.97 -6.49 -7.95
N ASN A 88 -13.05 -6.16 -9.25
CA ASN A 88 -14.03 -5.15 -9.63
C ASN A 88 -15.44 -5.64 -9.31
N ARG A 89 -15.67 -6.94 -9.48
CA ARG A 89 -16.98 -7.48 -9.13
C ARG A 89 -17.22 -7.36 -7.64
N MET A 90 -16.25 -7.71 -6.83
CA MET A 90 -16.46 -7.72 -5.38
C MET A 90 -16.72 -6.31 -4.88
N ARG A 91 -15.95 -5.33 -5.29
CA ARG A 91 -16.25 -3.97 -4.87
C ARG A 91 -17.67 -3.61 -5.28
N ALA A 92 -18.11 -4.09 -6.45
CA ALA A 92 -19.42 -3.70 -6.94
C ALA A 92 -20.53 -4.25 -6.06
N GLN A 93 -20.29 -5.33 -5.33
CA GLN A 93 -21.34 -5.94 -4.54
C GLN A 93 -21.40 -5.39 -3.12
N ILE A 94 -20.54 -4.43 -2.78
CA ILE A 94 -20.58 -3.78 -1.48
C ILE A 94 -21.54 -2.59 -1.57
N LYS A 95 -22.59 -2.61 -0.75
CA LYS A 95 -23.70 -1.67 -0.89
C LYS A 95 -23.97 -0.96 0.43
N SER A 96 -24.37 0.31 0.34
CA SER A 96 -24.57 1.13 1.53
C SER A 96 -25.83 0.78 2.30
N GLU A 97 -26.86 0.21 1.65
CA GLU A 97 -28.08 -0.13 2.38
C GLU A 97 -27.71 -1.15 3.47
N LEU A 98 -28.17 -0.89 4.70
CA LEU A 98 -27.68 -1.62 5.87
C LEU A 98 -28.56 -2.83 6.16
N THR A 99 -28.47 -3.83 5.29
CA THR A 99 -29.17 -5.10 5.46
C THR A 99 -28.18 -6.21 5.81
N PHE A 100 -28.71 -7.27 6.41
CA PHE A 100 -27.91 -8.46 6.68
C PHE A 100 -27.38 -9.06 5.38
N GLU A 101 -28.18 -9.02 4.31
CA GLU A 101 -27.73 -9.57 3.03
C GLU A 101 -26.52 -8.80 2.50
N ASN A 102 -26.60 -7.47 2.51
CA ASN A 102 -25.47 -6.68 2.04
C ASN A 102 -24.27 -6.83 2.97
N ALA A 103 -24.50 -7.03 4.27
CA ALA A 103 -23.38 -7.28 5.17
C ALA A 103 -22.67 -8.58 4.84
N ARG A 104 -23.42 -9.66 4.57
CA ARG A 104 -22.79 -10.92 4.21
C ARG A 104 -22.05 -10.79 2.87
N LEU A 105 -22.63 -10.07 1.92
CA LEU A 105 -21.94 -9.84 0.65
C LEU A 105 -20.67 -9.01 0.84
N ALA A 106 -20.69 -8.06 1.78
CA ALA A 106 -19.49 -7.30 2.08
C ALA A 106 -18.44 -8.17 2.73
N GLY A 107 -18.87 -9.13 3.57
CA GLY A 107 -17.91 -10.08 4.14
C GLY A 107 -17.29 -10.98 3.09
N GLU A 108 -18.08 -11.42 2.11
CA GLU A 108 -17.51 -12.23 1.04
C GLU A 108 -16.50 -11.40 0.24
N ALA A 109 -16.84 -10.14 -0.05
CA ALA A 109 -15.90 -9.28 -0.75
C ALA A 109 -14.63 -9.06 0.08
N THR A 110 -14.77 -8.99 1.40
CA THR A 110 -13.59 -8.82 2.24
C THR A 110 -12.71 -10.06 2.19
N TRP A 111 -13.30 -11.25 2.16
CA TRP A 111 -12.49 -12.46 2.03
C TRP A 111 -11.77 -12.47 0.69
N TYR A 112 -12.47 -12.10 -0.39
CA TYR A 112 -11.82 -12.04 -1.70
C TYR A 112 -10.67 -11.04 -1.69
N ALA A 113 -10.86 -9.91 -1.03
CA ALA A 113 -9.83 -8.88 -0.99
C ALA A 113 -8.61 -9.37 -0.22
N ALA A 114 -8.83 -10.01 0.93
CA ALA A 114 -7.70 -10.51 1.70
C ALA A 114 -6.96 -11.61 0.95
N GLU A 115 -7.69 -12.44 0.20
CA GLU A 115 -7.02 -13.49 -0.57
C GLU A 115 -6.16 -12.89 -1.68
N ILE A 116 -6.66 -11.85 -2.34
CA ILE A 116 -5.89 -11.18 -3.38
C ILE A 116 -4.64 -10.54 -2.78
N ILE A 117 -4.81 -9.85 -1.65
CA ILE A 117 -3.68 -9.18 -1.01
C ILE A 117 -2.61 -10.20 -0.62
N GLU A 118 -3.03 -11.35 -0.09
CA GLU A 118 -2.05 -12.35 0.33
C GLU A 118 -1.32 -12.97 -0.86
N ALA A 119 -2.04 -13.24 -1.95
CA ALA A 119 -1.35 -13.77 -3.13
C ALA A 119 -0.30 -12.77 -3.60
N LEU A 120 -0.64 -11.48 -3.56
CA LEU A 120 0.35 -10.46 -3.90
C LEU A 120 1.53 -10.50 -2.94
N ARG A 121 1.27 -10.75 -1.65
CA ARG A 121 2.38 -10.87 -0.73
C ARG A 121 3.30 -12.01 -1.14
N TYR A 122 2.71 -13.11 -1.61
CA TYR A 122 3.49 -14.29 -1.96
C TYR A 122 4.22 -14.12 -3.27
N LEU A 123 3.94 -13.04 -3.99
CA LEU A 123 4.74 -12.77 -5.19
C LEU A 123 6.24 -12.66 -4.89
N LYS A 124 6.58 -12.29 -3.68
CA LYS A 124 7.97 -12.16 -3.21
C LYS A 124 8.45 -13.41 -2.49
N HIS A 125 7.65 -14.46 -2.48
CA HIS A 125 7.97 -15.66 -1.71
C HIS A 125 8.63 -16.70 -2.59
N THR A 126 9.78 -17.21 -2.17
CA THR A 126 10.50 -18.32 -2.81
C THR A 126 11.03 -19.22 -1.67
N PRO A 127 11.40 -20.48 -1.93
CA PRO A 127 11.94 -21.25 -0.81
C PRO A 127 13.25 -20.69 -0.28
N GLU A 128 14.05 -20.10 -1.15
CA GLU A 128 15.37 -19.57 -0.75
C GLU A 128 15.15 -18.32 0.10
N ASN A 129 14.09 -17.54 -0.17
CA ASN A 129 13.75 -16.29 0.51
C ASN A 129 12.27 -16.26 0.86
N PRO A 130 11.88 -16.98 1.91
CA PRO A 130 10.47 -17.04 2.25
C PRO A 130 9.90 -15.89 3.05
N ILE A 131 8.62 -15.60 2.91
CA ILE A 131 8.03 -14.48 3.65
C ILE A 131 7.46 -14.89 5.01
N VAL A 132 7.59 -16.17 5.39
CA VAL A 132 7.14 -16.62 6.69
C VAL A 132 8.05 -17.74 7.16
N VAL A 133 8.24 -17.83 8.47
CA VAL A 133 9.08 -18.88 9.03
C VAL A 133 8.37 -19.54 10.21
N PRO A 134 8.65 -20.82 10.47
CA PRO A 134 7.98 -21.48 11.57
C PRO A 134 8.33 -20.83 12.89
N PRO A 135 7.43 -20.87 13.88
CA PRO A 135 6.19 -21.67 13.80
C PRO A 135 5.03 -21.07 12.99
N TRP A 136 5.17 -19.85 12.46
CA TRP A 136 4.13 -19.28 11.61
C TRP A 136 3.94 -20.11 10.34
N THR A 137 2.71 -20.11 9.83
CA THR A 137 2.42 -20.83 8.59
C THR A 137 2.14 -19.93 7.39
N GLY A 138 1.46 -18.80 7.58
CA GLY A 138 0.94 -18.14 6.39
C GLY A 138 0.02 -19.09 5.66
N PHE A 139 0.08 -19.10 4.33
CA PHE A 139 -0.71 -20.06 3.58
C PHE A 139 -0.24 -21.48 3.87
N ILE A 140 -1.19 -22.35 4.18
CA ILE A 140 -0.95 -23.74 4.54
C ILE A 140 -1.10 -24.59 3.28
N GLY A 141 -0.09 -25.40 2.98
CA GLY A 141 -0.13 -26.20 1.76
C GLY A 141 -1.17 -27.30 1.81
N ASP A 142 -1.56 -27.75 0.62
CA ASP A 142 -2.51 -28.86 0.51
C ASP A 142 -2.12 -30.09 1.32
N PRO A 143 -0.86 -30.53 1.34
CA PRO A 143 -0.53 -31.74 2.11
C PRO A 143 -0.92 -31.67 3.56
N VAL A 144 -0.85 -30.49 4.20
CA VAL A 144 -1.24 -30.38 5.60
C VAL A 144 -2.76 -30.53 5.74
N VAL A 145 -3.53 -29.90 4.85
CA VAL A 145 -4.97 -30.08 4.91
C VAL A 145 -5.30 -31.56 4.81
N ARG A 146 -4.62 -32.27 3.89
CA ARG A 146 -4.92 -33.69 3.68
C ARG A 146 -4.46 -34.55 4.85
N GLN A 147 -3.30 -34.23 5.45
CA GLN A 147 -2.74 -35.09 6.49
C GLN A 147 -3.62 -35.14 7.73
N TYR A 148 -4.45 -34.13 7.95
CA TYR A 148 -5.35 -34.08 9.09
C TYR A 148 -6.79 -34.48 8.79
N GLY A 149 -7.12 -34.79 7.53
CA GLY A 149 -8.49 -35.12 7.21
C GLY A 149 -8.99 -36.36 7.94
N ILE A 150 -8.11 -37.33 8.13
CA ILE A 150 -8.52 -38.59 8.76
C ILE A 150 -8.93 -38.34 10.22
N LYS A 151 -8.36 -37.33 10.87
CA LYS A 151 -8.79 -36.96 12.21
C LYS A 151 -10.10 -36.17 12.21
N MET A 152 -10.43 -35.50 11.10
CA MET A 152 -11.69 -34.77 11.01
C MET A 152 -12.86 -35.71 10.76
N VAL A 153 -12.65 -36.77 9.96
CA VAL A 153 -13.80 -37.53 9.48
C VAL A 153 -14.53 -38.23 10.63
N ASP A 154 -13.81 -38.60 11.70
CA ASP A 154 -14.45 -39.21 12.87
C ASP A 154 -14.49 -38.26 14.07
N TRP A 155 -14.24 -36.96 13.83
CA TRP A 155 -14.36 -35.91 14.85
C TRP A 155 -13.38 -36.13 16.01
N THR A 156 -12.27 -36.81 15.73
CA THR A 156 -11.12 -36.72 16.64
C THR A 156 -10.73 -35.26 16.80
N ILE A 157 -10.78 -34.52 15.70
CA ILE A 157 -10.86 -33.06 15.74
C ILE A 157 -12.35 -32.71 15.68
N PRO A 158 -12.94 -32.18 16.75
CA PRO A 158 -14.39 -31.98 16.75
C PRO A 158 -14.83 -30.74 16.00
N GLY A 159 -13.90 -29.84 15.70
CA GLY A 159 -14.25 -28.53 15.17
C GLY A 159 -12.99 -27.69 15.05
N GLU A 160 -13.19 -26.45 14.62
CA GLU A 160 -12.10 -25.53 14.33
C GLU A 160 -12.38 -24.19 14.97
N ALA A 161 -11.35 -23.58 15.53
CA ALA A 161 -11.46 -22.26 16.13
C ALA A 161 -10.54 -21.30 15.38
N ILE A 162 -11.11 -20.18 14.93
CA ILE A 162 -10.41 -19.10 14.25
C ILE A 162 -10.35 -17.98 15.27
N ILE A 163 -9.16 -17.72 15.82
CA ILE A 163 -8.99 -16.74 16.88
C ILE A 163 -8.29 -15.52 16.29
N ILE A 164 -8.97 -14.39 16.37
CA ILE A 164 -8.50 -13.15 15.76
C ILE A 164 -8.37 -12.09 16.85
N GLY A 165 -7.27 -11.36 16.82
CA GLY A 165 -7.08 -10.22 17.69
C GLY A 165 -6.21 -10.54 18.89
N ARG A 166 -6.65 -10.12 20.05
CA ARG A 166 -5.80 -10.11 21.24
C ARG A 166 -6.64 -10.47 22.44
N ALA A 167 -6.17 -11.46 23.20
CA ALA A 167 -6.79 -11.82 24.45
C ALA A 167 -6.56 -10.71 25.48
N LYS A 168 -7.41 -10.71 26.51
CA LYS A 168 -7.31 -9.68 27.54
C LYS A 168 -5.88 -9.52 28.00
N ASP A 169 -5.22 -10.66 28.26
CA ASP A 169 -3.82 -10.72 28.67
C ASP A 169 -3.27 -12.09 28.28
N SER A 170 -1.94 -12.21 28.38
CA SER A 170 -1.26 -13.44 28.00
C SER A 170 -1.86 -14.65 28.70
N LYS A 171 -2.14 -14.52 30.00
CA LYS A 171 -2.59 -15.65 30.80
C LYS A 171 -3.96 -16.15 30.34
N ALA A 172 -4.84 -15.22 29.93
CA ALA A 172 -6.15 -15.62 29.43
C ALA A 172 -6.03 -16.34 28.08
N ALA A 173 -5.09 -15.87 27.24
CA ALA A 173 -4.84 -16.53 25.98
C ALA A 173 -4.42 -17.97 26.21
N LYS A 174 -3.44 -18.16 27.10
CA LYS A 174 -3.01 -19.52 27.38
C LYS A 174 -4.15 -20.36 27.95
N LYS A 175 -5.02 -19.74 28.77
CA LYS A 175 -6.07 -20.55 29.37
C LYS A 175 -7.03 -21.08 28.32
N ILE A 176 -7.58 -20.20 27.48
CA ILE A 176 -8.57 -20.71 26.55
C ILE A 176 -7.93 -21.61 25.50
N VAL A 177 -6.68 -21.32 25.10
CA VAL A 177 -6.09 -22.15 24.07
C VAL A 177 -5.73 -23.52 24.63
N ASP A 178 -5.26 -23.59 25.87
CA ASP A 178 -5.02 -24.90 26.48
C ASP A 178 -6.33 -25.69 26.54
N ASP A 179 -7.43 -25.00 26.82
CA ASP A 179 -8.73 -25.65 26.87
C ASP A 179 -9.09 -26.23 25.51
N LEU A 180 -8.96 -25.41 24.46
CA LEU A 180 -9.34 -25.85 23.12
C LEU A 180 -8.46 -27.00 22.65
N MET A 181 -7.16 -26.93 22.92
CA MET A 181 -6.26 -28.00 22.51
C MET A 181 -6.56 -29.29 23.25
N GLY A 182 -6.99 -29.19 24.51
CA GLY A 182 -7.41 -30.38 25.23
C GLY A 182 -8.71 -30.95 24.71
N LYS A 183 -9.55 -30.11 24.10
CA LYS A 183 -10.75 -30.58 23.43
C LYS A 183 -10.49 -31.08 22.01
N GLY A 184 -9.29 -30.88 21.47
CA GLY A 184 -8.93 -31.42 20.19
C GLY A 184 -9.32 -30.58 19.00
N LEU A 185 -9.74 -29.32 19.21
CA LEU A 185 -10.10 -28.47 18.09
C LEU A 185 -8.88 -28.02 17.31
N MET A 186 -9.05 -27.90 16.00
CA MET A 186 -8.05 -27.33 15.13
C MET A 186 -8.09 -25.81 15.30
N LEU A 187 -6.92 -25.19 15.51
CA LEU A 187 -6.85 -23.77 15.77
C LEU A 187 -6.20 -23.02 14.61
N PHE A 188 -6.80 -21.90 14.26
CA PHE A 188 -6.19 -20.91 13.38
C PHE A 188 -6.05 -19.60 14.15
N LEU A 189 -4.85 -19.03 14.19
CA LEU A 189 -4.58 -17.87 15.03
C LEU A 189 -4.09 -16.69 14.21
N CYS A 190 -4.55 -15.49 14.60
CA CYS A 190 -4.19 -14.30 13.85
C CYS A 190 -4.05 -13.10 14.76
N ASP A 191 -3.01 -12.29 14.50
CA ASP A 191 -2.73 -11.04 15.19
C ASP A 191 -2.10 -11.29 16.56
N GLU A 192 -2.34 -10.41 17.52
CA GLU A 192 -1.44 -10.36 18.67
C GLU A 192 -1.58 -11.54 19.61
N ILE A 193 -2.63 -12.35 19.47
CA ILE A 193 -2.75 -13.50 20.37
C ILE A 193 -1.59 -14.48 20.18
N ILE A 194 -0.99 -14.50 18.99
CA ILE A 194 0.10 -15.45 18.74
C ILE A 194 1.27 -15.16 19.66
N GLU A 195 1.73 -13.91 19.67
CA GLU A 195 2.83 -13.53 20.55
C GLU A 195 2.45 -13.71 22.00
N GLN A 196 1.17 -13.53 22.33
CA GLN A 196 0.72 -13.79 23.69
C GLN A 196 0.92 -15.25 24.07
N LEU A 197 0.63 -16.17 23.13
CA LEU A 197 0.76 -17.58 23.46
C LEU A 197 2.21 -18.03 23.50
N LEU A 198 3.04 -17.51 22.59
CA LEU A 198 4.45 -17.85 22.60
C LEU A 198 5.13 -17.34 23.87
N GLU A 199 4.74 -16.15 24.33
CA GLU A 199 5.21 -15.54 25.59
C GLU A 199 4.86 -16.47 26.74
N GLU A 200 3.78 -17.23 26.61
CA GLU A 200 3.38 -18.17 27.65
C GLU A 200 3.85 -19.60 27.38
N ASN A 201 4.66 -19.82 26.34
CA ASN A 201 5.22 -21.12 26.03
C ASN A 201 4.17 -22.16 25.66
N VAL A 202 3.05 -21.73 25.08
CA VAL A 202 2.11 -22.68 24.49
C VAL A 202 2.71 -23.26 23.22
N LYS A 203 2.52 -24.55 23.00
CA LYS A 203 3.02 -25.17 21.79
C LYS A 203 2.15 -24.78 20.60
N LEU A 204 2.78 -24.34 19.51
CA LEU A 204 2.06 -23.89 18.33
C LEU A 204 2.83 -24.30 17.10
N GLY A 205 2.10 -24.55 16.02
CA GLY A 205 2.69 -24.89 14.75
C GLY A 205 1.93 -26.03 14.08
N VAL A 206 2.27 -26.35 12.83
CA VAL A 206 1.49 -27.34 12.10
C VAL A 206 1.48 -28.67 12.84
N ASP A 207 2.57 -29.01 13.53
CA ASP A 207 2.64 -30.31 14.17
C ASP A 207 1.68 -30.44 15.33
N TYR A 208 1.24 -29.32 15.91
CA TYR A 208 0.29 -29.31 17.01
C TYR A 208 -1.10 -28.90 16.57
N ILE A 209 -1.35 -28.85 15.27
CA ILE A 209 -2.67 -28.52 14.75
C ILE A 209 -3.13 -27.19 15.33
N ALA A 210 -2.21 -26.25 15.47
CA ALA A 210 -2.48 -24.93 16.03
C ALA A 210 -1.65 -23.97 15.17
N TYR A 211 -2.30 -23.36 14.17
CA TYR A 211 -1.59 -22.67 13.10
C TYR A 211 -1.47 -21.19 13.40
N PRO A 212 -0.27 -20.65 13.61
CA PRO A 212 -0.10 -19.19 13.70
C PRO A 212 -0.05 -18.59 12.30
N LEU A 213 -1.15 -18.03 11.82
CA LEU A 213 -1.21 -17.64 10.41
C LEU A 213 -0.36 -16.40 10.10
N GLY A 214 -0.26 -15.48 11.04
CA GLY A 214 0.29 -14.16 10.77
C GLY A 214 -0.59 -13.08 11.36
N ASN A 215 -0.70 -11.94 10.70
CA ASN A 215 -1.53 -10.84 11.18
C ASN A 215 -2.43 -10.36 10.05
N PHE A 216 -3.46 -9.59 10.39
CA PHE A 216 -4.19 -8.80 9.39
C PHE A 216 -4.74 -9.74 8.34
N THR A 217 -4.41 -9.56 7.06
CA THR A 217 -5.04 -10.33 5.99
C THR A 217 -4.64 -11.80 5.99
N GLN A 218 -3.61 -12.17 6.76
CA GLN A 218 -3.29 -13.59 6.89
C GLN A 218 -4.45 -14.37 7.49
N VAL A 219 -5.45 -13.67 8.04
CA VAL A 219 -6.63 -14.37 8.55
C VAL A 219 -7.27 -15.23 7.46
N VAL A 220 -7.13 -14.83 6.20
CA VAL A 220 -7.80 -15.55 5.12
C VAL A 220 -7.22 -16.94 4.89
N HIS A 221 -6.06 -17.24 5.49
CA HIS A 221 -5.51 -18.58 5.40
C HIS A 221 -6.26 -19.57 6.28
N ALA A 222 -7.10 -19.08 7.20
CA ALA A 222 -8.09 -19.98 7.75
C ALA A 222 -9.15 -20.31 6.69
N ALA A 223 -9.62 -19.29 5.98
CA ALA A 223 -10.72 -19.49 5.04
C ALA A 223 -10.30 -20.39 3.88
N ASN A 224 -9.17 -20.08 3.23
CA ASN A 224 -8.78 -20.91 2.10
C ASN A 224 -8.39 -22.31 2.56
N TYR A 225 -8.11 -22.51 3.86
CA TYR A 225 -7.95 -23.88 4.35
C TYR A 225 -9.31 -24.57 4.38
N ALA A 226 -10.30 -23.92 4.99
CA ALA A 226 -11.59 -24.56 5.18
C ALA A 226 -12.27 -24.88 3.85
N LEU A 227 -12.20 -23.94 2.90
CA LEU A 227 -12.87 -24.16 1.63
C LEU A 227 -12.22 -25.28 0.84
N ARG A 228 -10.92 -25.52 1.04
CA ARG A 228 -10.31 -26.62 0.32
C ARG A 228 -10.94 -27.95 0.72
N ALA A 229 -11.51 -28.03 1.93
CA ALA A 229 -12.13 -29.29 2.32
C ALA A 229 -13.19 -29.67 1.30
N GLY A 230 -14.07 -28.73 0.96
CA GLY A 230 -15.12 -29.08 0.03
C GLY A 230 -14.59 -29.30 -1.36
N LEU A 231 -13.54 -28.56 -1.74
CA LEU A 231 -12.96 -28.75 -3.04
C LEU A 231 -12.23 -30.09 -3.13
N MET A 232 -11.74 -30.59 -2.01
CA MET A 232 -10.92 -31.80 -2.06
C MET A 232 -11.83 -32.99 -1.82
N PHE A 233 -12.04 -33.28 -0.54
CA PHE A 233 -12.78 -34.47 -0.13
C PHE A 233 -14.21 -34.42 -0.65
N GLY A 234 -14.84 -33.24 -0.62
CA GLY A 234 -16.23 -33.13 -1.00
C GLY A 234 -16.47 -33.28 -2.48
N GLY A 235 -15.42 -33.11 -3.28
CA GLY A 235 -15.56 -33.20 -4.73
C GLY A 235 -16.47 -32.16 -5.33
N ILE A 236 -16.68 -31.05 -4.65
CA ILE A 236 -17.62 -30.04 -5.12
C ILE A 236 -16.96 -29.18 -6.18
N ALA A 237 -17.68 -28.95 -7.27
CA ALA A 237 -17.10 -28.27 -8.41
C ALA A 237 -16.72 -26.84 -8.02
N PRO A 238 -15.65 -26.31 -8.60
CA PRO A 238 -15.34 -24.90 -8.40
C PRO A 238 -16.50 -24.03 -8.89
N GLY A 239 -16.78 -22.97 -8.14
CA GLY A 239 -17.80 -22.02 -8.52
C GLY A 239 -19.21 -22.34 -8.09
N LEU A 240 -19.44 -23.51 -7.47
CA LEU A 240 -20.76 -23.86 -6.96
C LEU A 240 -20.89 -23.25 -5.58
N ARG A 241 -21.27 -21.97 -5.57
CA ARG A 241 -21.08 -21.13 -4.39
C ARG A 241 -21.90 -21.63 -3.21
N ASP A 242 -23.20 -21.84 -3.42
CA ASP A 242 -24.03 -22.29 -2.31
C ASP A 242 -23.75 -23.74 -1.93
N ALA A 243 -23.31 -24.57 -2.87
CA ALA A 243 -22.92 -25.93 -2.50
C ALA A 243 -21.72 -25.92 -1.57
N HIS A 244 -20.76 -25.03 -1.86
CA HIS A 244 -19.61 -24.90 -0.99
C HIS A 244 -19.99 -24.35 0.38
N ARG A 245 -20.87 -23.34 0.42
CA ARG A 245 -21.27 -22.81 1.72
C ARG A 245 -22.04 -23.86 2.53
N ASP A 246 -22.87 -24.66 1.86
CA ASP A 246 -23.61 -25.72 2.54
C ASP A 246 -22.67 -26.79 3.09
N TYR A 247 -21.64 -27.15 2.31
CA TYR A 247 -20.65 -28.11 2.80
C TYR A 247 -19.93 -27.55 4.03
N GLN A 248 -19.58 -26.27 4.00
CA GLN A 248 -18.89 -25.68 5.14
C GLN A 248 -19.80 -25.68 6.37
N ARG A 249 -21.04 -25.24 6.19
CA ARG A 249 -21.96 -25.17 7.32
C ARG A 249 -22.20 -26.54 7.93
N ARG A 250 -22.37 -27.55 7.12
CA ARG A 250 -22.75 -28.88 7.63
C ARG A 250 -21.54 -29.68 8.15
N ARG A 251 -20.35 -29.49 7.61
CA ARG A 251 -19.24 -30.38 7.92
C ARG A 251 -18.03 -29.71 8.53
N VAL A 252 -17.76 -28.44 8.20
CA VAL A 252 -16.64 -27.71 8.77
C VAL A 252 -17.17 -26.93 9.96
N LEU A 253 -17.05 -27.52 11.15
CA LEU A 253 -17.65 -26.98 12.38
C LEU A 253 -16.72 -25.92 12.98
N ALA A 254 -16.56 -24.83 12.23
CA ALA A 254 -15.71 -23.71 12.63
C ALA A 254 -16.50 -22.59 13.27
N PHE A 255 -15.83 -21.84 14.14
CA PHE A 255 -16.35 -20.60 14.69
C PHE A 255 -15.19 -19.63 14.86
N VAL A 256 -15.54 -18.35 15.00
CA VAL A 256 -14.55 -17.28 15.16
C VAL A 256 -14.62 -16.78 16.60
N LEU A 257 -13.47 -16.66 17.23
CA LEU A 257 -13.32 -15.92 18.48
C LEU A 257 -12.66 -14.59 18.16
N TYR A 258 -13.39 -13.50 18.37
CA TYR A 258 -13.00 -12.15 18.01
C TYR A 258 -12.59 -11.44 19.30
N LEU A 259 -11.31 -11.45 19.61
CA LEU A 259 -10.83 -10.90 20.85
C LEU A 259 -10.21 -9.53 20.73
N GLY A 260 -10.37 -8.68 21.72
CA GLY A 260 -9.82 -7.36 21.70
C GLY A 260 -10.69 -6.31 21.04
N GLU A 261 -10.12 -5.11 21.04
CA GLU A 261 -10.73 -3.98 20.48
C GLU A 261 -11.11 -4.23 19.02
N HIS A 262 -12.32 -3.92 18.62
CA HIS A 262 -12.72 -4.12 17.27
C HIS A 262 -12.15 -3.14 16.35
N ASP A 263 -12.03 -3.51 15.09
CA ASP A 263 -11.59 -2.64 14.02
C ASP A 263 -12.34 -2.97 12.77
N MET A 264 -12.43 -2.06 11.80
CA MET A 264 -13.38 -2.31 10.73
C MET A 264 -13.01 -3.54 9.91
N VAL A 265 -11.71 -3.72 9.62
CA VAL A 265 -11.33 -4.79 8.71
C VAL A 265 -11.49 -6.14 9.39
N LYS A 266 -11.15 -6.24 10.68
CA LYS A 266 -11.38 -7.48 11.39
C LYS A 266 -12.88 -7.80 11.43
N THR A 267 -13.72 -6.78 11.58
CA THR A 267 -15.16 -7.02 11.65
C THR A 267 -15.70 -7.49 10.30
N ALA A 268 -15.20 -6.91 9.21
CA ALA A 268 -15.64 -7.35 7.88
C ALA A 268 -15.16 -8.77 7.59
N ALA A 269 -13.96 -9.13 8.03
CA ALA A 269 -13.50 -10.50 7.86
C ALA A 269 -14.38 -11.47 8.66
N ALA A 270 -14.75 -11.08 9.88
CA ALA A 270 -15.63 -11.91 10.67
C ALA A 270 -16.98 -12.10 9.98
N MET A 271 -17.48 -11.04 9.35
CA MET A 271 -18.74 -11.16 8.63
C MET A 271 -18.60 -12.09 7.43
N GLY A 272 -17.41 -12.18 6.83
CA GLY A 272 -17.21 -13.20 5.80
C GLY A 272 -17.34 -14.61 6.36
N ALA A 273 -16.84 -14.79 7.58
CA ALA A 273 -17.07 -16.08 8.25
C ALA A 273 -18.57 -16.35 8.37
N ILE A 274 -19.32 -15.35 8.82
CA ILE A 274 -20.77 -15.53 8.95
C ILE A 274 -21.39 -15.83 7.60
N PHE A 275 -20.85 -15.23 6.55
CA PHE A 275 -21.38 -15.40 5.21
C PHE A 275 -21.34 -16.87 4.80
N THR A 276 -20.31 -17.59 5.23
CA THR A 276 -20.26 -19.01 4.89
C THR A 276 -20.75 -19.94 6.01
N GLY A 277 -21.40 -19.40 7.04
CA GLY A 277 -22.06 -20.20 8.05
C GLY A 277 -21.34 -20.39 9.37
N PHE A 278 -20.26 -19.65 9.63
CA PHE A 278 -19.53 -19.77 10.90
C PHE A 278 -19.91 -18.64 11.84
N PRO A 279 -20.37 -18.93 13.06
CA PRO A 279 -20.71 -17.85 14.01
C PRO A 279 -19.46 -17.17 14.58
N VAL A 280 -19.70 -15.96 15.11
CA VAL A 280 -18.67 -15.12 15.69
C VAL A 280 -19.00 -14.86 17.16
N ILE A 281 -18.05 -15.13 18.05
CA ILE A 281 -18.18 -14.89 19.48
C ILE A 281 -17.05 -13.96 19.87
N THR A 282 -17.38 -12.82 20.46
CA THR A 282 -16.40 -11.81 20.83
C THR A 282 -16.35 -11.64 22.35
N ASP A 283 -15.18 -11.25 22.86
CA ASP A 283 -15.04 -10.91 24.26
C ASP A 283 -15.44 -9.47 24.57
N GLN A 284 -15.67 -8.64 23.55
CA GLN A 284 -16.08 -7.26 23.72
C GLN A 284 -17.55 -7.15 24.13
N PRO A 285 -17.91 -6.15 24.93
CA PRO A 285 -19.33 -5.84 25.12
C PRO A 285 -19.92 -5.36 23.81
N LEU A 286 -21.18 -5.72 23.56
CA LEU A 286 -21.88 -5.32 22.37
C LEU A 286 -23.23 -4.62 22.63
N PRO A 287 -23.39 -3.39 22.16
CA PRO A 287 -24.71 -2.76 22.28
C PRO A 287 -25.67 -3.49 21.38
N GLU A 288 -26.98 -3.34 21.60
CA GLU A 288 -28.04 -4.08 20.88
C GLU A 288 -27.93 -3.83 19.38
N ASP A 289 -27.54 -2.65 18.94
CA ASP A 289 -27.37 -2.40 17.52
C ASP A 289 -26.04 -2.89 16.93
N LYS A 290 -25.22 -3.61 17.69
CA LYS A 290 -24.02 -4.19 17.13
C LYS A 290 -23.93 -5.71 17.36
N GLN A 291 -25.04 -6.42 17.34
CA GLN A 291 -25.03 -7.86 17.57
C GLN A 291 -26.08 -8.52 16.68
N ILE A 292 -25.91 -9.82 16.46
CA ILE A 292 -26.89 -10.65 15.78
C ILE A 292 -27.07 -11.92 16.58
N LYS A 293 -28.33 -12.28 16.85
CA LYS A 293 -28.57 -13.50 17.61
C LYS A 293 -27.95 -14.69 16.90
N ASP A 294 -27.21 -15.49 17.66
CA ASP A 294 -26.59 -16.73 17.21
C ASP A 294 -25.53 -16.55 16.12
N TRP A 295 -25.12 -15.31 15.81
CA TRP A 295 -24.18 -15.11 14.72
C TRP A 295 -23.06 -14.12 15.01
N PHE A 296 -23.29 -13.08 15.81
CA PHE A 296 -22.28 -12.09 16.18
C PHE A 296 -22.63 -11.71 17.61
N ILE A 297 -22.03 -12.42 18.58
CA ILE A 297 -22.48 -12.37 19.95
C ILE A 297 -21.31 -12.11 20.89
N SER A 298 -21.64 -11.63 22.08
CA SER A 298 -20.69 -11.26 23.11
C SER A 298 -20.71 -12.29 24.23
N GLU A 299 -19.52 -12.74 24.63
CA GLU A 299 -19.34 -13.52 25.87
C GLU A 299 -18.10 -12.96 26.57
N PRO A 300 -18.26 -11.86 27.31
CA PRO A 300 -17.07 -11.25 27.95
C PRO A 300 -16.36 -12.15 28.96
N ASP A 301 -17.04 -13.11 29.57
CA ASP A 301 -16.43 -13.93 30.61
C ASP A 301 -15.57 -15.03 29.98
N TYR A 302 -14.26 -14.94 30.18
CA TYR A 302 -13.36 -15.92 29.58
C TYR A 302 -13.57 -17.32 30.11
N ASP A 303 -14.20 -17.47 31.28
CA ASP A 303 -14.51 -18.79 31.80
C ASP A 303 -15.68 -19.46 31.08
N LYS A 304 -16.41 -18.74 30.24
CA LYS A 304 -17.54 -19.31 29.51
C LYS A 304 -17.39 -19.28 28.00
N ILE A 305 -16.47 -18.49 27.46
CA ILE A 305 -16.49 -18.17 26.04
C ILE A 305 -16.25 -19.40 25.18
N VAL A 306 -15.44 -20.36 25.67
CA VAL A 306 -15.22 -21.56 24.89
C VAL A 306 -16.50 -22.38 24.83
N GLN A 307 -17.12 -22.62 25.99
CA GLN A 307 -18.35 -23.39 26.00
C GLN A 307 -19.45 -22.68 25.22
N THR A 308 -19.50 -21.35 25.30
CA THR A 308 -20.50 -20.61 24.55
C THR A 308 -20.30 -20.78 23.05
N ALA A 309 -19.06 -20.71 22.58
CA ALA A 309 -18.81 -20.91 21.16
C ALA A 309 -19.16 -22.34 20.74
N LEU A 310 -18.80 -23.33 21.57
CA LEU A 310 -19.07 -24.71 21.20
C LEU A 310 -20.57 -24.98 21.14
N GLU A 311 -21.33 -24.39 22.07
CA GLU A 311 -22.76 -24.60 22.09
C GLU A 311 -23.43 -23.90 20.91
N VAL A 312 -23.03 -22.66 20.62
CA VAL A 312 -23.67 -21.97 19.50
C VAL A 312 -23.32 -22.66 18.18
N ARG A 313 -22.10 -23.22 18.06
CA ARG A 313 -21.78 -23.91 16.82
C ARG A 313 -22.42 -25.29 16.74
N GLY A 314 -22.82 -25.87 17.87
CA GLY A 314 -23.27 -27.24 17.89
C GLY A 314 -22.20 -28.29 18.04
N ILE A 315 -21.04 -27.96 18.61
CA ILE A 315 -19.99 -28.94 18.86
C ILE A 315 -20.18 -29.56 20.24
N LYS A 316 -20.26 -30.89 20.29
CA LYS A 316 -20.35 -31.65 21.53
C LYS A 316 -19.04 -32.42 21.75
N ILE A 317 -18.45 -32.25 22.94
CA ILE A 317 -17.15 -32.83 23.25
C ILE A 317 -17.33 -34.02 24.18
N THR A 318 -16.68 -35.13 23.86
CA THR A 318 -16.56 -36.28 24.75
C THR A 318 -15.22 -36.21 25.49
N SER A 319 -15.26 -36.21 26.82
CA SER A 319 -14.08 -36.11 27.65
C SER A 319 -14.02 -37.31 28.59
N ILE A 320 -12.78 -37.75 28.88
CA ILE A 320 -12.52 -38.87 29.82
C ILE A 320 -12.82 -38.35 31.23
N ASP A 321 -12.53 -37.09 31.50
CA ASP A 321 -12.82 -36.49 32.81
C ASP A 321 -12.17 -37.28 33.94
N ILE A 322 -10.91 -37.62 33.74
CA ILE A 322 -10.01 -38.12 34.80
C ILE A 322 -9.10 -36.92 35.05
N ASP A 323 -8.67 -36.73 36.27
CA ASP A 323 -7.81 -35.59 36.57
C ASP A 323 -6.37 -35.99 36.34
N LEU A 324 -5.93 -35.69 35.11
CA LEU A 324 -4.52 -35.87 34.81
C LEU A 324 -3.78 -34.56 35.06
N PRO A 325 -2.53 -34.63 35.54
CA PRO A 325 -1.74 -33.39 35.71
C PRO A 325 -1.34 -32.72 34.41
N ILE A 326 -1.43 -33.39 33.27
CA ILE A 326 -1.00 -32.85 31.98
C ILE A 326 -2.21 -32.74 31.06
N ASN A 327 -2.11 -31.85 30.07
CA ASN A 327 -3.09 -31.74 29.00
C ASN A 327 -3.05 -32.97 28.10
N PHE A 328 -4.17 -33.24 27.44
CA PHE A 328 -4.30 -34.42 26.58
C PHE A 328 -5.17 -34.10 25.37
N GLY A 329 -4.71 -34.52 24.20
CA GLY A 329 -5.46 -34.33 22.97
C GLY A 329 -4.64 -34.47 21.71
N PRO A 330 -5.33 -34.48 20.56
CA PRO A 330 -4.64 -34.75 19.28
C PRO A 330 -3.53 -33.75 18.99
N ALA A 331 -3.65 -32.50 19.48
CA ALA A 331 -2.62 -31.51 19.17
C ALA A 331 -1.26 -31.98 19.64
N PHE A 332 -1.21 -32.79 20.70
CA PHE A 332 0.07 -33.21 21.25
C PHE A 332 0.56 -34.52 20.63
N GLU A 333 -0.24 -35.16 19.77
CA GLU A 333 0.22 -36.43 19.20
C GLU A 333 1.52 -36.23 18.43
N GLY A 334 1.67 -35.09 17.77
CA GLY A 334 2.79 -34.85 16.88
C GLY A 334 4.02 -34.28 17.52
N GLU A 335 4.01 -34.09 18.83
CA GLU A 335 5.14 -33.44 19.47
C GLU A 335 6.37 -34.34 19.43
N SER A 336 7.53 -33.69 19.51
CA SER A 336 8.80 -34.36 19.77
C SER A 336 9.33 -33.86 21.11
N ILE A 337 9.95 -34.77 21.87
CA ILE A 337 10.61 -34.42 23.13
C ILE A 337 12.10 -34.51 22.87
N ARG A 338 12.79 -33.38 22.78
CA ARG A 338 14.22 -33.33 22.51
C ARG A 338 14.95 -33.80 23.77
N LYS A 339 16.16 -34.22 23.59
CA LYS A 339 16.96 -34.75 24.70
C LYS A 339 17.05 -33.75 25.85
N GLY A 340 17.21 -32.47 25.52
CA GLY A 340 17.35 -31.47 26.55
C GLY A 340 16.08 -31.21 27.32
N ASP A 341 14.94 -31.63 26.78
CA ASP A 341 13.64 -31.47 27.42
C ASP A 341 13.13 -32.75 28.05
N MET A 342 13.87 -33.85 27.88
CA MET A 342 13.43 -35.17 28.30
C MET A 342 13.74 -35.39 29.78
N HIS A 343 12.72 -35.77 30.54
CA HIS A 343 13.00 -36.15 31.91
C HIS A 343 13.38 -37.63 32.04
N VAL A 344 12.65 -38.52 31.36
CA VAL A 344 12.99 -39.93 31.41
C VAL A 344 12.56 -40.62 30.13
N GLU A 345 13.25 -41.71 29.81
CA GLU A 345 12.90 -42.51 28.63
C GLU A 345 12.97 -43.99 28.98
N PHE A 346 12.27 -44.79 28.17
CA PHE A 346 12.14 -46.23 28.33
C PHE A 346 12.20 -46.89 26.96
N GLY A 347 12.71 -48.11 26.85
CA GLY A 347 12.71 -48.81 25.56
C GLY A 347 13.69 -48.17 24.58
N GLY A 348 13.39 -48.23 23.28
CA GLY A 348 14.22 -47.60 22.23
C GLY A 348 15.64 -48.06 22.12
N GLY A 349 15.95 -49.27 22.56
CA GLY A 349 17.30 -49.83 22.56
C GLY A 349 18.16 -49.34 23.72
N LYS A 350 17.62 -48.54 24.66
CA LYS A 350 18.35 -48.03 25.84
C LYS A 350 18.06 -48.95 27.04
N THR A 351 16.82 -49.27 27.28
CA THR A 351 16.45 -50.19 28.34
C THR A 351 15.47 -51.16 27.71
N PRO A 352 15.16 -52.51 28.24
CA PRO A 352 14.11 -53.41 27.76
C PRO A 352 12.74 -52.80 27.98
N SER A 353 11.84 -53.08 27.03
CA SER A 353 10.48 -52.55 27.08
C SER A 353 9.60 -53.46 26.24
N PHE A 354 8.32 -53.48 26.58
CA PHE A 354 7.28 -54.13 25.79
C PHE A 354 5.95 -53.54 26.22
N GLU A 355 4.93 -53.76 25.39
CA GLU A 355 3.55 -53.42 25.75
C GLU A 355 2.68 -54.59 25.34
N LEU A 356 1.63 -54.85 26.11
CA LEU A 356 0.81 -56.03 25.82
C LEU A 356 -0.61 -55.85 26.33
N VAL A 357 -1.57 -56.12 25.45
CA VAL A 357 -2.98 -56.26 25.82
C VAL A 357 -3.30 -57.74 25.79
N ARG A 358 -4.05 -58.21 26.80
CA ARG A 358 -4.43 -59.60 26.77
C ARG A 358 -5.81 -59.80 27.39
N MET A 359 -6.59 -60.66 26.77
CA MET A 359 -7.88 -61.07 27.32
C MET A 359 -7.67 -61.95 28.54
N VAL A 360 -8.53 -61.76 29.54
CA VAL A 360 -8.52 -62.59 30.75
C VAL A 360 -9.97 -62.82 31.19
N GLY A 361 -10.15 -63.79 32.08
CA GLY A 361 -11.45 -64.15 32.59
C GLY A 361 -11.92 -63.24 33.70
N PRO A 362 -13.19 -63.42 34.07
CA PRO A 362 -13.78 -62.54 35.10
C PRO A 362 -13.08 -62.59 36.45
N ASP A 363 -12.54 -63.75 36.84
CA ASP A 363 -11.98 -63.93 38.17
C ASP A 363 -10.59 -63.32 38.27
N GLU A 364 -9.99 -63.04 37.12
CA GLU A 364 -8.55 -62.74 36.97
C GLU A 364 -8.26 -61.24 37.10
N ILE A 365 -9.22 -60.38 37.40
CA ILE A 365 -8.99 -58.96 37.22
C ILE A 365 -9.78 -58.11 38.21
N GLU A 366 -9.11 -57.08 38.71
CA GLU A 366 -9.70 -56.07 39.58
C GLU A 366 -9.92 -54.84 38.72
N ASP A 367 -11.16 -54.60 38.29
CA ASP A 367 -11.41 -53.50 37.38
C ASP A 367 -10.92 -52.21 38.01
N GLY A 368 -10.23 -51.40 37.21
CA GLY A 368 -9.76 -50.11 37.68
C GLY A 368 -8.47 -50.14 38.48
N LYS A 369 -7.90 -51.32 38.75
CA LYS A 369 -6.65 -51.36 39.50
C LYS A 369 -5.52 -50.93 38.57
N VAL A 370 -4.88 -49.80 38.88
CA VAL A 370 -3.73 -49.31 38.14
C VAL A 370 -2.54 -49.35 39.08
N GLU A 371 -1.51 -50.12 38.73
CA GLU A 371 -0.41 -50.35 39.66
C GLU A 371 0.95 -50.26 38.97
N VAL A 372 1.85 -49.49 39.58
CA VAL A 372 3.25 -49.43 39.18
C VAL A 372 4.06 -50.34 40.10
N ILE A 373 4.83 -51.24 39.51
CA ILE A 373 5.61 -52.23 40.23
C ILE A 373 7.08 -52.01 39.86
N GLY A 374 7.83 -51.44 40.79
CA GLY A 374 9.18 -50.99 40.52
C GLY A 374 9.29 -49.51 40.77
N PRO A 375 10.50 -48.96 40.64
CA PRO A 375 10.68 -47.53 40.84
C PRO A 375 9.92 -46.70 39.82
N ASP A 376 9.47 -45.53 40.26
CA ASP A 376 8.81 -44.57 39.39
C ASP A 376 9.84 -43.57 38.87
N ILE A 377 9.35 -42.59 38.08
CA ILE A 377 10.25 -41.72 37.32
C ILE A 377 10.88 -40.64 38.18
N ASP A 378 10.43 -40.47 39.42
CA ASP A 378 11.13 -39.59 40.35
C ASP A 378 12.38 -40.24 40.90
N SER A 379 12.64 -41.49 40.53
CA SER A 379 13.82 -42.22 40.98
C SER A 379 15.05 -41.99 40.11
N VAL A 380 14.93 -41.27 38.99
CA VAL A 380 16.07 -41.07 38.11
C VAL A 380 16.39 -39.59 38.04
N GLU A 381 17.66 -39.29 37.75
CA GLU A 381 18.04 -37.94 37.42
C GLU A 381 17.45 -37.56 36.06
N PRO A 382 17.20 -36.28 35.82
CA PRO A 382 16.67 -35.88 34.51
C PRO A 382 17.61 -36.31 33.39
N GLY A 383 17.00 -36.79 32.31
CA GLY A 383 17.73 -37.46 31.25
C GLY A 383 17.95 -38.94 31.46
N GLY A 384 17.43 -39.51 32.53
CA GLY A 384 17.66 -40.91 32.86
C GLY A 384 16.73 -41.86 32.13
N ARG A 385 16.80 -43.12 32.55
CA ARG A 385 16.14 -44.20 31.84
C ARG A 385 15.68 -45.27 32.81
N LEU A 386 14.60 -45.96 32.44
CA LEU A 386 14.08 -47.10 33.17
C LEU A 386 13.59 -48.14 32.19
N PRO A 387 13.58 -49.41 32.61
CA PRO A 387 12.80 -50.40 31.86
C PRO A 387 11.32 -50.08 31.96
N ILE A 388 10.53 -50.60 31.04
CA ILE A 388 9.09 -50.48 31.18
C ILE A 388 8.40 -51.67 30.52
N GLY A 389 7.46 -52.27 31.23
CA GLY A 389 6.63 -53.31 30.68
C GLY A 389 5.19 -52.95 31.03
N ILE A 390 4.35 -52.76 30.02
CA ILE A 390 2.97 -52.34 30.23
C ILE A 390 2.07 -53.52 29.92
N VAL A 391 1.29 -53.96 30.90
CA VAL A 391 0.35 -55.07 30.71
C VAL A 391 -1.06 -54.55 30.98
N VAL A 392 -1.89 -54.61 29.95
CA VAL A 392 -3.29 -54.20 30.02
C VAL A 392 -4.12 -55.47 29.93
N ASP A 393 -4.65 -55.92 31.07
CA ASP A 393 -5.56 -57.06 31.12
C ASP A 393 -6.98 -56.58 30.92
N ILE A 394 -7.74 -57.32 30.11
CA ILE A 394 -9.10 -56.96 29.75
C ILE A 394 -10.01 -58.16 29.94
N TYR A 395 -11.11 -57.95 30.66
CA TYR A 395 -12.22 -58.89 30.63
C TYR A 395 -13.47 -58.26 30.03
N GLY A 396 -14.18 -59.04 29.23
CA GLY A 396 -15.53 -58.68 28.81
C GLY A 396 -16.26 -59.88 28.28
N ARG A 397 -17.63 -59.91 28.38
CA ARG A 397 -18.54 -60.95 27.88
C ARG A 397 -18.33 -60.95 26.39
N LYS A 398 -18.21 -59.79 25.75
CA LYS A 398 -18.03 -59.84 24.29
C LYS A 398 -16.56 -59.67 23.83
N MET A 399 -15.63 -59.85 24.75
CA MET A 399 -14.20 -59.69 24.45
C MET A 399 -13.81 -60.91 23.61
N GLN A 400 -12.90 -60.76 22.67
CA GLN A 400 -12.38 -61.85 21.87
C GLN A 400 -10.87 -61.78 21.85
N GLU A 401 -10.22 -62.93 21.72
CA GLU A 401 -8.76 -62.90 21.62
C GLU A 401 -8.33 -62.10 20.41
N ASP A 402 -9.19 -62.11 19.37
N ASP A 402 -9.12 -62.13 19.33
CA ASP A 402 -8.95 -61.40 18.12
CA ASP A 402 -8.73 -61.39 18.13
C ASP A 402 -8.74 -59.91 18.36
C ASP A 402 -8.68 -59.89 18.37
N PHE A 403 -9.42 -59.37 19.36
CA PHE A 403 -9.41 -57.95 19.61
C PHE A 403 -8.11 -57.52 20.25
N GLU A 404 -7.34 -58.45 20.83
CA GLU A 404 -6.15 -58.03 21.56
C GLU A 404 -5.21 -57.18 20.71
N PRO A 405 -4.79 -57.61 19.52
CA PRO A 405 -3.88 -56.75 18.74
C PRO A 405 -4.51 -55.39 18.41
N VAL A 406 -5.81 -55.36 18.14
CA VAL A 406 -6.47 -54.11 17.80
C VAL A 406 -6.36 -53.12 18.95
N LEU A 407 -6.77 -53.56 20.14
CA LEU A 407 -6.68 -52.68 21.30
C LEU A 407 -5.24 -52.29 21.58
N GLU A 408 -4.29 -53.21 21.34
CA GLU A 408 -2.91 -52.87 21.66
C GLU A 408 -2.44 -51.69 20.81
N ARG A 409 -2.97 -51.57 19.59
CA ARG A 409 -2.52 -50.47 18.74
C ARG A 409 -2.79 -49.13 19.41
N ARG A 410 -3.87 -49.06 20.18
CA ARG A 410 -4.30 -47.78 20.73
C ARG A 410 -3.30 -47.23 21.72
N ILE A 411 -2.46 -48.09 22.33
CA ILE A 411 -1.58 -47.56 23.35
C ILE A 411 -0.72 -46.45 22.76
N HIS A 412 -0.24 -46.66 21.53
CA HIS A 412 0.57 -45.63 20.86
C HIS A 412 -0.16 -44.29 20.90
N TYR A 413 -1.37 -44.26 20.36
CA TYR A 413 -2.10 -43.01 20.28
C TYR A 413 -2.44 -42.52 21.67
N PHE A 414 -2.88 -43.42 22.56
CA PHE A 414 -3.29 -42.94 23.87
C PHE A 414 -2.12 -42.23 24.53
N THR A 415 -0.91 -42.75 24.32
CA THR A 415 0.24 -42.18 25.01
C THR A 415 0.61 -40.84 24.37
N ASN A 416 0.59 -40.79 23.05
CA ASN A 416 1.08 -39.61 22.36
C ASN A 416 0.19 -38.41 22.53
N TYR A 417 -1.10 -38.63 22.79
CA TYR A 417 -2.00 -37.50 23.02
C TYR A 417 -1.67 -36.78 24.33
N GLY A 418 -0.96 -37.41 25.25
CA GLY A 418 -0.53 -36.70 26.46
C GLY A 418 0.51 -35.65 26.11
N GLU A 419 0.32 -34.43 26.62
CA GLU A 419 1.34 -33.40 26.47
C GLU A 419 2.56 -33.74 27.31
N GLY A 420 3.69 -33.93 26.66
CA GLY A 420 4.87 -34.38 27.37
C GLY A 420 4.98 -35.88 27.51
N PHE A 421 4.03 -36.63 26.95
CA PHE A 421 4.12 -38.07 26.79
C PHE A 421 4.38 -38.38 25.33
N TRP A 422 5.27 -39.33 25.05
CA TRP A 422 5.62 -39.63 23.66
C TRP A 422 5.87 -41.13 23.53
N HIS A 423 5.50 -41.68 22.39
CA HIS A 423 5.50 -43.11 22.14
C HIS A 423 5.80 -43.34 20.66
N THR A 424 6.65 -44.32 20.39
CA THR A 424 6.83 -44.80 19.03
C THR A 424 7.03 -46.30 19.04
N ALA A 425 6.79 -46.88 17.86
CA ALA A 425 6.89 -48.32 17.58
C ALA A 425 5.80 -49.12 18.28
N GLN A 426 6.12 -50.35 18.68
CA GLN A 426 5.09 -51.30 19.08
C GLN A 426 5.76 -52.50 19.77
N ARG A 427 4.92 -53.31 20.40
CA ARG A 427 5.29 -54.62 20.97
C ARG A 427 6.53 -54.46 21.85
N ASP A 428 7.60 -55.23 21.61
CA ASP A 428 8.81 -55.14 22.42
C ASP A 428 9.85 -54.20 21.82
N LEU A 429 9.45 -53.36 20.87
CA LEU A 429 10.32 -52.37 20.26
C LEU A 429 9.89 -50.94 20.60
N THR A 430 9.05 -50.79 21.62
CA THR A 430 8.52 -49.49 21.96
C THR A 430 9.63 -48.57 22.45
N TRP A 431 9.43 -47.27 22.27
CA TRP A 431 10.29 -46.25 22.85
C TRP A 431 9.37 -45.17 23.41
N VAL A 432 9.47 -44.92 24.71
CA VAL A 432 8.61 -43.96 25.39
C VAL A 432 9.46 -42.88 26.03
N ARG A 433 8.96 -41.66 25.99
CA ARG A 433 9.64 -40.54 26.58
C ARG A 433 8.66 -39.68 27.35
N ILE A 434 9.15 -39.06 28.42
CA ILE A 434 8.39 -38.15 29.25
C ILE A 434 9.23 -36.91 29.46
N SER A 435 8.61 -35.74 29.22
CA SER A 435 9.24 -34.43 29.24
C SER A 435 9.48 -33.95 30.66
N LYS A 436 10.46 -33.06 30.80
CA LYS A 436 10.67 -32.40 32.08
C LYS A 436 9.48 -31.56 32.50
N GLU A 437 8.77 -30.95 31.55
CA GLU A 437 7.59 -30.15 31.89
C GLU A 437 6.49 -31.03 32.47
N ALA A 438 6.27 -32.20 31.87
CA ALA A 438 5.26 -33.11 32.39
C ALA A 438 5.64 -33.60 33.77
N PHE A 439 6.91 -33.92 33.98
CA PHE A 439 7.35 -34.31 35.31
C PHE A 439 7.13 -33.20 36.32
N ALA A 440 7.43 -31.95 35.92
CA ALA A 440 7.28 -30.84 36.84
C ALA A 440 5.84 -30.63 37.23
N LYS A 441 4.90 -30.97 36.35
CA LYS A 441 3.49 -30.86 36.64
C LYS A 441 2.97 -31.98 37.54
N GLY A 442 3.79 -32.97 37.85
CA GLY A 442 3.40 -34.08 38.68
C GLY A 442 3.09 -35.37 37.96
N ALA A 443 3.34 -35.47 36.66
CA ALA A 443 3.08 -36.72 35.96
C ALA A 443 3.98 -37.82 36.49
N ARG A 444 3.39 -38.99 36.71
CA ARG A 444 4.06 -40.19 37.18
C ARG A 444 3.45 -41.36 36.42
N LEU A 445 4.07 -42.54 36.53
CA LEU A 445 3.65 -43.67 35.70
C LEU A 445 2.21 -44.07 36.00
N LYS A 446 1.74 -43.81 37.22
CA LYS A 446 0.35 -44.09 37.54
C LYS A 446 -0.59 -43.31 36.64
N HIS A 447 -0.21 -42.08 36.26
CA HIS A 447 -1.07 -41.29 35.39
C HIS A 447 -1.11 -41.87 33.99
N LEU A 448 0.00 -42.43 33.51
CA LEU A 448 -0.04 -43.12 32.23
C LEU A 448 -0.96 -44.33 32.30
N GLY A 449 -0.91 -45.07 33.40
CA GLY A 449 -1.78 -46.23 33.53
C GLY A 449 -3.24 -45.83 33.62
N GLN A 450 -3.53 -44.75 34.34
CA GLN A 450 -4.90 -44.26 34.45
C GLN A 450 -5.42 -43.79 33.11
N LEU A 451 -4.57 -43.13 32.33
CA LEU A 451 -4.98 -42.66 31.01
C LEU A 451 -5.34 -43.85 30.12
N LEU A 452 -4.50 -44.89 30.13
CA LEU A 452 -4.81 -46.06 29.33
C LEU A 452 -6.13 -46.70 29.77
N TYR A 453 -6.35 -46.84 31.08
CA TYR A 453 -7.59 -47.43 31.56
C TYR A 453 -8.81 -46.65 31.07
N ALA A 454 -8.82 -45.34 31.33
CA ALA A 454 -10.00 -44.55 31.00
C ALA A 454 -10.24 -44.55 29.50
N LYS A 455 -9.17 -44.47 28.71
CA LYS A 455 -9.36 -44.40 27.26
C LYS A 455 -9.86 -45.73 26.70
N PHE A 456 -9.37 -46.85 27.23
CA PHE A 456 -9.88 -48.13 26.76
C PHE A 456 -11.34 -48.30 27.10
N LYS A 457 -11.75 -47.84 28.30
CA LYS A 457 -13.15 -47.93 28.68
C LYS A 457 -14.02 -47.04 27.82
N GLN A 458 -13.54 -45.83 27.51
CA GLN A 458 -14.34 -44.90 26.73
C GLN A 458 -14.50 -45.37 25.30
N GLU A 459 -13.43 -45.90 24.70
CA GLU A 459 -13.48 -46.22 23.28
C GLU A 459 -14.12 -47.56 22.98
N PHE A 460 -14.14 -48.49 23.93
CA PHE A 460 -14.64 -49.85 23.67
C PHE A 460 -15.65 -50.26 24.73
N PRO A 461 -16.69 -49.45 24.95
CA PRO A 461 -17.65 -49.77 26.03
C PRO A 461 -18.32 -51.13 25.87
N SER A 462 -18.54 -51.60 24.63
CA SER A 462 -19.34 -52.79 24.43
C SER A 462 -18.56 -54.10 24.57
N ILE A 463 -17.24 -54.05 24.55
CA ILE A 463 -16.43 -55.26 24.72
C ILE A 463 -15.53 -55.21 25.94
N VAL A 464 -15.31 -54.06 26.54
CA VAL A 464 -14.48 -53.91 27.73
C VAL A 464 -15.42 -53.76 28.92
N ASP A 465 -15.41 -54.75 29.81
CA ASP A 465 -16.15 -54.70 31.05
C ASP A 465 -15.27 -54.42 32.27
N ARG A 466 -14.08 -55.03 32.32
CA ARG A 466 -13.11 -54.76 33.36
C ARG A 466 -11.75 -54.55 32.71
N VAL A 467 -10.98 -53.61 33.24
CA VAL A 467 -9.64 -53.34 32.73
C VAL A 467 -8.70 -53.15 33.90
N GLN A 468 -7.53 -53.79 33.83
CA GLN A 468 -6.47 -53.62 34.80
C GLN A 468 -5.19 -53.25 34.07
N VAL A 469 -4.42 -52.33 34.64
CA VAL A 469 -3.20 -51.84 34.01
C VAL A 469 -2.06 -51.95 35.01
N THR A 470 -1.01 -52.66 34.62
CA THR A 470 0.18 -52.82 35.44
C THR A 470 1.41 -52.37 34.67
N ILE A 471 2.23 -51.54 35.30
CA ILE A 471 3.44 -51.02 34.70
C ILE A 471 4.63 -51.48 35.53
N TYR A 472 5.49 -52.30 34.93
CA TYR A 472 6.66 -52.88 35.59
C TYR A 472 7.91 -52.10 35.18
N THR A 473 8.76 -51.77 36.16
CA THR A 473 10.00 -51.09 35.88
C THR A 473 11.27 -51.79 36.38
N ASP A 474 11.16 -52.99 36.98
CA ASP A 474 12.34 -53.77 37.32
C ASP A 474 12.91 -54.44 36.07
N GLU A 475 14.22 -54.32 35.87
CA GLU A 475 14.82 -54.77 34.61
C GLU A 475 14.64 -56.26 34.41
N GLN A 476 14.89 -57.05 35.46
CA GLN A 476 14.82 -58.49 35.25
C GLN A 476 13.36 -58.94 35.18
N LYS A 477 12.45 -58.24 35.86
CA LYS A 477 11.04 -58.56 35.72
C LYS A 477 10.51 -58.21 34.33
N VAL A 478 10.94 -57.07 33.78
CA VAL A 478 10.51 -56.73 32.43
C VAL A 478 11.04 -57.74 31.45
N LEU A 479 12.30 -58.16 31.61
CA LEU A 479 12.84 -59.16 30.70
C LEU A 479 12.08 -60.48 30.80
N GLU A 480 11.63 -60.85 32.01
CA GLU A 480 10.88 -62.09 32.14
C GLU A 480 9.51 -61.98 31.47
N LEU A 481 8.78 -60.89 31.72
CA LEU A 481 7.45 -60.73 31.15
C LEU A 481 7.48 -60.53 29.64
N ARG A 482 8.58 -59.99 29.12
CA ARG A 482 8.70 -59.79 27.68
C ARG A 482 8.61 -61.10 26.92
N GLU A 483 9.06 -62.22 27.52
CA GLU A 483 8.94 -63.51 26.83
C GLU A 483 7.50 -63.96 26.69
N ILE A 484 6.67 -63.70 27.71
CA ILE A 484 5.24 -63.99 27.59
C ILE A 484 4.62 -63.13 26.49
N ALA A 485 4.98 -61.85 26.49
CA ALA A 485 4.48 -60.97 25.45
C ALA A 485 4.89 -61.48 24.06
N ARG A 486 6.15 -61.89 23.93
CA ARG A 486 6.65 -62.38 22.64
C ARG A 486 5.91 -63.63 22.20
N LYS A 487 5.48 -64.47 23.14
CA LYS A 487 4.65 -65.60 22.76
C LYS A 487 3.33 -65.12 22.14
N LYS A 488 2.72 -64.12 22.76
CA LYS A 488 1.48 -63.58 22.16
C LYS A 488 1.74 -62.97 20.79
N TYR A 489 2.87 -62.26 20.64
CA TYR A 489 3.17 -61.62 19.37
C TYR A 489 3.36 -62.67 18.26
N ALA A 490 3.97 -63.81 18.61
CA ALA A 490 4.18 -64.85 17.61
C ALA A 490 2.87 -65.52 17.22
N GLU A 491 1.97 -65.72 18.19
CA GLU A 491 0.64 -66.25 17.83
C GLU A 491 -0.07 -65.31 16.86
N ARG A 492 0.06 -64.01 17.11
CA ARG A 492 -0.59 -63.05 16.22
C ARG A 492 0.02 -63.07 14.82
N ASP A 493 1.35 -63.19 14.75
CA ASP A 493 2.00 -63.24 13.44
C ASP A 493 1.56 -64.47 12.67
N ALA A 494 1.36 -65.61 13.35
CA ALA A 494 0.91 -66.80 12.63
C ALA A 494 -0.51 -66.61 12.09
N ARG A 495 -1.40 -66.04 12.90
CA ARG A 495 -2.76 -65.79 12.41
C ARG A 495 -2.72 -64.89 11.19
N LEU A 496 -1.87 -63.86 11.22
CA LEU A 496 -1.75 -62.99 10.05
C LEU A 496 -1.24 -63.77 8.84
N ARG A 497 -0.31 -64.69 9.07
CA ARG A 497 0.25 -65.47 7.97
C ARG A 497 -0.80 -66.33 7.30
N GLU A 498 -1.85 -66.71 8.02
CA GLU A 498 -2.86 -67.56 7.37
C GLU A 498 -3.74 -66.81 6.35
N LEU A 499 -3.68 -65.47 6.29
CA LEU A 499 -4.61 -64.70 5.48
C LEU A 499 -4.09 -64.42 4.08
N SER A 500 -5.02 -64.39 3.12
CA SER A 500 -4.75 -64.04 1.73
C SER A 500 -6.07 -63.67 1.08
N ASP A 501 -5.99 -63.02 -0.07
CA ASP A 501 -7.23 -62.61 -0.74
C ASP A 501 -8.08 -63.82 -1.10
N GLU A 502 -7.42 -64.92 -1.45
CA GLU A 502 -8.14 -66.13 -1.85
C GLU A 502 -8.71 -66.89 -0.66
N ALA A 503 -7.99 -66.93 0.46
CA ALA A 503 -8.36 -67.79 1.57
C ALA A 503 -9.50 -67.26 2.43
N VAL A 504 -9.84 -65.98 2.33
CA VAL A 504 -10.96 -65.41 3.09
C VAL A 504 -12.12 -65.25 2.13
N ASP A 505 -13.35 -65.47 2.61
CA ASP A 505 -14.53 -65.36 1.76
C ASP A 505 -15.25 -64.02 1.90
N THR A 506 -14.74 -63.10 2.71
CA THR A 506 -15.43 -61.85 3.00
C THR A 506 -14.41 -60.72 3.04
N TYR A 507 -14.64 -59.67 2.25
CA TYR A 507 -13.88 -58.42 2.34
C TYR A 507 -14.71 -57.41 3.12
N TYR A 508 -14.10 -56.29 3.51
CA TYR A 508 -14.84 -55.33 4.34
C TYR A 508 -14.87 -53.95 3.73
N SER A 509 -16.01 -53.27 3.81
CA SER A 509 -16.15 -51.88 3.38
C SER A 509 -15.54 -50.98 4.46
N CYS A 510 -15.19 -49.78 4.06
CA CYS A 510 -14.90 -48.73 5.03
C CYS A 510 -15.59 -47.47 4.51
N LEU A 511 -16.55 -46.94 5.24
CA LEU A 511 -17.27 -45.72 4.90
C LEU A 511 -16.92 -44.57 5.86
N LEU A 512 -15.85 -44.70 6.65
CA LEU A 512 -15.60 -43.69 7.70
C LEU A 512 -15.43 -42.31 7.09
N CYS A 513 -14.84 -42.21 5.90
CA CYS A 513 -14.55 -40.92 5.30
C CYS A 513 -15.74 -40.30 4.57
N GLN A 514 -16.88 -40.98 4.53
CA GLN A 514 -18.07 -40.42 3.90
C GLN A 514 -18.62 -39.22 4.65
N SER A 515 -18.15 -38.99 5.88
CA SER A 515 -18.41 -37.76 6.59
C SER A 515 -18.03 -36.54 5.75
N PHE A 516 -16.95 -36.64 4.96
CA PHE A 516 -16.49 -35.53 4.13
C PHE A 516 -16.44 -35.87 2.64
N ALA A 517 -16.53 -37.14 2.27
CA ALA A 517 -16.41 -37.60 0.89
C ALA A 517 -17.59 -38.52 0.62
N PRO A 518 -18.77 -37.94 0.40
CA PRO A 518 -20.00 -38.76 0.45
C PRO A 518 -20.06 -39.91 -0.55
N THR A 519 -19.43 -39.79 -1.72
CA THR A 519 -19.51 -40.84 -2.72
C THR A 519 -18.40 -41.88 -2.63
N HIS A 520 -17.42 -41.71 -1.73
CA HIS A 520 -16.28 -42.61 -1.72
C HIS A 520 -16.51 -43.82 -0.84
N VAL A 521 -16.12 -44.99 -1.34
CA VAL A 521 -16.20 -46.25 -0.61
C VAL A 521 -14.85 -46.94 -0.70
N CYS A 522 -14.28 -47.36 0.42
CA CYS A 522 -13.05 -48.15 0.45
C CYS A 522 -13.46 -49.64 0.59
N ILE A 523 -12.79 -50.53 -0.11
CA ILE A 523 -12.88 -51.98 0.12
C ILE A 523 -11.54 -52.48 0.61
N VAL A 524 -11.52 -53.08 1.79
CA VAL A 524 -10.31 -53.59 2.41
C VAL A 524 -10.35 -55.11 2.32
N SER A 525 -9.31 -55.69 1.70
CA SER A 525 -9.12 -57.12 1.58
C SER A 525 -7.85 -57.47 2.34
N PRO A 526 -7.57 -58.74 2.59
CA PRO A 526 -6.38 -59.08 3.38
C PRO A 526 -5.09 -58.53 2.77
N GLU A 527 -5.02 -58.42 1.46
CA GLU A 527 -3.79 -57.99 0.79
C GLU A 527 -3.89 -56.57 0.23
N ARG A 528 -4.92 -55.81 0.60
CA ARG A 528 -4.97 -54.38 0.22
C ARG A 528 -5.51 -53.56 1.38
N VAL A 529 -4.60 -52.85 2.05
CA VAL A 529 -4.95 -51.91 3.11
C VAL A 529 -5.76 -50.75 2.54
N GLY A 530 -6.57 -50.14 3.41
CA GLY A 530 -7.20 -48.89 3.06
C GLY A 530 -6.19 -47.80 2.79
N LEU A 531 -6.50 -46.82 1.89
CA LEU A 531 -5.60 -45.82 1.29
C LEU A 531 -5.03 -44.90 2.35
N CYS A 532 -5.69 -44.74 3.48
CA CYS A 532 -5.18 -43.97 4.63
C CYS A 532 -3.95 -44.67 5.25
N GLY A 533 -3.90 -45.99 5.12
CA GLY A 533 -2.85 -46.89 5.56
C GLY A 533 -3.09 -47.38 6.98
N ALA A 534 -4.15 -46.95 7.65
CA ALA A 534 -4.41 -47.31 9.05
C ALA A 534 -5.45 -48.42 9.21
N ILE A 535 -6.16 -48.84 8.18
CA ILE A 535 -7.23 -49.82 8.32
C ILE A 535 -6.86 -51.04 7.47
N SER A 536 -6.38 -52.09 8.11
CA SER A 536 -6.20 -53.38 7.47
C SER A 536 -7.44 -54.25 7.62
N TRP A 537 -7.44 -55.39 6.92
CA TRP A 537 -8.58 -56.30 6.94
C TRP A 537 -8.91 -56.74 8.36
N LEU A 538 -7.89 -57.09 9.15
CA LEU A 538 -8.15 -57.48 10.53
C LEU A 538 -8.74 -56.31 11.31
N ASP A 539 -8.30 -55.08 11.02
CA ASP A 539 -8.85 -53.92 11.71
C ASP A 539 -10.32 -53.71 11.37
N ALA A 540 -10.65 -53.75 10.08
CA ALA A 540 -12.04 -53.53 9.67
C ALA A 540 -12.94 -54.64 10.19
N LYS A 541 -12.44 -55.88 10.20
CA LYS A 541 -13.24 -56.99 10.68
C LYS A 541 -13.52 -56.84 12.17
N ALA A 542 -12.50 -56.47 12.95
CA ALA A 542 -12.72 -56.23 14.36
C ALA A 542 -13.66 -55.06 14.60
N ALA A 543 -13.55 -54.00 13.79
CA ALA A 543 -14.43 -52.86 13.98
C ALA A 543 -15.88 -53.23 13.72
N TYR A 544 -16.13 -54.07 12.70
CA TYR A 544 -17.49 -54.53 12.46
C TYR A 544 -17.98 -55.44 13.58
N GLU A 545 -17.12 -56.35 14.06
CA GLU A 545 -17.52 -57.28 15.10
C GLU A 545 -17.79 -56.57 16.42
N ILE A 546 -17.15 -55.42 16.64
CA ILE A 546 -17.42 -54.63 17.84
C ILE A 546 -18.70 -53.84 17.68
N ASN A 547 -18.92 -53.28 16.49
CA ASN A 547 -20.08 -52.44 16.21
C ASN A 547 -20.71 -52.81 14.89
N PRO A 548 -21.64 -53.78 14.90
CA PRO A 548 -22.24 -54.21 13.63
C PRO A 548 -22.92 -53.11 12.82
N ASN A 549 -23.40 -52.05 13.46
CA ASN A 549 -24.02 -50.93 12.76
C ASN A 549 -23.03 -49.91 12.19
N GLY A 550 -21.73 -50.09 12.39
CA GLY A 550 -20.76 -49.05 12.09
C GLY A 550 -20.33 -48.98 10.64
N PRO A 551 -19.31 -48.16 10.36
CA PRO A 551 -18.93 -47.86 8.98
C PRO A 551 -18.10 -48.93 8.28
N ASN A 552 -17.86 -50.08 8.91
CA ASN A 552 -17.21 -51.20 8.25
C ASN A 552 -18.20 -52.36 8.19
N GLN A 553 -18.42 -52.90 6.98
CA GLN A 553 -19.39 -53.97 6.83
C GLN A 553 -18.81 -55.14 6.05
N PRO A 554 -19.18 -56.37 6.41
CA PRO A 554 -18.80 -57.52 5.59
C PRO A 554 -19.46 -57.47 4.22
N ILE A 555 -18.71 -57.89 3.20
CA ILE A 555 -19.24 -58.11 1.86
C ILE A 555 -18.71 -59.48 1.44
N PRO A 556 -19.58 -60.46 1.19
CA PRO A 556 -19.12 -61.74 0.65
C PRO A 556 -18.50 -61.56 -0.72
N LYS A 557 -17.52 -62.40 -1.02
CA LYS A 557 -16.93 -62.48 -2.35
C LYS A 557 -17.77 -63.43 -3.21
N GLU A 558 -18.64 -62.86 -4.04
CA GLU A 558 -19.56 -63.67 -4.82
C GLU A 558 -19.76 -63.02 -6.17
N GLY A 559 -20.20 -63.81 -7.14
CA GLY A 559 -20.50 -63.30 -8.47
C GLY A 559 -19.32 -62.82 -9.27
N LEU A 560 -18.25 -63.61 -9.33
CA LEU A 560 -17.04 -63.20 -10.02
C LEU A 560 -17.33 -62.83 -11.48
N ILE A 561 -16.70 -61.72 -11.91
CA ILE A 561 -16.75 -61.26 -13.28
C ILE A 561 -15.39 -61.35 -13.95
N ASP A 562 -14.31 -61.00 -13.22
CA ASP A 562 -12.96 -60.95 -13.80
C ASP A 562 -11.97 -61.38 -12.73
N PRO A 563 -11.53 -62.64 -12.74
CA PRO A 563 -10.53 -63.07 -11.75
C PRO A 563 -9.21 -62.31 -11.87
N VAL A 564 -8.86 -61.83 -13.06
CA VAL A 564 -7.54 -61.24 -13.26
C VAL A 564 -7.51 -59.79 -12.76
N LYS A 565 -8.47 -58.97 -13.19
CA LYS A 565 -8.52 -57.60 -12.72
C LYS A 565 -9.15 -57.47 -11.34
N GLY A 566 -9.83 -58.51 -10.87
CA GLY A 566 -10.39 -58.53 -9.54
C GLY A 566 -11.73 -57.83 -9.46
N GLN A 567 -12.70 -58.31 -10.23
CA GLN A 567 -14.05 -57.73 -10.21
C GLN A 567 -15.07 -58.79 -9.83
N TRP A 568 -15.91 -58.47 -8.86
CA TRP A 568 -17.02 -59.33 -8.46
C TRP A 568 -18.30 -58.52 -8.36
N GLU A 569 -19.44 -59.16 -8.64
CA GLU A 569 -20.71 -58.45 -8.58
C GLU A 569 -21.08 -58.02 -7.16
N SER A 570 -20.70 -58.80 -6.14
CA SER A 570 -21.05 -58.41 -4.77
C SER A 570 -20.43 -57.07 -4.41
N PHE A 571 -19.15 -56.88 -4.72
CA PHE A 571 -18.50 -55.61 -4.43
C PHE A 571 -19.04 -54.50 -5.34
N ASN A 572 -19.31 -54.83 -6.61
CA ASN A 572 -19.90 -53.83 -7.51
C ASN A 572 -21.21 -53.31 -6.94
N GLU A 573 -22.08 -54.22 -6.48
CA GLU A 573 -23.38 -53.81 -5.98
C GLU A 573 -23.26 -53.01 -4.69
N TYR A 574 -22.39 -53.46 -3.78
CA TYR A 574 -22.23 -52.70 -2.54
C TYR A 574 -21.70 -51.30 -2.82
N ILE A 575 -20.73 -51.19 -3.73
CA ILE A 575 -20.13 -49.89 -4.00
C ILE A 575 -21.14 -49.01 -4.69
N TYR A 576 -21.88 -49.56 -5.66
CA TYR A 576 -22.86 -48.75 -6.36
C TYR A 576 -23.85 -48.27 -5.35
N LYS A 577 -24.30 -49.08 -4.42
CA LYS A 577 -25.39 -48.64 -3.52
C LYS A 577 -24.88 -47.59 -2.53
N ASN A 578 -23.63 -47.69 -2.12
CA ASN A 578 -23.09 -46.83 -1.08
C ASN A 578 -22.32 -45.68 -1.71
N SER A 579 -22.38 -45.56 -3.04
CA SER A 579 -21.73 -44.49 -3.80
C SER A 579 -22.68 -43.35 -4.19
N GLN A 580 -23.91 -43.37 -3.71
CA GLN A 580 -24.95 -42.51 -4.29
C GLN A 580 -25.06 -42.82 -5.79
N ARG A 581 -24.84 -44.09 -6.12
CA ARG A 581 -24.84 -44.65 -7.48
C ARG A 581 -23.93 -43.93 -8.46
N THR A 582 -22.80 -43.37 -8.05
CA THR A 582 -21.87 -42.81 -9.01
C THR A 582 -20.94 -43.86 -9.59
N ILE A 583 -20.73 -44.96 -8.86
CA ILE A 583 -19.71 -45.96 -9.20
C ILE A 583 -20.39 -47.30 -9.39
N GLU A 584 -20.21 -47.90 -10.57
CA GLU A 584 -20.85 -49.17 -10.88
C GLU A 584 -19.91 -50.38 -10.79
N ARG A 585 -18.62 -50.20 -11.07
CA ARG A 585 -17.68 -51.31 -11.10
C ARG A 585 -16.38 -50.92 -10.43
N MET A 586 -15.71 -51.92 -9.86
CA MET A 586 -14.39 -51.73 -9.26
C MET A 586 -13.55 -52.97 -9.51
N ASN A 587 -12.37 -52.76 -10.06
CA ASN A 587 -11.36 -53.80 -10.22
C ASN A 587 -10.35 -53.63 -9.10
N LEU A 588 -10.08 -54.72 -8.37
CA LEU A 588 -9.20 -54.64 -7.21
C LEU A 588 -7.71 -54.72 -7.55
N TYR A 589 -7.35 -55.23 -8.72
CA TYR A 589 -5.96 -55.56 -9.02
C TYR A 589 -5.38 -54.71 -10.15
N THR A 590 -6.03 -53.62 -10.51
CA THR A 590 -5.54 -52.73 -11.56
C THR A 590 -5.89 -51.30 -11.19
N ILE A 591 -5.06 -50.35 -11.65
CA ILE A 591 -5.45 -48.95 -11.62
C ILE A 591 -5.98 -48.47 -12.98
N MET A 592 -5.89 -49.29 -14.04
CA MET A 592 -6.13 -48.79 -15.39
C MET A 592 -7.58 -48.88 -15.84
N GLU A 593 -8.40 -49.64 -15.17
CA GLU A 593 -9.81 -49.78 -15.56
C GLU A 593 -10.59 -49.94 -14.25
N TYR A 594 -11.62 -49.16 -14.03
CA TYR A 594 -12.44 -49.12 -12.82
C TYR A 594 -11.60 -49.21 -11.53
N PRO A 595 -10.65 -48.31 -11.34
CA PRO A 595 -9.93 -48.27 -10.07
C PRO A 595 -10.83 -47.90 -8.91
N MET A 596 -10.49 -48.40 -7.72
CA MET A 596 -11.13 -47.93 -6.50
C MET A 596 -10.96 -46.42 -6.40
N THR A 597 -11.97 -45.74 -5.86
CA THR A 597 -11.91 -44.30 -5.70
C THR A 597 -11.09 -43.93 -4.46
N SER A 598 -10.90 -42.63 -4.22
CA SER A 598 -10.27 -42.10 -3.04
C SER A 598 -11.00 -40.87 -2.44
N CYS A 599 -10.84 -40.59 -1.14
CA CYS A 599 -11.40 -39.42 -0.52
C CYS A 599 -10.43 -38.27 -0.74
N GLY A 600 -9.24 -38.34 -0.18
CA GLY A 600 -8.19 -37.34 -0.17
C GLY A 600 -7.03 -37.43 0.85
N CYS A 601 -7.08 -38.40 1.69
CA CYS A 601 -6.27 -38.77 2.77
C CYS A 601 -5.28 -39.84 2.35
N PHE A 602 -5.25 -40.24 1.08
CA PHE A 602 -4.31 -41.25 0.62
C PHE A 602 -2.84 -40.94 1.00
N GLU A 603 -2.09 -41.95 1.48
CA GLU A 603 -0.69 -41.74 1.78
C GLU A 603 0.13 -41.49 0.52
N ALA A 604 -0.28 -42.06 -0.61
CA ALA A 604 0.48 -41.89 -1.84
C ALA A 604 -0.45 -42.01 -3.03
N ILE A 605 0.05 -41.61 -4.19
CA ILE A 605 -0.68 -41.67 -5.45
C ILE A 605 0.17 -42.40 -6.47
N MET A 606 -0.43 -43.34 -7.18
CA MET A 606 0.18 -43.97 -8.34
C MET A 606 -0.40 -43.37 -9.62
N ALA A 607 0.43 -43.29 -10.66
CA ALA A 607 -0.07 -42.90 -11.98
C ALA A 607 0.72 -43.57 -13.07
N TYR A 608 0.03 -43.91 -14.17
CA TYR A 608 0.68 -44.54 -15.31
C TYR A 608 1.28 -43.49 -16.24
N LEU A 609 2.49 -43.77 -16.70
CA LEU A 609 3.20 -42.94 -17.68
C LEU A 609 3.42 -43.78 -18.93
N PRO A 610 2.65 -43.54 -19.99
CA PRO A 610 2.86 -44.29 -21.24
C PRO A 610 4.26 -44.13 -21.80
N GLU A 611 4.87 -42.97 -21.64
CA GLU A 611 6.22 -42.71 -22.21
C GLU A 611 7.25 -43.59 -21.52
N LEU A 612 7.02 -43.96 -20.27
CA LEU A 612 7.92 -44.85 -19.56
C LEU A 612 7.39 -46.28 -19.47
N ASN A 613 6.21 -46.55 -20.02
CA ASN A 613 5.60 -47.86 -19.99
C ASN A 613 5.40 -48.34 -18.55
N GLY A 614 5.15 -47.42 -17.62
CA GLY A 614 5.14 -47.87 -16.23
C GLY A 614 4.60 -46.85 -15.26
N PHE A 615 4.63 -47.21 -13.97
CA PHE A 615 4.00 -46.42 -12.92
C PHE A 615 5.00 -45.49 -12.24
N MET A 616 4.59 -44.27 -11.94
CA MET A 616 5.22 -43.48 -10.90
C MET A 616 4.38 -43.58 -9.63
N ILE A 617 5.04 -43.46 -8.48
CA ILE A 617 4.36 -43.33 -7.19
C ILE A 617 4.91 -42.10 -6.51
N VAL A 618 4.05 -41.35 -5.81
CA VAL A 618 4.50 -40.16 -5.08
C VAL A 618 3.70 -40.03 -3.78
N ASN A 619 4.40 -39.93 -2.67
CA ASN A 619 3.80 -39.80 -1.35
C ASN A 619 3.50 -38.34 -0.99
N ARG A 620 2.56 -38.18 -0.07
CA ARG A 620 2.07 -36.84 0.30
C ARG A 620 3.18 -35.96 0.85
N GLU A 621 4.17 -36.56 1.52
CA GLU A 621 5.23 -35.79 2.14
C GLU A 621 6.28 -35.30 1.15
N HIS A 622 6.28 -35.82 -0.08
CA HIS A 622 7.33 -35.49 -1.02
C HIS A 622 7.08 -34.14 -1.68
N SER A 623 8.09 -33.27 -1.64
CA SER A 623 8.06 -31.98 -2.30
C SER A 623 8.91 -32.06 -3.57
N GLY A 624 8.29 -31.81 -4.70
CA GLY A 624 9.01 -31.77 -5.96
C GLY A 624 8.17 -32.24 -7.11
N MET A 625 8.59 -31.86 -8.31
CA MET A 625 7.92 -32.25 -9.54
C MET A 625 8.10 -33.74 -9.79
N THR A 626 7.09 -34.35 -10.40
CA THR A 626 7.13 -35.75 -10.77
C THR A 626 7.09 -35.88 -12.30
N PRO A 627 7.53 -37.02 -12.83
CA PRO A 627 7.67 -37.15 -14.29
C PRO A 627 6.37 -36.99 -15.07
N ILE A 628 5.21 -37.04 -14.42
CA ILE A 628 3.95 -36.77 -15.12
C ILE A 628 3.71 -35.27 -15.28
N GLY A 629 4.61 -34.44 -14.79
CA GLY A 629 4.43 -33.00 -14.90
C GLY A 629 3.57 -32.40 -13.83
N MET A 630 3.38 -33.10 -12.75
CA MET A 630 2.51 -32.62 -11.67
C MET A 630 3.16 -32.94 -10.31
N THR A 631 3.00 -32.10 -9.33
CA THR A 631 3.38 -32.37 -7.95
C THR A 631 2.33 -33.27 -7.30
N PHE A 632 2.65 -33.77 -6.12
CA PHE A 632 1.66 -34.56 -5.40
C PHE A 632 0.34 -33.81 -5.22
N SER A 633 0.40 -32.52 -4.85
CA SER A 633 -0.83 -31.80 -4.56
C SER A 633 -1.75 -31.70 -5.79
N THR A 634 -1.16 -31.45 -6.96
CA THR A 634 -1.95 -31.36 -8.19
C THR A 634 -2.56 -32.71 -8.56
N LEU A 635 -1.72 -33.76 -8.53
CA LEU A 635 -2.23 -35.10 -8.78
C LEU A 635 -3.36 -35.41 -7.82
N ALA A 636 -3.22 -34.99 -6.55
CA ALA A 636 -4.25 -35.29 -5.55
C ALA A 636 -5.54 -34.56 -5.85
N GLY A 637 -5.45 -33.37 -6.44
CA GLY A 637 -6.65 -32.68 -6.86
C GLY A 637 -7.39 -33.46 -7.92
N MET A 638 -6.65 -34.21 -8.73
CA MET A 638 -7.34 -35.06 -9.70
C MET A 638 -7.82 -36.40 -9.10
N VAL A 639 -7.07 -36.97 -8.16
CA VAL A 639 -7.30 -38.35 -7.77
C VAL A 639 -8.36 -38.47 -6.67
N GLY A 640 -8.48 -37.48 -5.81
CA GLY A 640 -9.42 -37.52 -4.71
C GLY A 640 -10.80 -37.08 -5.13
N GLY A 641 -11.68 -36.98 -4.14
CA GLY A 641 -13.02 -36.51 -4.34
C GLY A 641 -14.04 -37.57 -4.71
N GLY A 642 -13.62 -38.84 -4.80
CA GLY A 642 -14.60 -39.89 -4.99
C GLY A 642 -15.02 -40.15 -6.42
N THR A 643 -14.21 -39.75 -7.38
CA THR A 643 -14.47 -39.98 -8.80
C THR A 643 -13.50 -41.06 -9.29
N GLN A 644 -13.93 -41.79 -10.32
CA GLN A 644 -13.13 -42.91 -10.82
C GLN A 644 -12.17 -42.42 -11.88
N THR A 645 -10.88 -42.75 -11.72
CA THR A 645 -9.80 -42.14 -12.50
C THR A 645 -8.88 -43.21 -13.09
N PRO A 646 -9.27 -43.83 -14.20
CA PRO A 646 -8.41 -44.84 -14.81
C PRO A 646 -7.04 -44.25 -15.10
N GLY A 647 -6.00 -45.01 -14.77
CA GLY A 647 -4.64 -44.54 -14.87
C GLY A 647 -4.10 -43.82 -13.65
N PHE A 648 -4.90 -43.63 -12.61
CA PHE A 648 -4.50 -42.95 -11.39
C PHE A 648 -5.15 -43.64 -10.21
N MET A 649 -4.46 -43.68 -9.07
CA MET A 649 -5.10 -44.26 -7.89
C MET A 649 -4.42 -43.83 -6.60
N GLY A 650 -5.21 -43.64 -5.55
CA GLY A 650 -4.68 -43.35 -4.23
C GLY A 650 -4.51 -44.63 -3.43
N ILE A 651 -3.40 -44.73 -2.68
CA ILE A 651 -3.04 -45.97 -2.00
C ILE A 651 -2.38 -45.66 -0.67
N GLY A 652 -2.39 -46.67 0.21
CA GLY A 652 -1.52 -46.68 1.36
C GLY A 652 -0.12 -47.14 1.01
N LYS A 653 0.87 -46.60 1.73
CA LYS A 653 2.25 -46.93 1.42
C LYS A 653 2.51 -48.43 1.53
N SER A 654 1.93 -49.08 2.54
CA SER A 654 2.22 -50.49 2.77
C SER A 654 1.67 -51.39 1.67
N TYR A 655 0.68 -50.90 0.92
CA TYR A 655 0.15 -51.69 -0.19
C TYR A 655 1.24 -51.96 -1.23
N ILE A 656 2.25 -51.10 -1.30
CA ILE A 656 3.35 -51.34 -2.24
C ILE A 656 4.05 -52.65 -1.92
N GLY A 657 4.01 -53.07 -0.65
CA GLY A 657 4.61 -54.32 -0.25
C GLY A 657 3.73 -55.54 -0.34
N SER A 658 2.49 -55.40 -0.83
CA SER A 658 1.58 -56.53 -0.89
C SER A 658 1.87 -57.40 -2.11
N ARG A 659 1.61 -58.71 -1.94
CA ARG A 659 1.72 -59.61 -3.08
C ARG A 659 0.73 -59.28 -4.18
N LYS A 660 -0.41 -58.70 -3.83
CA LYS A 660 -1.44 -58.36 -4.80
C LYS A 660 -1.30 -56.93 -5.35
N PHE A 661 -0.23 -56.21 -4.99
CA PHE A 661 -0.01 -54.84 -5.46
C PHE A 661 -0.22 -54.73 -6.95
N VAL A 662 -1.29 -54.03 -7.36
CA VAL A 662 -1.69 -53.85 -8.76
C VAL A 662 -1.25 -55.05 -9.59
N LYS A 663 -1.66 -56.25 -9.17
CA LYS A 663 -1.09 -57.47 -9.74
C LYS A 663 -1.39 -57.59 -11.23
N ALA A 664 -2.59 -57.18 -11.64
CA ALA A 664 -2.99 -57.32 -13.04
C ALA A 664 -2.20 -56.38 -13.95
N ASP A 665 -1.64 -55.30 -13.40
CA ASP A 665 -0.82 -54.37 -14.16
C ASP A 665 0.66 -54.72 -14.16
N GLY A 666 1.06 -55.81 -13.50
CA GLY A 666 2.46 -56.16 -13.40
C GLY A 666 3.11 -55.91 -12.05
N GLY A 667 2.39 -55.34 -11.08
CA GLY A 667 2.96 -55.25 -9.76
C GLY A 667 4.20 -54.39 -9.69
N LEU A 668 5.12 -54.77 -8.80
CA LEU A 668 6.32 -53.98 -8.55
C LEU A 668 7.16 -53.86 -9.81
N ALA A 669 7.14 -54.87 -10.67
CA ALA A 669 7.90 -54.83 -11.91
C ALA A 669 7.50 -53.65 -12.78
N ARG A 670 6.28 -53.14 -12.60
CA ARG A 670 5.75 -52.04 -13.38
C ARG A 670 6.13 -50.66 -12.83
N VAL A 671 6.76 -50.58 -11.66
CA VAL A 671 7.03 -49.30 -11.01
C VAL A 671 8.39 -48.79 -11.48
N VAL A 672 8.39 -47.61 -12.12
CA VAL A 672 9.60 -47.03 -12.67
C VAL A 672 10.08 -45.78 -11.95
N TRP A 673 9.28 -45.18 -11.07
CA TRP A 673 9.74 -43.97 -10.39
C TRP A 673 9.03 -43.78 -9.06
N MET A 674 9.82 -43.53 -8.01
CA MET A 674 9.34 -43.19 -6.68
C MET A 674 10.33 -42.20 -6.08
N PRO A 675 9.91 -41.36 -5.13
CA PRO A 675 10.88 -40.52 -4.42
C PRO A 675 11.87 -41.35 -3.65
N LYS A 676 13.13 -40.88 -3.59
CA LYS A 676 14.17 -41.63 -2.91
C LYS A 676 13.78 -41.95 -1.48
N ASP A 677 13.22 -40.97 -0.76
CA ASP A 677 12.89 -41.20 0.64
C ASP A 677 11.80 -42.25 0.79
N LEU A 678 10.84 -42.30 -0.13
CA LEU A 678 9.80 -43.32 -0.04
C LEU A 678 10.37 -44.71 -0.24
N LYS A 679 11.27 -44.89 -1.21
CA LYS A 679 11.92 -46.18 -1.36
C LYS A 679 12.69 -46.52 -0.09
N GLU A 680 13.33 -45.53 0.53
CA GLU A 680 14.06 -45.83 1.76
C GLU A 680 13.10 -46.22 2.88
N GLN A 681 11.94 -45.57 2.95
CA GLN A 681 10.98 -45.92 3.99
C GLN A 681 10.54 -47.36 3.86
N LEU A 682 10.45 -47.84 2.63
CA LEU A 682 9.95 -49.17 2.30
C LEU A 682 11.04 -50.12 1.85
N ARG A 683 12.31 -49.82 2.16
CA ARG A 683 13.38 -50.55 1.49
C ARG A 683 13.28 -52.05 1.76
N SER A 684 13.03 -52.45 3.01
CA SER A 684 13.10 -53.86 3.34
C SER A 684 11.99 -54.63 2.63
N ILE A 685 10.75 -54.14 2.71
CA ILE A 685 9.67 -54.85 2.05
C ILE A 685 9.82 -54.81 0.54
N ILE A 686 10.37 -53.72 -0.01
CA ILE A 686 10.58 -53.69 -1.46
C ILE A 686 11.63 -54.72 -1.86
N GLU A 687 12.68 -54.87 -1.06
CA GLU A 687 13.73 -55.84 -1.36
C GLU A 687 13.19 -57.26 -1.26
N GLU A 688 12.38 -57.53 -0.23
CA GLU A 688 11.82 -58.87 -0.04
C GLU A 688 10.84 -59.21 -1.16
N ARG A 689 9.91 -58.30 -1.47
CA ARG A 689 8.94 -58.59 -2.51
C ARG A 689 9.60 -58.68 -3.88
N ALA A 690 10.59 -57.83 -4.16
CA ALA A 690 11.29 -57.95 -5.43
C ALA A 690 11.96 -59.30 -5.55
N GLU A 691 12.56 -59.79 -4.45
CA GLU A 691 13.16 -61.11 -4.52
C GLU A 691 12.09 -62.16 -4.80
N GLU A 692 10.93 -62.05 -4.15
CA GLU A 692 9.88 -63.04 -4.39
C GLU A 692 9.41 -63.03 -5.83
N GLU A 693 9.39 -61.85 -6.46
CA GLU A 693 8.92 -61.74 -7.83
C GLU A 693 9.94 -62.27 -8.83
N GLY A 694 11.18 -62.43 -8.42
CA GLY A 694 12.27 -62.72 -9.33
C GLY A 694 12.93 -61.49 -9.94
N LEU A 695 12.68 -60.31 -9.39
CA LEU A 695 13.30 -59.08 -9.86
C LEU A 695 14.69 -58.85 -9.31
N GLY A 696 15.08 -59.58 -8.27
CA GLY A 696 16.33 -59.31 -7.59
C GLY A 696 16.15 -58.28 -6.49
N ARG A 697 16.91 -58.45 -5.40
CA ARG A 697 16.85 -57.50 -4.30
C ARG A 697 17.37 -56.13 -4.70
N ASP A 698 18.21 -56.05 -5.73
CA ASP A 698 18.71 -54.77 -6.22
C ASP A 698 17.73 -54.08 -7.17
N PHE A 699 16.54 -54.66 -7.36
CA PHE A 699 15.55 -54.01 -8.22
C PHE A 699 15.23 -52.61 -7.73
N ILE A 700 15.35 -52.37 -6.43
CA ILE A 700 15.05 -51.05 -5.87
C ILE A 700 15.92 -49.98 -6.52
N ASP A 701 17.13 -50.33 -6.93
CA ASP A 701 18.03 -49.39 -7.57
C ASP A 701 17.75 -49.18 -9.05
N LYS A 702 16.91 -50.02 -9.65
CA LYS A 702 16.44 -49.79 -11.00
C LYS A 702 15.23 -48.85 -11.04
N ILE A 703 14.60 -48.61 -9.91
CA ILE A 703 13.51 -47.66 -9.81
C ILE A 703 14.12 -46.26 -9.82
N ALA A 704 13.68 -45.43 -10.77
CA ALA A 704 14.16 -44.07 -10.84
C ALA A 704 13.62 -43.27 -9.66
N ASP A 705 14.30 -42.17 -9.34
CA ASP A 705 13.84 -41.25 -8.31
C ASP A 705 14.27 -39.84 -8.70
N GLU A 706 14.02 -38.88 -7.81
CA GLU A 706 14.28 -37.49 -8.14
C GLU A 706 15.77 -37.21 -8.33
N THR A 707 16.66 -38.00 -7.74
CA THR A 707 18.08 -37.83 -8.03
C THR A 707 18.42 -38.28 -9.44
N VAL A 708 17.55 -39.09 -10.06
CA VAL A 708 17.70 -39.38 -11.49
C VAL A 708 17.09 -38.28 -12.34
N GLY A 709 15.91 -37.82 -11.96
CA GLY A 709 15.24 -36.79 -12.73
C GLY A 709 13.78 -36.65 -12.33
N THR A 710 13.19 -35.56 -12.83
CA THR A 710 11.79 -35.24 -12.59
C THR A 710 10.99 -35.21 -13.87
N THR A 711 11.60 -35.54 -15.01
CA THR A 711 10.94 -35.51 -16.29
C THR A 711 11.20 -36.82 -17.02
N VAL A 712 10.35 -37.09 -18.01
CA VAL A 712 10.52 -38.30 -18.81
C VAL A 712 11.87 -38.31 -19.49
N ASP A 713 12.30 -37.18 -20.05
CA ASP A 713 13.55 -37.19 -20.81
C ASP A 713 14.74 -37.45 -19.91
N GLU A 714 14.66 -37.09 -18.63
CA GLU A 714 15.73 -37.44 -17.71
C GLU A 714 15.66 -38.92 -17.30
N VAL A 715 14.46 -39.45 -17.15
CA VAL A 715 14.28 -40.76 -16.50
C VAL A 715 14.43 -41.91 -17.50
N LEU A 716 13.86 -41.78 -18.69
CA LEU A 716 13.88 -42.91 -19.63
C LEU A 716 15.28 -43.40 -19.95
N PRO A 717 16.26 -42.54 -20.24
CA PRO A 717 17.61 -43.07 -20.51
C PRO A 717 18.16 -43.89 -19.36
N PHE A 718 17.85 -43.50 -18.13
CA PHE A 718 18.29 -44.26 -16.96
C PHE A 718 17.61 -45.63 -16.91
N LEU A 719 16.31 -45.67 -17.22
CA LEU A 719 15.61 -46.95 -17.25
C LEU A 719 16.18 -47.87 -18.34
N GLU A 720 16.46 -47.31 -19.52
CA GLU A 720 17.05 -48.10 -20.60
C GLU A 720 18.41 -48.64 -20.18
N GLU A 721 19.25 -47.77 -19.61
CA GLU A 721 20.58 -48.20 -19.19
C GLU A 721 20.50 -49.26 -18.12
N LYS A 722 19.49 -49.21 -17.26
CA LYS A 722 19.35 -50.18 -16.19
C LYS A 722 18.63 -51.45 -16.63
N GLY A 723 18.09 -51.49 -17.84
CA GLY A 723 17.40 -52.69 -18.25
C GLY A 723 16.16 -52.91 -17.41
N HIS A 724 15.45 -51.85 -17.09
CA HIS A 724 14.26 -51.99 -16.26
C HIS A 724 13.24 -52.87 -16.98
N PRO A 725 12.73 -53.92 -16.34
CA PRO A 725 11.83 -54.85 -17.06
C PRO A 725 10.59 -54.19 -17.63
N ALA A 726 10.12 -53.11 -17.02
CA ALA A 726 8.89 -52.49 -17.46
C ALA A 726 8.96 -52.08 -18.93
N LEU A 727 10.15 -51.73 -19.41
CA LEU A 727 10.27 -51.27 -20.80
C LEU A 727 9.93 -52.39 -21.78
N SER A 728 10.10 -53.64 -21.39
CA SER A 728 9.83 -54.77 -22.27
C SER A 728 8.51 -55.47 -21.97
N MET A 729 7.76 -54.99 -20.98
CA MET A 729 6.46 -55.56 -20.72
C MET A 729 5.45 -54.96 -21.70
N GLU A 730 4.25 -55.52 -21.75
CA GLU A 730 3.24 -55.00 -22.64
C GLU A 730 2.85 -53.60 -22.18
N PRO A 731 2.55 -52.69 -23.10
CA PRO A 731 1.99 -51.39 -22.69
C PRO A 731 0.68 -51.66 -21.98
N LEU A 732 0.39 -50.85 -20.95
CA LEU A 732 -0.89 -51.00 -20.27
C LEU A 732 -2.03 -50.24 -20.93
N LEU A 733 -1.73 -49.20 -21.72
CA LEU A 733 -2.73 -48.27 -22.24
C LEU A 733 -4.18 -48.69 -22.05
N VAL B 5 -12.23 31.39 17.11
CA VAL B 5 -12.88 32.70 17.10
C VAL B 5 -13.11 33.17 15.66
N ILE B 6 -12.30 32.65 14.73
CA ILE B 6 -12.45 33.05 13.32
C ILE B 6 -13.78 32.55 12.75
N ASN B 7 -14.19 31.33 13.11
CA ASN B 7 -15.42 30.73 12.62
C ASN B 7 -15.51 30.80 11.09
N PHE B 8 -14.59 30.08 10.44
CA PHE B 8 -14.52 30.08 8.99
C PHE B 8 -15.80 29.53 8.38
N ASP B 9 -16.40 28.53 9.03
CA ASP B 9 -17.53 27.81 8.46
C ASP B 9 -18.76 28.70 8.26
N GLN B 10 -18.75 29.92 8.79
CA GLN B 10 -19.87 30.81 8.54
C GLN B 10 -20.06 31.03 7.05
N ILE B 11 -19.00 30.89 6.25
CA ILE B 11 -19.20 31.13 4.82
C ILE B 11 -20.11 30.11 4.16
N PHE B 12 -20.34 28.96 4.79
CA PHE B 12 -21.23 27.96 4.20
C PHE B 12 -22.69 28.08 4.65
N GLU B 13 -23.01 29.04 5.52
CA GLU B 13 -24.25 28.94 6.29
C GLU B 13 -25.49 28.97 5.41
N GLY B 14 -25.50 29.75 4.34
CA GLY B 14 -26.72 29.78 3.57
C GLY B 14 -26.86 28.72 2.50
N ALA B 15 -25.87 27.86 2.33
CA ALA B 15 -25.74 27.10 1.08
C ALA B 15 -26.82 26.05 0.91
N ILE B 16 -27.30 25.42 1.99
CA ILE B 16 -28.18 24.27 1.87
C ILE B 16 -29.37 24.48 2.79
N GLU B 17 -30.58 24.38 2.23
CA GLU B 17 -31.78 24.51 3.04
C GLU B 17 -31.86 23.31 3.97
N PRO B 18 -32.24 23.51 5.24
CA PRO B 18 -32.15 22.41 6.20
C PRO B 18 -33.00 21.24 5.74
N GLY B 19 -32.46 20.03 5.93
CA GLY B 19 -33.18 18.85 5.51
C GLY B 19 -33.06 18.53 4.04
N LYS B 20 -32.37 19.35 3.26
CA LYS B 20 -32.29 19.18 1.81
C LYS B 20 -30.87 18.88 1.33
N GLU B 21 -30.10 18.18 2.15
CA GLU B 21 -28.72 17.88 1.80
C GLU B 21 -28.66 17.06 0.51
N PRO B 22 -27.64 17.28 -0.32
CA PRO B 22 -27.46 16.45 -1.53
C PRO B 22 -26.85 15.09 -1.16
N LYS B 23 -27.66 14.13 -0.81
CA LYS B 23 -27.13 12.89 -0.21
C LYS B 23 -26.34 12.13 -1.26
N ARG B 24 -26.64 12.24 -2.53
CA ARG B 24 -25.84 11.55 -3.54
C ARG B 24 -24.39 12.05 -3.52
N LEU B 25 -24.23 13.37 -3.48
CA LEU B 25 -22.87 13.94 -3.44
C LEU B 25 -22.15 13.55 -2.16
N PHE B 26 -22.82 13.68 -1.01
CA PHE B 26 -22.15 13.41 0.25
C PHE B 26 -21.80 11.93 0.39
N LYS B 27 -22.61 11.05 -0.18
CA LYS B 27 -22.32 9.62 -0.12
C LYS B 27 -21.10 9.34 -0.99
N GLU B 28 -21.05 9.93 -2.18
CA GLU B 28 -19.88 9.74 -3.02
C GLU B 28 -18.62 10.29 -2.35
N VAL B 29 -18.74 11.44 -1.67
CA VAL B 29 -17.59 12.01 -0.99
C VAL B 29 -17.12 11.08 0.13
N TYR B 30 -18.07 10.54 0.89
CA TYR B 30 -17.73 9.68 2.02
C TYR B 30 -17.03 8.42 1.54
N GLU B 31 -17.57 7.78 0.50
CA GLU B 31 -16.92 6.57 -0.02
C GLU B 31 -15.55 6.90 -0.60
N GLY B 32 -15.42 8.04 -1.28
CA GLY B 32 -14.15 8.37 -1.90
C GLY B 32 -13.09 8.69 -0.86
N ALA B 33 -13.49 9.30 0.25
CA ALA B 33 -12.55 9.58 1.31
C ALA B 33 -12.11 8.31 2.02
N ILE B 34 -13.04 7.38 2.25
CA ILE B 34 -12.61 6.11 2.83
C ILE B 34 -11.63 5.42 1.89
N THR B 35 -11.89 5.48 0.58
CA THR B 35 -11.00 4.79 -0.38
C THR B 35 -9.61 5.43 -0.42
N ALA B 36 -9.56 6.76 -0.49
CA ALA B 36 -8.25 7.42 -0.55
C ALA B 36 -7.47 7.17 0.72
N THR B 37 -8.13 7.25 1.88
CA THR B 37 -7.46 6.98 3.13
C THR B 37 -7.00 5.52 3.23
N SER B 38 -7.77 4.59 2.67
CA SER B 38 -7.35 3.19 2.69
C SER B 38 -6.09 3.01 1.84
N TYR B 39 -6.07 3.65 0.67
CA TYR B 39 -4.88 3.62 -0.17
C TYR B 39 -3.66 4.09 0.62
N ALA B 40 -3.80 5.24 1.30
CA ALA B 40 -2.66 5.80 2.01
C ALA B 40 -2.24 4.90 3.17
N GLU B 41 -3.21 4.31 3.86
CA GLU B 41 -2.88 3.43 4.98
C GLU B 41 -2.04 2.25 4.51
N ILE B 42 -2.46 1.62 3.40
CA ILE B 42 -1.77 0.41 3.00
C ILE B 42 -0.40 0.74 2.41
N LEU B 43 -0.32 1.81 1.60
CA LEU B 43 0.98 2.17 1.04
C LEU B 43 1.95 2.59 2.15
N LEU B 44 1.45 3.24 3.20
CA LEU B 44 2.32 3.65 4.29
C LEU B 44 2.80 2.46 5.08
N SER B 45 1.91 1.49 5.33
CA SER B 45 2.34 0.30 6.06
C SER B 45 3.38 -0.48 5.27
N ARG B 46 3.17 -0.62 3.95
CA ARG B 46 4.16 -1.31 3.13
C ARG B 46 5.47 -0.54 3.11
N ALA B 47 5.40 0.79 3.08
CA ALA B 47 6.62 1.59 3.07
C ALA B 47 7.38 1.40 4.37
N ILE B 48 6.67 1.38 5.49
CA ILE B 48 7.37 1.18 6.75
C ILE B 48 8.00 -0.19 6.81
N GLU B 49 7.33 -1.20 6.22
CA GLU B 49 7.93 -2.53 6.19
C GLU B 49 9.20 -2.54 5.36
N LYS B 50 9.17 -1.88 4.19
CA LYS B 50 10.33 -1.96 3.30
C LYS B 50 11.51 -1.14 3.83
N TYR B 51 11.24 0.05 4.38
CA TYR B 51 12.30 0.98 4.73
C TYR B 51 12.52 1.13 6.24
N GLY B 52 11.48 0.93 7.05
CA GLY B 52 11.57 1.16 8.47
C GLY B 52 10.96 2.50 8.88
N PRO B 53 10.45 2.57 10.12
CA PRO B 53 9.72 3.78 10.54
C PRO B 53 10.53 5.05 10.48
N ASP B 54 11.85 4.97 10.64
CA ASP B 54 12.72 6.14 10.71
C ASP B 54 13.21 6.59 9.34
N HIS B 55 12.78 5.94 8.27
CA HIS B 55 13.20 6.33 6.94
C HIS B 55 12.77 7.78 6.67
N PRO B 56 13.68 8.65 6.23
CA PRO B 56 13.27 10.01 5.89
C PRO B 56 12.29 10.01 4.74
N VAL B 57 11.36 10.97 4.78
CA VAL B 57 10.37 11.13 3.72
C VAL B 57 10.16 12.60 3.49
N GLY B 58 9.94 12.99 2.23
CA GLY B 58 9.64 14.37 1.94
C GLY B 58 9.68 14.64 0.44
N TYR B 59 9.43 15.90 0.14
CA TYR B 59 9.30 16.50 -1.17
C TYR B 59 10.58 17.25 -1.52
N PRO B 60 10.90 17.41 -2.81
CA PRO B 60 12.13 18.15 -3.18
C PRO B 60 11.98 19.65 -3.07
N ASP B 61 12.96 20.29 -2.44
CA ASP B 61 13.15 21.75 -2.46
C ASP B 61 11.96 22.50 -1.87
N THR B 62 11.62 22.15 -0.63
CA THR B 62 10.59 22.88 0.11
C THR B 62 11.02 23.06 1.56
N ALA B 63 10.60 24.17 2.14
CA ALA B 63 10.78 24.44 3.55
C ALA B 63 9.61 24.01 4.42
N TYR B 64 8.56 23.45 3.82
CA TYR B 64 7.29 23.26 4.50
C TYR B 64 6.85 21.80 4.59
N PHE B 65 7.80 20.87 4.63
CA PHE B 65 7.55 19.48 4.98
C PHE B 65 6.51 18.91 4.03
N LEU B 66 5.36 18.43 4.50
CA LEU B 66 4.24 18.10 3.64
C LEU B 66 3.29 19.29 3.80
N PRO B 67 3.27 20.24 2.86
CA PRO B 67 2.67 21.55 3.19
C PRO B 67 1.20 21.51 3.58
N VAL B 68 0.39 20.62 3.02
CA VAL B 68 -1.03 20.60 3.39
C VAL B 68 -1.15 20.31 4.88
N ILE B 69 -0.40 19.31 5.35
CA ILE B 69 -0.42 18.94 6.76
C ILE B 69 0.22 20.04 7.59
N ARG B 70 1.32 20.62 7.11
CA ARG B 70 1.99 21.63 7.90
C ARG B 70 1.09 22.84 8.13
N ALA B 71 0.26 23.18 7.15
CA ALA B 71 -0.64 24.32 7.33
C ALA B 71 -1.84 23.96 8.21
N PHE B 72 -2.53 22.87 7.91
CA PHE B 72 -3.82 22.66 8.57
C PHE B 72 -3.70 22.08 9.97
N SER B 73 -2.66 21.29 10.25
CA SER B 73 -2.45 20.75 11.59
C SER B 73 -1.03 20.88 12.10
N GLY B 74 -0.07 21.30 11.26
CA GLY B 74 1.20 21.81 11.72
C GLY B 74 2.32 20.82 11.94
N GLU B 75 2.09 19.53 11.72
CA GLU B 75 3.12 18.54 12.06
C GLU B 75 4.35 18.68 11.18
N GLU B 76 5.53 18.49 11.80
CA GLU B 76 6.82 18.47 11.11
C GLU B 76 7.11 17.04 10.63
N VAL B 77 6.49 16.68 9.51
CA VAL B 77 6.67 15.33 8.97
C VAL B 77 8.09 15.21 8.43
N ARG B 78 8.86 14.27 8.97
CA ARG B 78 10.24 14.10 8.56
C ARG B 78 10.56 12.65 8.22
N THR B 79 9.91 11.70 8.91
CA THR B 79 10.15 10.28 8.70
C THR B 79 8.81 9.57 8.57
N LEU B 80 8.86 8.36 8.01
CA LEU B 80 7.63 7.62 7.69
C LEU B 80 6.74 7.49 8.92
N LYS B 81 7.34 7.25 10.09
CA LYS B 81 6.54 7.04 11.30
C LYS B 81 5.65 8.24 11.58
N ASP B 82 6.11 9.44 11.21
CA ASP B 82 5.37 10.65 11.52
C ASP B 82 3.99 10.63 10.89
N MET B 83 3.82 9.93 9.77
CA MET B 83 2.54 9.96 9.08
C MET B 83 1.51 9.01 9.68
N VAL B 84 1.87 8.16 10.66
CA VAL B 84 0.89 7.22 11.21
C VAL B 84 -0.22 7.84 12.05
N PRO B 85 0.09 8.67 13.07
CA PRO B 85 -1.00 9.32 13.84
C PRO B 85 -1.87 10.28 13.03
N ILE B 86 -1.30 10.99 12.05
CA ILE B 86 -2.11 11.90 11.23
C ILE B 86 -3.19 11.11 10.50
N LEU B 87 -2.79 10.00 9.87
CA LEU B 87 -3.74 9.17 9.14
C LEU B 87 -4.80 8.63 10.08
N ASN B 88 -4.42 8.26 11.30
CA ASN B 88 -5.43 7.76 12.21
C ASN B 88 -6.47 8.84 12.47
N ARG B 89 -5.99 10.07 12.68
CA ARG B 89 -6.90 11.18 12.92
C ARG B 89 -7.79 11.39 11.71
N MET B 90 -7.21 11.34 10.54
CA MET B 90 -8.00 11.62 9.34
C MET B 90 -9.06 10.54 9.21
N ARG B 91 -8.69 9.27 9.39
CA ARG B 91 -9.67 8.20 9.26
C ARG B 91 -10.80 8.43 10.25
N ALA B 92 -10.46 8.93 11.44
CA ALA B 92 -11.44 9.11 12.48
C ALA B 92 -12.47 10.20 12.14
N GLN B 93 -12.13 11.15 11.28
CA GLN B 93 -13.04 12.26 10.97
C GLN B 93 -13.91 12.02 9.74
N ILE B 94 -13.82 10.85 9.11
CA ILE B 94 -14.72 10.50 8.02
C ILE B 94 -15.95 9.82 8.62
N LYS B 95 -17.13 10.40 8.44
CA LYS B 95 -18.31 9.97 9.18
C LYS B 95 -19.48 9.72 8.25
N SER B 96 -20.30 8.73 8.65
CA SER B 96 -21.39 8.24 7.81
C SER B 96 -22.54 9.23 7.72
N GLU B 97 -22.74 10.07 8.74
CA GLU B 97 -23.84 11.03 8.71
C GLU B 97 -23.64 12.01 7.55
N LEU B 98 -24.70 12.24 6.80
CA LEU B 98 -24.62 12.93 5.52
C LEU B 98 -24.87 14.43 5.68
N THR B 99 -23.93 15.11 6.31
CA THR B 99 -23.99 16.55 6.47
C THR B 99 -22.95 17.24 5.60
N PHE B 100 -23.21 18.52 5.32
CA PHE B 100 -22.22 19.32 4.61
C PHE B 100 -20.94 19.42 5.43
N GLU B 101 -21.05 19.54 6.75
CA GLU B 101 -19.86 19.64 7.58
C GLU B 101 -19.02 18.37 7.49
N ASN B 102 -19.67 17.21 7.60
CA ASN B 102 -18.91 15.97 7.50
C ASN B 102 -18.36 15.77 6.10
N ALA B 103 -19.04 16.26 5.07
CA ALA B 103 -18.48 16.18 3.73
C ALA B 103 -17.19 17.01 3.63
N ARG B 104 -17.20 18.20 4.23
CA ARG B 104 -15.98 19.01 4.20
C ARG B 104 -14.85 18.34 4.96
N LEU B 105 -15.17 17.68 6.08
CA LEU B 105 -14.10 16.97 6.78
C LEU B 105 -13.61 15.76 5.98
N ALA B 106 -14.47 15.11 5.22
CA ALA B 106 -14.00 14.02 4.37
C ALA B 106 -13.11 14.55 3.26
N GLY B 107 -13.41 15.75 2.75
CA GLY B 107 -12.52 16.35 1.76
C GLY B 107 -11.15 16.68 2.33
N GLU B 108 -11.13 17.17 3.58
CA GLU B 108 -9.85 17.43 4.22
C GLU B 108 -9.05 16.14 4.39
N ALA B 109 -9.73 15.07 4.81
CA ALA B 109 -9.05 13.78 4.95
C ALA B 109 -8.55 13.27 3.61
N THR B 110 -9.30 13.52 2.53
CA THR B 110 -8.84 13.09 1.22
C THR B 110 -7.58 13.83 0.81
N TRP B 111 -7.53 15.13 1.12
CA TRP B 111 -6.32 15.89 0.79
C TRP B 111 -5.12 15.38 1.59
N TYR B 112 -5.32 15.10 2.88
CA TYR B 112 -4.22 14.55 3.67
C TYR B 112 -3.78 13.20 3.11
N ALA B 113 -4.74 12.38 2.66
CA ALA B 113 -4.40 11.07 2.14
C ALA B 113 -3.59 11.19 0.86
N ALA B 114 -4.00 12.08 -0.04
CA ALA B 114 -3.28 12.26 -1.29
C ALA B 114 -1.88 12.82 -1.04
N GLU B 115 -1.75 13.70 -0.04
CA GLU B 115 -0.43 14.24 0.27
C GLU B 115 0.50 13.15 0.78
N ILE B 116 -0.01 12.28 1.64
CA ILE B 116 0.82 11.17 2.13
C ILE B 116 1.20 10.23 0.99
N ILE B 117 0.24 9.89 0.14
CA ILE B 117 0.53 8.98 -0.96
C ILE B 117 1.60 9.58 -1.86
N GLU B 118 1.51 10.89 -2.14
CA GLU B 118 2.49 11.51 -3.02
C GLU B 118 3.87 11.55 -2.38
N ALA B 119 3.94 11.83 -1.07
CA ALA B 119 5.23 11.80 -0.40
C ALA B 119 5.86 10.40 -0.48
N LEU B 120 5.03 9.37 -0.33
CA LEU B 120 5.55 8.02 -0.47
C LEU B 120 6.07 7.78 -1.89
N ARG B 121 5.37 8.33 -2.89
CA ARG B 121 5.89 8.18 -4.25
C ARG B 121 7.26 8.85 -4.37
N TYR B 122 7.43 9.99 -3.70
CA TYR B 122 8.67 10.74 -3.80
C TYR B 122 9.81 10.09 -3.03
N LEU B 123 9.51 9.04 -2.27
CA LEU B 123 10.61 8.29 -1.66
C LEU B 123 11.61 7.78 -2.70
N LYS B 124 11.19 7.55 -3.94
CA LYS B 124 12.09 7.07 -4.98
C LYS B 124 12.62 8.18 -5.87
N HIS B 125 12.34 9.43 -5.53
CA HIS B 125 12.70 10.58 -6.36
C HIS B 125 14.01 11.22 -5.88
N THR B 126 14.88 11.51 -6.84
CA THR B 126 16.10 12.28 -6.65
C THR B 126 16.15 13.26 -7.82
N PRO B 127 16.80 14.41 -7.65
CA PRO B 127 16.97 15.29 -8.82
C PRO B 127 17.73 14.61 -9.93
N GLU B 128 18.64 13.71 -9.58
CA GLU B 128 19.44 13.00 -10.57
C GLU B 128 18.72 11.81 -11.20
N ASN B 129 17.78 11.20 -10.51
CA ASN B 129 17.04 10.04 -11.04
C ASN B 129 15.63 10.31 -10.63
N PRO B 130 14.77 11.34 -11.30
CA PRO B 130 13.45 11.81 -10.88
C PRO B 130 12.30 10.94 -11.37
N ILE B 131 11.19 11.02 -10.63
CA ILE B 131 9.98 10.29 -11.00
C ILE B 131 9.05 11.12 -11.90
N VAL B 132 9.45 12.32 -12.30
CA VAL B 132 8.62 13.15 -13.17
C VAL B 132 9.53 13.96 -14.08
N VAL B 133 9.06 14.24 -15.29
CA VAL B 133 9.86 14.99 -16.25
C VAL B 133 9.04 16.09 -16.91
N PRO B 134 9.68 17.19 -17.33
CA PRO B 134 8.92 18.28 -17.95
C PRO B 134 8.25 17.80 -19.23
N PRO B 135 7.12 18.40 -19.59
CA PRO B 135 6.55 19.57 -18.91
C PRO B 135 5.80 19.26 -17.61
N TRP B 136 5.66 17.99 -17.25
CA TRP B 136 5.02 17.63 -15.99
C TRP B 136 5.81 18.22 -14.84
N THR B 137 5.11 18.56 -13.75
CA THR B 137 5.75 19.12 -12.58
C THR B 137 5.79 18.17 -11.39
N GLY B 138 4.72 17.41 -11.15
CA GLY B 138 4.62 16.76 -9.86
C GLY B 138 4.61 17.84 -8.78
N PHE B 139 5.25 17.55 -7.65
CA PHE B 139 5.38 18.56 -6.62
C PHE B 139 6.22 19.73 -7.12
N ILE B 140 5.70 20.94 -6.92
CA ILE B 140 6.33 22.17 -7.38
C ILE B 140 7.15 22.76 -6.25
N GLY B 141 8.42 23.06 -6.53
CA GLY B 141 9.30 23.55 -5.51
C GLY B 141 8.95 24.96 -5.04
N ASP B 142 9.42 25.26 -3.82
CA ASP B 142 9.26 26.59 -3.26
C ASP B 142 9.72 27.69 -4.20
N PRO B 143 10.85 27.55 -4.89
CA PRO B 143 11.28 28.67 -5.74
C PRO B 143 10.23 29.09 -6.77
N VAL B 144 9.44 28.16 -7.32
CA VAL B 144 8.43 28.55 -8.31
C VAL B 144 7.28 29.32 -7.64
N VAL B 145 6.81 28.84 -6.48
CA VAL B 145 5.76 29.56 -5.77
C VAL B 145 6.22 31.00 -5.53
N ARG B 146 7.47 31.14 -5.08
CA ARG B 146 7.99 32.47 -4.78
C ARG B 146 8.16 33.30 -6.03
N GLN B 147 8.59 32.69 -7.14
CA GLN B 147 8.88 33.48 -8.31
C GLN B 147 7.62 34.08 -8.93
N TYR B 148 6.46 33.46 -8.72
CA TYR B 148 5.23 34.04 -9.26
C TYR B 148 4.43 34.86 -8.23
N GLY B 149 4.91 34.93 -6.98
CA GLY B 149 4.16 35.72 -6.01
C GLY B 149 4.02 37.19 -6.40
N ILE B 150 5.04 37.77 -7.04
CA ILE B 150 4.96 39.19 -7.41
C ILE B 150 3.88 39.45 -8.46
N LYS B 151 3.57 38.46 -9.31
CA LYS B 151 2.44 38.60 -10.23
C LYS B 151 1.11 38.33 -9.55
N MET B 152 1.09 37.60 -8.44
CA MET B 152 -0.19 37.42 -7.77
C MET B 152 -0.63 38.67 -6.98
N VAL B 153 0.31 39.39 -6.36
CA VAL B 153 -0.08 40.40 -5.37
C VAL B 153 -0.86 41.55 -5.99
N ASP B 154 -0.65 41.86 -7.28
CA ASP B 154 -1.43 42.90 -7.93
C ASP B 154 -2.44 42.33 -8.95
N TRP B 155 -2.72 41.03 -8.87
CA TRP B 155 -3.74 40.35 -9.69
C TRP B 155 -3.41 40.43 -11.18
N THR B 156 -2.12 40.57 -11.51
CA THR B 156 -1.69 40.26 -12.87
C THR B 156 -2.04 38.82 -13.20
N ILE B 157 -1.86 37.93 -12.24
CA ILE B 157 -2.53 36.63 -12.23
C ILE B 157 -3.82 36.84 -11.46
N PRO B 158 -4.99 36.80 -12.09
CA PRO B 158 -6.23 37.20 -11.40
C PRO B 158 -6.78 36.12 -10.50
N GLY B 159 -6.30 34.89 -10.64
CA GLY B 159 -6.87 33.76 -9.97
C GLY B 159 -6.20 32.50 -10.49
N GLU B 160 -6.68 31.37 -9.96
CA GLU B 160 -6.10 30.07 -10.22
C GLU B 160 -7.20 29.10 -10.59
N ALA B 161 -6.93 28.26 -11.60
CA ALA B 161 -7.87 27.22 -12.01
C ALA B 161 -7.22 25.86 -11.82
N ILE B 162 -7.92 24.98 -11.11
CA ILE B 162 -7.51 23.60 -10.90
C ILE B 162 -8.43 22.75 -11.77
N ILE B 163 -7.89 22.20 -12.85
CA ILE B 163 -8.69 21.44 -13.81
C ILE B 163 -8.39 19.96 -13.61
N ILE B 164 -9.44 19.22 -13.25
CA ILE B 164 -9.33 17.81 -12.93
C ILE B 164 -10.21 17.04 -13.90
N GLY B 165 -9.68 15.96 -14.46
CA GLY B 165 -10.45 15.08 -15.31
C GLY B 165 -10.14 15.24 -16.78
N ARG B 166 -11.19 15.29 -17.60
CA ARG B 166 -11.08 15.20 -19.05
C ARG B 166 -12.13 16.10 -19.67
N ALA B 167 -11.71 17.01 -20.56
CA ALA B 167 -12.67 17.80 -21.31
C ALA B 167 -13.40 16.90 -22.30
N LYS B 168 -14.58 17.35 -22.73
CA LYS B 168 -15.40 16.53 -23.63
C LYS B 168 -14.60 16.08 -24.84
N ASP B 169 -13.79 16.97 -25.41
CA ASP B 169 -12.87 16.65 -26.48
C ASP B 169 -11.68 17.60 -26.39
N SER B 170 -10.59 17.24 -27.06
CA SER B 170 -9.36 18.04 -26.99
C SER B 170 -9.58 19.49 -27.43
N LYS B 171 -10.45 19.73 -28.41
CA LYS B 171 -10.63 21.09 -28.88
C LYS B 171 -11.31 21.95 -27.81
N ALA B 172 -12.25 21.37 -27.05
CA ALA B 172 -12.88 22.11 -25.97
C ALA B 172 -11.88 22.41 -24.86
N ALA B 173 -10.99 21.46 -24.59
CA ALA B 173 -9.93 21.67 -23.63
C ALA B 173 -9.03 22.81 -24.07
N LYS B 174 -8.59 22.78 -25.33
CA LYS B 174 -7.74 23.85 -25.82
C LYS B 174 -8.46 25.18 -25.75
N LYS B 175 -9.77 25.19 -26.02
CA LYS B 175 -10.36 26.53 -26.03
C LYS B 175 -10.52 27.06 -24.61
N ILE B 176 -10.95 26.28 -23.62
CA ILE B 176 -11.05 26.90 -22.30
C ILE B 176 -9.67 27.23 -21.75
N VAL B 177 -8.66 26.41 -22.05
CA VAL B 177 -7.34 26.68 -21.50
C VAL B 177 -6.72 27.90 -22.17
N ASP B 178 -6.90 28.05 -23.48
CA ASP B 178 -6.40 29.24 -24.16
C ASP B 178 -7.07 30.48 -23.60
N ASP B 179 -8.36 30.39 -23.28
CA ASP B 179 -9.05 31.52 -22.68
C ASP B 179 -8.43 31.88 -21.33
N LEU B 180 -8.27 30.87 -20.47
CA LEU B 180 -7.75 31.11 -19.13
C LEU B 180 -6.33 31.66 -19.16
N MET B 181 -5.49 31.12 -20.07
CA MET B 181 -4.12 31.61 -20.18
C MET B 181 -4.07 33.03 -20.70
N GLY B 182 -4.98 33.38 -21.62
CA GLY B 182 -5.03 34.76 -22.08
C GLY B 182 -5.54 35.71 -21.02
N LYS B 183 -6.36 35.20 -20.11
CA LYS B 183 -6.82 35.99 -18.97
C LYS B 183 -5.78 36.04 -17.85
N GLY B 184 -4.73 35.23 -17.94
CA GLY B 184 -3.61 35.28 -17.02
C GLY B 184 -3.75 34.43 -15.77
N LEU B 185 -4.73 33.55 -15.69
CA LEU B 185 -4.88 32.70 -14.52
C LEU B 185 -3.79 31.62 -14.48
N MET B 186 -3.39 31.26 -13.26
CA MET B 186 -2.48 30.16 -13.02
C MET B 186 -3.25 28.84 -13.05
N LEU B 187 -2.74 27.87 -13.80
CA LEU B 187 -3.43 26.61 -14.01
C LEU B 187 -2.72 25.45 -13.31
N PHE B 188 -3.51 24.59 -12.69
CA PHE B 188 -3.08 23.28 -12.22
C PHE B 188 -3.90 22.24 -12.94
N LEU B 189 -3.22 21.28 -13.58
CA LEU B 189 -3.89 20.30 -14.43
C LEU B 189 -3.63 18.90 -13.90
N CYS B 190 -4.65 18.06 -13.94
CA CYS B 190 -4.53 16.70 -13.44
C CYS B 190 -5.37 15.78 -14.31
N ASP B 191 -4.79 14.62 -14.63
CA ASP B 191 -5.44 13.57 -15.39
C ASP B 191 -5.48 13.84 -16.89
N GLU B 192 -6.45 13.31 -17.72
CA GLU B 192 -6.40 13.16 -19.17
C GLU B 192 -6.48 14.53 -19.81
N ILE B 193 -6.82 15.60 -19.07
CA ILE B 193 -6.80 16.91 -19.70
C ILE B 193 -5.38 17.26 -20.15
N ILE B 194 -4.36 16.75 -19.46
CA ILE B 194 -2.99 17.09 -19.82
C ILE B 194 -2.65 16.56 -21.21
N GLU B 195 -2.87 15.26 -21.44
CA GLU B 195 -2.57 14.69 -22.75
C GLU B 195 -3.48 15.29 -23.81
N GLN B 196 -4.72 15.65 -23.43
CA GLN B 196 -5.61 16.32 -24.36
C GLN B 196 -5.04 17.66 -24.80
N LEU B 197 -4.43 18.39 -23.87
CA LEU B 197 -3.88 19.70 -24.18
C LEU B 197 -2.61 19.60 -25.00
N LEU B 198 -1.78 18.61 -24.70
CA LEU B 198 -0.54 18.42 -25.45
C LEU B 198 -0.84 18.04 -26.90
N GLU B 199 -1.91 17.26 -27.12
CA GLU B 199 -2.27 16.87 -28.48
C GLU B 199 -2.60 18.07 -29.35
N GLU B 200 -3.10 19.16 -28.75
CA GLU B 200 -3.44 20.37 -29.48
C GLU B 200 -2.32 21.39 -29.47
N ASN B 201 -1.14 20.99 -29.05
CA ASN B 201 0.05 21.87 -29.02
C ASN B 201 -0.11 23.13 -28.15
N VAL B 202 -0.90 23.02 -27.10
CA VAL B 202 -1.05 24.10 -26.14
C VAL B 202 0.21 24.10 -25.28
N LYS B 203 0.80 25.23 -25.00
CA LYS B 203 1.99 25.23 -24.23
C LYS B 203 1.71 25.09 -22.78
N LEU B 204 2.41 24.22 -22.12
CA LEU B 204 2.26 23.96 -20.75
C LEU B 204 3.63 23.83 -20.06
N GLY B 205 3.67 24.11 -18.79
CA GLY B 205 4.82 23.97 -17.96
C GLY B 205 5.03 25.10 -17.00
N VAL B 206 6.11 25.04 -16.22
CA VAL B 206 6.37 26.07 -15.23
C VAL B 206 6.50 27.45 -15.83
N ASP B 207 7.15 27.53 -16.98
CA ASP B 207 7.33 28.78 -17.65
C ASP B 207 6.03 29.45 -18.17
N TYR B 208 4.97 28.70 -18.32
CA TYR B 208 3.67 29.22 -18.77
C TYR B 208 2.66 29.30 -17.65
N ILE B 209 3.09 29.13 -16.41
CA ILE B 209 2.20 29.18 -15.26
C ILE B 209 1.03 28.22 -15.47
N ALA B 210 1.30 27.05 -16.06
CA ALA B 210 0.27 26.06 -16.37
C ALA B 210 0.91 24.72 -16.05
N TYR B 211 0.63 24.19 -14.86
CA TYR B 211 1.41 23.09 -14.31
C TYR B 211 0.71 21.78 -14.61
N PRO B 212 1.31 20.88 -15.43
CA PRO B 212 0.75 19.54 -15.58
C PRO B 212 1.17 18.70 -14.39
N LEU B 213 0.29 18.54 -13.40
CA LEU B 213 0.72 17.92 -12.16
C LEU B 213 0.98 16.43 -12.32
N GLY B 214 0.22 15.76 -13.19
CA GLY B 214 0.21 14.32 -13.23
C GLY B 214 -1.22 13.80 -13.28
N ASN B 215 -1.49 12.68 -12.62
CA ASN B 215 -2.82 12.09 -12.56
C ASN B 215 -3.13 11.73 -11.11
N PHE B 216 -4.41 11.46 -10.84
CA PHE B 216 -4.83 10.81 -9.60
C PHE B 216 -4.34 11.63 -8.40
N THR B 217 -3.57 11.07 -7.47
CA THR B 217 -3.26 11.81 -6.27
C THR B 217 -2.35 13.01 -6.52
N GLN B 218 -1.77 13.12 -7.71
CA GLN B 218 -0.97 14.31 -8.00
C GLN B 218 -1.80 15.58 -7.94
N VAL B 219 -3.13 15.49 -7.91
CA VAL B 219 -3.92 16.70 -7.76
C VAL B 219 -3.51 17.45 -6.48
N VAL B 220 -2.99 16.74 -5.48
CA VAL B 220 -2.72 17.41 -4.22
C VAL B 220 -1.61 18.44 -4.36
N HIS B 221 -0.84 18.40 -5.45
CA HIS B 221 0.21 19.39 -5.69
C HIS B 221 -0.35 20.75 -6.09
N ALA B 222 -1.64 20.85 -6.42
CA ALA B 222 -2.26 22.16 -6.42
C ALA B 222 -2.42 22.65 -4.98
N ALA B 223 -2.91 21.77 -4.11
CA ALA B 223 -3.21 22.17 -2.74
C ALA B 223 -1.95 22.55 -1.98
N ASN B 224 -0.90 21.71 -2.01
CA ASN B 224 0.27 22.08 -1.22
C ASN B 224 0.94 23.31 -1.81
N TYR B 225 0.67 23.65 -3.08
CA TYR B 225 1.15 24.92 -3.60
C TYR B 225 0.36 26.08 -2.98
N ALA B 226 -0.97 26.00 -3.04
CA ALA B 226 -1.77 27.14 -2.58
C ALA B 226 -1.55 27.37 -1.09
N LEU B 227 -1.48 26.31 -0.30
CA LEU B 227 -1.33 26.47 1.13
C LEU B 227 0.00 27.09 1.48
N ARG B 228 1.03 26.87 0.64
CA ARG B 228 2.32 27.47 0.95
C ARG B 228 2.23 28.98 0.92
N ALA B 229 1.29 29.53 0.15
CA ALA B 229 1.17 30.98 0.10
C ALA B 229 0.94 31.52 1.49
N GLY B 230 0.00 30.93 2.23
CA GLY B 230 -0.28 31.44 3.55
C GLY B 230 0.87 31.17 4.50
N LEU B 231 1.54 30.04 4.31
CA LEU B 231 2.71 29.72 5.11
C LEU B 231 3.89 30.62 4.75
N MET B 232 3.96 31.09 3.53
CA MET B 232 5.15 31.83 3.07
C MET B 232 4.83 33.33 3.29
N PHE B 233 4.19 34.01 2.35
CA PHE B 233 3.97 35.45 2.43
C PHE B 233 3.10 35.81 3.62
N GLY B 234 2.10 34.99 3.92
CA GLY B 234 1.16 35.36 4.96
C GLY B 234 1.74 35.28 6.36
N GLY B 235 2.82 34.54 6.53
CA GLY B 235 3.37 34.37 7.86
C GLY B 235 2.44 33.68 8.83
N ILE B 236 1.46 32.93 8.32
CA ILE B 236 0.48 32.30 9.19
C ILE B 236 1.09 31.04 9.79
N ALA B 237 0.97 30.90 11.10
CA ALA B 237 1.70 29.86 11.81
C ALA B 237 1.24 28.47 11.37
N PRO B 238 2.14 27.50 11.34
CA PRO B 238 1.71 26.13 11.06
C PRO B 238 0.67 25.70 12.09
N GLY B 239 -0.34 24.97 11.62
CA GLY B 239 -1.34 24.41 12.47
C GLY B 239 -2.51 25.31 12.80
N LEU B 240 -2.49 26.57 12.38
CA LEU B 240 -3.62 27.48 12.62
C LEU B 240 -4.63 27.26 11.51
N ARG B 241 -5.50 26.28 11.70
CA ARG B 241 -6.27 25.71 10.59
C ARG B 241 -7.24 26.71 9.99
N ASP B 242 -8.09 27.32 10.82
CA ASP B 242 -9.07 28.25 10.27
C ASP B 242 -8.40 29.53 9.77
N ALA B 243 -7.25 29.90 10.33
CA ALA B 243 -6.54 31.06 9.79
C ALA B 243 -6.05 30.80 8.37
N HIS B 244 -5.52 29.60 8.12
CA HIS B 244 -5.10 29.25 6.77
C HIS B 244 -6.29 29.15 5.83
N ARG B 245 -7.39 28.55 6.28
CA ARG B 245 -8.56 28.48 5.40
C ARG B 245 -9.07 29.87 5.07
N ASP B 246 -9.05 30.77 6.05
CA ASP B 246 -9.48 32.15 5.84
C ASP B 246 -8.55 32.87 4.86
N TYR B 247 -7.25 32.65 4.98
CA TYR B 247 -6.29 33.24 4.04
C TYR B 247 -6.54 32.73 2.63
N GLN B 248 -6.80 31.43 2.49
CA GLN B 248 -7.06 30.89 1.16
C GLN B 248 -8.32 31.49 0.56
N ARG B 249 -9.41 31.50 1.33
CA ARG B 249 -10.68 32.00 0.81
C ARG B 249 -10.55 33.48 0.44
N ARG B 250 -9.87 34.26 1.26
CA ARG B 250 -9.85 35.69 1.03
C ARG B 250 -8.87 36.10 -0.05
N ARG B 251 -7.77 35.35 -0.25
CA ARG B 251 -6.69 35.81 -1.09
C ARG B 251 -6.32 34.90 -2.26
N VAL B 252 -6.47 33.58 -2.12
CA VAL B 252 -6.15 32.63 -3.18
C VAL B 252 -7.43 32.38 -3.97
N LEU B 253 -7.60 33.09 -5.08
CA LEU B 253 -8.86 33.06 -5.84
C LEU B 253 -8.87 31.84 -6.77
N ALA B 254 -8.88 30.68 -6.14
CA ALA B 254 -8.91 29.40 -6.85
C ALA B 254 -10.32 28.85 -6.97
N PHE B 255 -10.53 28.08 -8.04
CA PHE B 255 -11.73 27.28 -8.25
C PHE B 255 -11.30 26.00 -8.94
N VAL B 256 -12.19 25.00 -8.90
CA VAL B 256 -11.94 23.70 -9.53
C VAL B 256 -12.87 23.59 -10.74
N LEU B 257 -12.30 23.16 -11.87
CA LEU B 257 -13.08 22.71 -13.01
C LEU B 257 -13.03 21.19 -13.01
N TYR B 258 -14.18 20.58 -12.76
CA TYR B 258 -14.30 19.13 -12.63
C TYR B 258 -14.90 18.65 -13.95
N LEU B 259 -14.04 18.23 -14.87
CA LEU B 259 -14.47 17.90 -16.22
C LEU B 259 -14.55 16.40 -16.40
N GLY B 260 -15.56 15.95 -17.14
CA GLY B 260 -15.70 14.56 -17.46
C GLY B 260 -16.42 13.76 -16.40
N GLU B 261 -16.45 12.44 -16.62
CA GLU B 261 -17.19 11.54 -15.76
C GLU B 261 -16.65 11.57 -14.34
N HIS B 262 -17.56 11.65 -13.38
CA HIS B 262 -17.16 11.68 -11.99
C HIS B 262 -16.69 10.31 -11.51
N ASP B 263 -15.84 10.35 -10.49
CA ASP B 263 -15.53 9.15 -9.72
C ASP B 263 -15.30 9.58 -8.28
N MET B 264 -15.37 8.59 -7.37
CA MET B 264 -15.49 8.90 -5.96
C MET B 264 -14.30 9.70 -5.45
N VAL B 265 -13.09 9.35 -5.90
CA VAL B 265 -11.90 9.98 -5.36
C VAL B 265 -11.76 11.39 -5.89
N LYS B 266 -12.08 11.61 -7.16
CA LYS B 266 -12.05 12.97 -7.69
C LYS B 266 -13.06 13.84 -6.98
N THR B 267 -14.24 13.29 -6.67
CA THR B 267 -15.27 14.08 -5.99
C THR B 267 -14.84 14.40 -4.56
N ALA B 268 -14.19 13.46 -3.88
CA ALA B 268 -13.70 13.74 -2.53
C ALA B 268 -12.58 14.79 -2.55
N ALA B 269 -11.71 14.74 -3.56
CA ALA B 269 -10.69 15.77 -3.69
C ALA B 269 -11.30 17.15 -3.93
N ALA B 270 -12.33 17.21 -4.80
CA ALA B 270 -12.99 18.47 -5.04
C ALA B 270 -13.65 18.99 -3.76
N MET B 271 -14.21 18.09 -2.96
CA MET B 271 -14.79 18.54 -1.70
C MET B 271 -13.73 19.05 -0.75
N GLY B 272 -12.48 18.56 -0.85
CA GLY B 272 -11.42 19.18 -0.07
C GLY B 272 -11.17 20.63 -0.49
N ALA B 273 -11.25 20.88 -1.80
CA ALA B 273 -11.19 22.27 -2.25
C ALA B 273 -12.30 23.10 -1.60
N ILE B 274 -13.53 22.56 -1.60
CA ILE B 274 -14.65 23.31 -0.99
C ILE B 274 -14.37 23.56 0.48
N PHE B 275 -13.72 22.59 1.12
CA PHE B 275 -13.41 22.71 2.54
C PHE B 275 -12.56 23.93 2.81
N THR B 276 -11.65 24.26 1.90
CA THR B 276 -10.86 25.47 2.16
C THR B 276 -11.39 26.72 1.44
N GLY B 277 -12.60 26.69 0.88
CA GLY B 277 -13.21 27.89 0.31
C GLY B 277 -13.17 28.02 -1.19
N PHE B 278 -12.77 26.98 -1.93
CA PHE B 278 -12.71 27.03 -3.39
C PHE B 278 -13.95 26.36 -3.97
N PRO B 279 -14.75 27.03 -4.79
CA PRO B 279 -15.91 26.36 -5.41
C PRO B 279 -15.52 25.41 -6.52
N VAL B 280 -16.45 24.50 -6.83
CA VAL B 280 -16.28 23.47 -7.85
C VAL B 280 -17.35 23.64 -8.93
N ILE B 281 -16.91 23.70 -10.17
CA ILE B 281 -17.79 23.81 -11.33
C ILE B 281 -17.51 22.61 -12.23
N THR B 282 -18.54 21.83 -12.53
CA THR B 282 -18.40 20.64 -13.36
C THR B 282 -19.18 20.83 -14.66
N ASP B 283 -18.69 20.21 -15.73
CA ASP B 283 -19.46 20.21 -16.97
C ASP B 283 -20.52 19.12 -17.01
N GLN B 284 -20.52 18.21 -16.03
CA GLN B 284 -21.50 17.14 -15.99
C GLN B 284 -22.88 17.65 -15.52
N PRO B 285 -23.96 17.02 -15.98
CA PRO B 285 -25.27 17.29 -15.37
C PRO B 285 -25.31 16.87 -13.91
N LEU B 286 -26.03 17.63 -13.10
CA LEU B 286 -26.19 17.31 -11.68
C LEU B 286 -27.66 17.24 -11.28
N PRO B 287 -28.13 16.10 -10.75
CA PRO B 287 -29.44 16.08 -10.11
C PRO B 287 -29.43 16.92 -8.85
N GLU B 288 -30.62 17.34 -8.42
CA GLU B 288 -30.71 18.31 -7.33
C GLU B 288 -29.99 17.81 -6.08
N ASP B 289 -29.90 16.48 -5.90
CA ASP B 289 -29.24 15.90 -4.74
C ASP B 289 -27.76 15.60 -4.98
N LYS B 290 -27.17 16.13 -6.06
CA LYS B 290 -25.72 16.09 -6.23
C LYS B 290 -25.15 17.47 -6.54
N GLN B 291 -25.76 18.52 -5.99
CA GLN B 291 -25.24 19.86 -6.20
C GLN B 291 -25.41 20.68 -4.92
N ILE B 292 -24.57 21.70 -4.80
CA ILE B 292 -24.67 22.67 -3.71
C ILE B 292 -24.60 24.06 -4.30
N LYS B 293 -25.55 24.91 -3.95
CA LYS B 293 -25.55 26.27 -4.48
C LYS B 293 -24.26 26.97 -4.11
N ASP B 294 -23.65 27.61 -5.12
CA ASP B 294 -22.42 28.41 -5.03
C ASP B 294 -21.19 27.61 -4.65
N TRP B 295 -21.27 26.26 -4.58
CA TRP B 295 -20.11 25.47 -4.18
C TRP B 295 -19.84 24.23 -5.01
N PHE B 296 -20.85 23.53 -5.53
CA PHE B 296 -20.68 22.33 -6.37
C PHE B 296 -21.82 22.40 -7.39
N ILE B 297 -21.53 22.98 -8.56
CA ILE B 297 -22.56 23.37 -9.51
C ILE B 297 -22.17 22.88 -10.90
N SER B 298 -23.17 22.82 -11.78
CA SER B 298 -23.00 22.34 -13.14
C SER B 298 -23.05 23.50 -14.13
N GLU B 299 -22.11 23.51 -15.07
CA GLU B 299 -22.18 24.38 -16.24
C GLU B 299 -21.75 23.62 -17.50
N PRO B 300 -22.68 22.89 -18.14
CA PRO B 300 -22.32 22.11 -19.33
C PRO B 300 -21.89 22.93 -20.55
N ASP B 301 -22.28 24.20 -20.67
CA ASP B 301 -21.96 24.96 -21.87
C ASP B 301 -20.51 25.43 -21.77
N TYR B 302 -19.64 24.84 -22.60
CA TYR B 302 -18.23 25.19 -22.56
C TYR B 302 -18.00 26.65 -22.96
N ASP B 303 -18.95 27.27 -23.66
CA ASP B 303 -18.82 28.68 -23.98
C ASP B 303 -19.03 29.56 -22.76
N LYS B 304 -19.55 29.00 -21.67
CA LYS B 304 -19.77 29.77 -20.46
C LYS B 304 -19.03 29.28 -19.22
N ILE B 305 -18.43 28.09 -19.25
CA ILE B 305 -17.96 27.50 -18.00
C ILE B 305 -16.90 28.37 -17.35
N VAL B 306 -16.09 29.07 -18.15
CA VAL B 306 -15.07 29.93 -17.59
C VAL B 306 -15.70 31.13 -16.90
N GLN B 307 -16.60 31.82 -17.61
CA GLN B 307 -17.23 33.00 -17.01
C GLN B 307 -18.03 32.61 -15.78
N THR B 308 -18.67 31.43 -15.81
CA THR B 308 -19.41 30.98 -14.63
C THR B 308 -18.47 30.76 -13.45
N ALA B 309 -17.31 30.11 -13.69
CA ALA B 309 -16.38 29.91 -12.60
C ALA B 309 -15.84 31.24 -12.08
N LEU B 310 -15.53 32.16 -12.98
CA LEU B 310 -14.98 33.43 -12.54
C LEU B 310 -15.99 34.21 -11.73
N GLU B 311 -17.27 34.16 -12.14
CA GLU B 311 -18.29 34.89 -11.41
C GLU B 311 -18.54 34.27 -10.05
N VAL B 312 -18.63 32.94 -9.98
CA VAL B 312 -18.87 32.33 -8.68
C VAL B 312 -17.69 32.55 -7.74
N ARG B 313 -16.45 32.57 -8.26
CA ARG B 313 -15.33 32.81 -7.37
C ARG B 313 -15.21 34.28 -6.98
N GLY B 314 -15.78 35.19 -7.76
CA GLY B 314 -15.56 36.61 -7.53
C GLY B 314 -14.36 37.20 -8.22
N ILE B 315 -13.88 36.60 -9.29
CA ILE B 315 -12.78 37.16 -10.08
C ILE B 315 -13.37 38.06 -11.15
N LYS B 316 -12.96 39.33 -11.16
CA LYS B 316 -13.36 40.28 -12.19
C LYS B 316 -12.16 40.56 -13.07
N ILE B 317 -12.31 40.36 -14.37
CA ILE B 317 -11.21 40.47 -15.32
C ILE B 317 -11.36 41.75 -16.13
N THR B 318 -10.26 42.47 -16.29
CA THR B 318 -10.16 43.62 -17.18
C THR B 318 -9.78 43.11 -18.56
N SER B 319 -10.47 43.60 -19.58
CA SER B 319 -10.44 43.05 -20.94
C SER B 319 -10.17 44.07 -22.04
N ILE B 320 -9.07 43.96 -22.74
CA ILE B 320 -8.96 44.60 -24.04
C ILE B 320 -9.47 43.58 -25.05
N ASP B 321 -10.30 44.01 -26.00
CA ASP B 321 -10.74 43.13 -27.08
C ASP B 321 -10.11 43.56 -28.42
N ILE B 322 -8.81 43.78 -28.42
CA ILE B 322 -8.14 44.05 -29.71
C ILE B 322 -7.98 42.67 -30.36
N ASP B 323 -8.12 42.61 -31.68
CA ASP B 323 -8.13 41.39 -32.48
C ASP B 323 -6.71 41.04 -32.89
N LEU B 324 -6.06 40.24 -32.09
CA LEU B 324 -4.76 39.77 -32.54
C LEU B 324 -4.84 38.36 -33.12
N PRO B 325 -3.99 38.04 -34.11
CA PRO B 325 -3.93 36.65 -34.60
C PRO B 325 -3.32 35.67 -33.61
N ILE B 326 -2.68 36.13 -32.54
CA ILE B 326 -2.00 35.28 -31.58
C ILE B 326 -2.67 35.43 -30.22
N ASN B 327 -2.56 34.40 -29.39
CA ASN B 327 -3.01 34.59 -28.02
C ASN B 327 -2.07 35.57 -27.34
N PHE B 328 -2.61 36.28 -26.35
CA PHE B 328 -1.89 37.34 -25.66
C PHE B 328 -2.32 37.29 -24.20
N GLY B 329 -1.36 37.39 -23.29
CA GLY B 329 -1.68 37.39 -21.88
C GLY B 329 -0.53 37.04 -20.98
N PRO B 330 -0.74 37.23 -19.67
CA PRO B 330 0.36 37.08 -18.72
C PRO B 330 1.01 35.71 -18.75
N ALA B 331 0.27 34.66 -19.10
CA ALA B 331 0.80 33.30 -19.06
C ALA B 331 2.02 33.12 -19.98
N PHE B 332 2.10 33.89 -21.05
CA PHE B 332 3.16 33.72 -22.05
C PHE B 332 4.39 34.56 -21.77
N GLU B 333 4.40 35.33 -20.69
CA GLU B 333 5.53 36.21 -20.44
C GLU B 333 6.84 35.45 -20.33
N GLY B 334 6.82 34.26 -19.73
CA GLY B 334 8.02 33.54 -19.37
C GLY B 334 8.61 32.64 -20.43
N GLU B 335 8.04 32.60 -21.62
CA GLU B 335 8.50 31.68 -22.65
C GLU B 335 9.87 32.06 -23.20
N SER B 336 10.51 31.05 -23.78
CA SER B 336 11.72 31.17 -24.57
C SER B 336 11.38 30.78 -26.01
N ILE B 337 12.00 31.44 -26.97
CA ILE B 337 11.90 31.04 -28.38
C ILE B 337 13.27 30.53 -28.81
N ARG B 338 13.39 29.21 -28.94
CA ARG B 338 14.65 28.63 -29.37
C ARG B 338 14.91 28.95 -30.84
N LYS B 339 16.20 28.94 -31.19
CA LYS B 339 16.59 29.32 -32.54
C LYS B 339 15.87 28.49 -33.60
N GLY B 340 15.62 27.21 -33.32
CA GLY B 340 14.95 26.40 -34.31
C GLY B 340 13.49 26.74 -34.46
N ASP B 341 12.92 27.45 -33.49
CA ASP B 341 11.53 27.89 -33.52
C ASP B 341 11.39 29.37 -33.87
N MET B 342 12.51 30.08 -33.99
CA MET B 342 12.63 31.52 -34.18
C MET B 342 12.33 31.87 -35.65
N HIS B 343 11.27 32.63 -35.95
CA HIS B 343 11.07 33.07 -37.31
C HIS B 343 11.88 34.32 -37.64
N VAL B 344 11.92 35.29 -36.73
CA VAL B 344 12.73 36.49 -36.96
C VAL B 344 13.19 37.06 -35.64
N GLU B 345 14.33 37.75 -35.67
CA GLU B 345 14.84 38.43 -34.49
C GLU B 345 15.35 39.81 -34.86
N PHE B 346 15.41 40.67 -33.84
CA PHE B 346 15.84 42.05 -33.99
C PHE B 346 16.71 42.40 -32.80
N GLY B 347 17.68 43.28 -33.03
CA GLY B 347 18.49 43.75 -31.92
C GLY B 347 19.48 42.70 -31.42
N GLY B 348 19.68 42.69 -30.10
CA GLY B 348 20.74 41.87 -29.57
C GLY B 348 22.03 42.44 -30.11
N GLY B 349 22.99 41.59 -30.39
CA GLY B 349 24.17 42.10 -31.06
C GLY B 349 24.08 42.08 -32.57
N LYS B 350 22.95 41.61 -33.12
CA LYS B 350 22.85 41.26 -34.53
C LYS B 350 22.37 42.38 -35.44
N THR B 351 21.42 43.20 -35.00
CA THR B 351 20.96 44.34 -35.78
C THR B 351 20.79 45.51 -34.80
N PRO B 352 20.86 46.74 -35.31
CA PRO B 352 20.59 47.89 -34.44
C PRO B 352 19.16 47.86 -33.91
N SER B 353 18.98 48.31 -32.68
CA SER B 353 17.64 48.34 -32.10
C SER B 353 17.59 49.34 -30.96
N PHE B 354 16.40 49.89 -30.75
CA PHE B 354 16.11 50.72 -29.59
C PHE B 354 14.60 50.71 -29.39
N GLU B 355 14.18 51.14 -28.20
CA GLU B 355 12.78 51.38 -27.89
C GLU B 355 12.71 52.71 -27.16
N LEU B 356 11.64 53.45 -27.39
CA LEU B 356 11.55 54.76 -26.77
C LEU B 356 10.10 55.18 -26.54
N VAL B 357 9.82 55.62 -25.32
CA VAL B 357 8.57 56.30 -25.00
C VAL B 357 8.87 57.78 -24.91
N ARG B 358 7.98 58.59 -25.47
CA ARG B 358 8.24 60.02 -25.57
C ARG B 358 6.96 60.81 -25.40
N MET B 359 6.95 61.67 -24.39
CA MET B 359 5.89 62.65 -24.23
C MET B 359 5.94 63.68 -25.36
N VAL B 360 4.78 63.95 -25.96
CA VAL B 360 4.65 64.92 -27.04
C VAL B 360 3.44 65.80 -26.74
N GLY B 361 3.32 66.89 -27.48
CA GLY B 361 2.23 67.82 -27.33
C GLY B 361 0.97 67.36 -28.04
N PRO B 362 -0.14 68.02 -27.73
CA PRO B 362 -1.44 67.60 -28.28
C PRO B 362 -1.57 67.68 -29.79
N ASP B 363 -0.88 68.61 -30.45
CA ASP B 363 -1.25 68.88 -31.84
C ASP B 363 -0.68 67.86 -32.82
N GLU B 364 0.61 67.53 -32.72
CA GLU B 364 1.21 66.64 -33.72
C GLU B 364 1.28 65.19 -33.22
N ILE B 365 0.12 64.63 -32.85
CA ILE B 365 0.02 63.20 -32.51
C ILE B 365 -1.30 62.74 -33.11
N GLU B 366 -1.27 61.62 -33.82
CA GLU B 366 -2.48 61.05 -34.42
C GLU B 366 -2.84 59.83 -33.59
N ASP B 367 -3.85 59.98 -32.74
CA ASP B 367 -4.23 58.92 -31.83
C ASP B 367 -4.61 57.66 -32.60
N GLY B 368 -4.13 56.52 -32.10
CA GLY B 368 -4.44 55.23 -32.66
C GLY B 368 -3.65 54.84 -33.88
N LYS B 369 -2.83 55.73 -34.41
CA LYS B 369 -2.08 55.41 -35.61
C LYS B 369 -0.94 54.46 -35.27
N VAL B 370 -0.97 53.28 -35.87
CA VAL B 370 0.10 52.31 -35.76
C VAL B 370 0.69 52.15 -37.15
N GLU B 371 1.97 52.44 -37.30
CA GLU B 371 2.59 52.43 -38.62
C GLU B 371 3.92 51.70 -38.58
N VAL B 372 4.08 50.76 -39.52
CA VAL B 372 5.36 50.10 -39.78
C VAL B 372 6.00 50.80 -40.97
N ILE B 373 7.27 51.18 -40.80
CA ILE B 373 8.04 51.92 -41.79
C ILE B 373 9.27 51.09 -42.10
N GLY B 374 9.28 50.47 -43.28
CA GLY B 374 10.30 49.52 -43.63
C GLY B 374 9.70 48.16 -43.92
N PRO B 375 10.55 47.21 -44.34
CA PRO B 375 10.06 45.85 -44.60
C PRO B 375 9.52 45.18 -43.34
N ASP B 376 8.49 44.34 -43.54
CA ASP B 376 7.91 43.57 -42.45
C ASP B 376 8.56 42.19 -42.36
N ILE B 377 8.09 41.38 -41.41
CA ILE B 377 8.78 40.13 -41.07
C ILE B 377 8.52 39.02 -42.07
N ASP B 378 7.56 39.19 -42.97
CA ASP B 378 7.43 38.25 -44.09
C ASP B 378 8.44 38.56 -45.19
N SER B 379 9.29 39.57 -45.02
CA SER B 379 10.32 39.92 -45.98
C SER B 379 11.66 39.20 -45.77
N VAL B 380 11.81 38.41 -44.71
CA VAL B 380 13.07 37.77 -44.37
C VAL B 380 12.92 36.26 -44.45
N GLU B 381 14.05 35.56 -44.62
CA GLU B 381 14.05 34.12 -44.50
C GLU B 381 13.70 33.73 -43.06
N PRO B 382 13.05 32.58 -42.85
CA PRO B 382 12.87 32.12 -41.46
C PRO B 382 14.24 31.93 -40.82
N GLY B 383 14.35 32.36 -39.57
CA GLY B 383 15.66 32.47 -38.93
C GLY B 383 16.39 33.75 -39.23
N GLY B 384 15.79 34.67 -39.98
CA GLY B 384 16.42 35.91 -40.37
C GLY B 384 16.29 37.00 -39.33
N ARG B 385 16.69 38.21 -39.73
CA ARG B 385 16.82 39.32 -38.79
C ARG B 385 16.52 40.64 -39.48
N LEU B 386 16.09 41.61 -38.67
CA LEU B 386 15.86 42.98 -39.11
C LEU B 386 16.29 43.93 -38.01
N PRO B 387 16.64 45.17 -38.37
CA PRO B 387 16.71 46.25 -37.39
C PRO B 387 15.31 46.56 -36.86
N ILE B 388 15.24 47.17 -35.68
CA ILE B 388 13.95 47.63 -35.19
C ILE B 388 14.13 48.83 -34.26
N GLY B 389 13.32 49.85 -34.49
CA GLY B 389 13.23 50.99 -33.62
C GLY B 389 11.77 51.24 -33.31
N ILE B 390 11.39 51.19 -32.04
CA ILE B 390 10.01 51.35 -31.63
C ILE B 390 9.87 52.69 -30.95
N VAL B 391 9.01 53.55 -31.50
CA VAL B 391 8.75 54.87 -30.95
C VAL B 391 7.28 54.93 -30.53
N VAL B 392 7.06 55.10 -29.24
CA VAL B 392 5.73 55.22 -28.66
C VAL B 392 5.57 56.67 -28.24
N ASP B 393 4.81 57.44 -29.01
CA ASP B 393 4.50 58.82 -28.66
C ASP B 393 3.25 58.85 -27.80
N ILE B 394 3.31 59.64 -26.72
CA ILE B 394 2.25 59.72 -25.71
C ILE B 394 1.92 61.19 -25.51
N TYR B 395 0.65 61.54 -25.70
CA TYR B 395 0.15 62.81 -25.23
C TYR B 395 -0.83 62.59 -24.09
N GLY B 396 -0.74 63.40 -23.06
CA GLY B 396 -1.70 63.33 -21.97
C GLY B 396 -1.75 64.62 -21.20
N ARG B 397 -2.90 65.10 -20.69
CA ARG B 397 -3.06 66.34 -19.93
C ARG B 397 -2.19 66.20 -18.68
N LYS B 398 -2.15 65.02 -18.08
CA LYS B 398 -1.36 64.83 -16.88
C LYS B 398 -0.06 64.06 -17.14
N MET B 399 0.33 63.89 -18.40
CA MET B 399 1.61 63.24 -18.68
C MET B 399 2.74 64.10 -18.10
N GLN B 400 3.83 63.43 -17.73
CA GLN B 400 5.02 64.12 -17.25
C GLN B 400 6.22 63.51 -17.94
N GLU B 401 7.25 64.33 -18.16
CA GLU B 401 8.47 63.78 -18.73
C GLU B 401 9.03 62.71 -17.80
N ASP B 402 8.80 62.90 -16.49
CA ASP B 402 9.21 61.93 -15.48
CA ASP B 402 9.28 61.93 -15.52
C ASP B 402 8.62 60.55 -15.73
N PHE B 403 7.43 60.51 -16.32
CA PHE B 403 6.76 59.24 -16.55
C PHE B 403 7.33 58.48 -17.73
N GLU B 404 8.10 59.13 -18.61
CA GLU B 404 8.54 58.42 -19.81
C GLU B 404 9.28 57.13 -19.50
N PRO B 405 10.33 57.13 -18.68
CA PRO B 405 11.05 55.87 -18.41
C PRO B 405 10.16 54.79 -17.80
N VAL B 406 9.25 55.19 -16.91
CA VAL B 406 8.38 54.20 -16.26
C VAL B 406 7.55 53.48 -17.32
N LEU B 407 6.91 54.25 -18.18
CA LEU B 407 6.11 53.66 -19.24
C LEU B 407 6.96 52.84 -20.18
N GLU B 408 8.20 53.28 -20.43
CA GLU B 408 9.03 52.54 -21.36
C GLU B 408 9.32 51.15 -20.82
N ARG B 409 9.38 51.02 -19.49
CA ARG B 409 9.64 49.71 -18.91
C ARG B 409 8.59 48.72 -19.34
N ARG B 410 7.37 49.19 -19.59
CA ARG B 410 6.29 48.27 -19.91
C ARG B 410 6.47 47.59 -21.25
N ILE B 411 7.25 48.16 -22.19
CA ILE B 411 7.28 47.55 -23.51
C ILE B 411 7.72 46.10 -23.39
N HIS B 412 8.73 45.85 -22.56
CA HIS B 412 9.22 44.50 -22.30
C HIS B 412 8.05 43.58 -21.95
N TYR B 413 7.30 43.94 -20.92
CA TYR B 413 6.24 43.06 -20.49
C TYR B 413 5.19 42.92 -21.56
N PHE B 414 4.79 44.05 -22.16
CA PHE B 414 3.71 43.97 -23.13
C PHE B 414 4.11 43.05 -24.27
N THR B 415 5.40 43.06 -24.65
CA THR B 415 5.80 42.27 -25.80
C THR B 415 5.81 40.79 -25.46
N ASN B 416 6.31 40.47 -24.26
CA ASN B 416 6.46 39.09 -23.85
C ASN B 416 5.11 38.45 -23.62
N TYR B 417 4.07 39.25 -23.42
CA TYR B 417 2.73 38.74 -23.24
C TYR B 417 2.19 38.04 -24.47
N GLY B 418 2.72 38.37 -25.65
CA GLY B 418 2.32 37.68 -26.85
C GLY B 418 2.85 36.25 -26.86
N GLU B 419 1.98 35.33 -27.24
CA GLU B 419 2.39 33.97 -27.52
C GLU B 419 3.22 33.99 -28.80
N GLY B 420 4.51 33.64 -28.69
CA GLY B 420 5.45 33.75 -29.80
C GLY B 420 6.12 35.09 -29.97
N PHE B 421 5.83 36.07 -29.11
CA PHE B 421 6.56 37.33 -29.06
C PHE B 421 7.50 37.30 -27.85
N TRP B 422 8.71 37.84 -28.02
CA TRP B 422 9.72 37.74 -26.96
C TRP B 422 10.62 38.96 -26.97
N HIS B 423 11.04 39.37 -25.77
CA HIS B 423 11.76 40.61 -25.57
C HIS B 423 12.68 40.47 -24.36
N THR B 424 13.88 41.02 -24.47
CA THR B 424 14.74 41.17 -23.31
C THR B 424 15.53 42.47 -23.40
N ALA B 425 16.01 42.90 -22.23
CA ALA B 425 16.80 44.10 -22.04
C ALA B 425 15.96 45.37 -22.20
N GLN B 426 16.57 46.43 -22.69
CA GLN B 426 15.97 47.75 -22.61
C GLN B 426 16.67 48.71 -23.55
N ARG B 427 16.08 49.89 -23.70
CA ARG B 427 16.68 51.06 -24.36
C ARG B 427 17.23 50.64 -25.71
N ASP B 428 18.51 50.89 -26.00
CA ASP B 428 19.14 50.53 -27.27
C ASP B 428 19.86 49.19 -27.19
N LEU B 429 19.57 48.39 -26.16
CA LEU B 429 20.13 47.06 -26.00
C LEU B 429 19.08 45.97 -26.15
N THR B 430 17.91 46.31 -26.68
CA THR B 430 16.81 45.35 -26.74
C THR B 430 17.15 44.19 -27.64
N TRP B 431 16.53 43.05 -27.36
CA TRP B 431 16.59 41.90 -28.26
C TRP B 431 15.18 41.34 -28.34
N VAL B 432 14.62 41.28 -29.54
CA VAL B 432 13.24 40.85 -29.76
C VAL B 432 13.25 39.64 -30.68
N ARG B 433 12.33 38.71 -30.43
CA ARG B 433 12.19 37.53 -31.28
C ARG B 433 10.72 37.23 -31.51
N ILE B 434 10.43 36.68 -32.69
CA ILE B 434 9.09 36.29 -33.07
C ILE B 434 9.14 34.87 -33.62
N SER B 435 8.20 34.05 -33.16
CA SER B 435 8.12 32.63 -33.42
C SER B 435 7.62 32.31 -34.83
N LYS B 436 8.01 31.13 -35.32
CA LYS B 436 7.42 30.63 -36.55
C LYS B 436 5.93 30.35 -36.39
N GLU B 437 5.50 29.85 -35.21
CA GLU B 437 4.08 29.61 -35.01
C GLU B 437 3.31 30.92 -35.06
N ALA B 438 3.87 31.98 -34.47
CA ALA B 438 3.23 33.28 -34.51
C ALA B 438 3.15 33.80 -35.93
N PHE B 439 4.24 33.66 -36.69
CA PHE B 439 4.20 34.10 -38.07
C PHE B 439 3.15 33.32 -38.86
N ALA B 440 3.09 32.01 -38.65
CA ALA B 440 2.15 31.17 -39.39
C ALA B 440 0.72 31.53 -39.08
N LYS B 441 0.46 32.04 -37.87
CA LYS B 441 -0.88 32.46 -37.47
C LYS B 441 -1.25 33.81 -38.06
N GLY B 442 -0.31 34.50 -38.70
CA GLY B 442 -0.57 35.80 -39.28
C GLY B 442 -0.01 36.99 -38.52
N ALA B 443 0.77 36.76 -37.47
CA ALA B 443 1.36 37.88 -36.73
C ALA B 443 2.36 38.64 -37.60
N ARG B 444 2.26 39.98 -37.55
CA ARG B 444 3.15 40.89 -38.26
C ARG B 444 3.41 42.07 -37.34
N LEU B 445 4.36 42.93 -37.72
CA LEU B 445 4.81 43.98 -36.81
C LEU B 445 3.68 44.95 -36.45
N LYS B 446 2.69 45.12 -37.33
CA LYS B 446 1.59 46.00 -36.98
C LYS B 446 0.89 45.49 -35.72
N HIS B 447 0.82 44.17 -35.54
CA HIS B 447 0.16 43.63 -34.36
C HIS B 447 0.95 43.94 -33.10
N LEU B 448 2.28 43.97 -33.18
CA LEU B 448 3.06 44.44 -32.04
C LEU B 448 2.71 45.89 -31.72
N GLY B 449 2.55 46.71 -32.77
CA GLY B 449 2.22 48.09 -32.52
C GLY B 449 0.83 48.27 -31.91
N GLN B 450 -0.14 47.49 -32.40
CA GLN B 450 -1.49 47.57 -31.85
C GLN B 450 -1.53 47.10 -30.40
N LEU B 451 -0.77 46.06 -30.09
CA LEU B 451 -0.71 45.57 -28.71
C LEU B 451 -0.13 46.63 -27.79
N LEU B 452 0.95 47.27 -28.21
CA LEU B 452 1.52 48.33 -27.40
C LEU B 452 0.52 49.47 -27.21
N TYR B 453 -0.13 49.89 -28.29
CA TYR B 453 -1.10 50.98 -28.19
C TYR B 453 -2.18 50.65 -27.19
N ALA B 454 -2.79 49.48 -27.34
CA ALA B 454 -3.92 49.11 -26.49
C ALA B 454 -3.49 48.96 -25.04
N LYS B 455 -2.32 48.37 -24.78
CA LYS B 455 -1.93 48.14 -23.40
C LYS B 455 -1.56 49.44 -22.70
N PHE B 456 -0.90 50.37 -23.40
CA PHE B 456 -0.61 51.65 -22.78
C PHE B 456 -1.90 52.40 -22.47
N LYS B 457 -2.89 52.33 -23.36
CA LYS B 457 -4.17 52.99 -23.03
C LYS B 457 -4.85 52.32 -21.84
N GLN B 458 -4.81 50.98 -21.79
CA GLN B 458 -5.51 50.28 -20.73
C GLN B 458 -4.86 50.48 -19.36
N GLU B 459 -3.52 50.49 -19.30
CA GLU B 459 -2.85 50.50 -18.01
C GLU B 459 -2.69 51.89 -17.40
N PHE B 460 -2.76 52.95 -18.20
CA PHE B 460 -2.50 54.32 -17.72
C PHE B 460 -3.62 55.25 -18.16
N PRO B 461 -4.85 54.94 -17.77
CA PRO B 461 -5.99 55.74 -18.24
C PRO B 461 -5.93 57.20 -17.83
N SER B 462 -5.34 57.54 -16.68
CA SER B 462 -5.40 58.89 -16.15
C SER B 462 -4.29 59.81 -16.66
N ILE B 463 -3.23 59.29 -17.27
CA ILE B 463 -2.15 60.14 -17.76
C ILE B 463 -1.94 60.03 -19.26
N VAL B 464 -2.45 58.99 -19.91
CA VAL B 464 -2.34 58.82 -21.35
C VAL B 464 -3.69 59.18 -21.98
N ASP B 465 -3.69 60.20 -22.84
CA ASP B 465 -4.88 60.54 -23.61
C ASP B 465 -4.79 60.11 -25.07
N ARG B 466 -3.63 60.24 -25.70
CA ARG B 466 -3.44 59.79 -27.08
C ARG B 466 -2.12 59.03 -27.18
N VAL B 467 -2.12 58.00 -28.01
CA VAL B 467 -0.94 57.19 -28.24
C VAL B 467 -0.79 56.93 -29.73
N GLN B 468 0.44 57.07 -30.21
CA GLN B 468 0.81 56.72 -31.58
C GLN B 468 2.03 55.80 -31.49
N VAL B 469 2.07 54.77 -32.33
CA VAL B 469 3.16 53.80 -32.29
C VAL B 469 3.73 53.64 -33.69
N THR B 470 5.04 53.86 -33.81
CA THR B 470 5.73 53.71 -35.08
C THR B 470 6.88 52.72 -34.91
N ILE B 471 6.96 51.77 -35.82
CA ILE B 471 7.99 50.73 -35.81
C ILE B 471 8.82 50.86 -37.07
N TYR B 472 10.10 51.17 -36.92
CA TYR B 472 11.00 51.35 -38.05
C TYR B 472 11.89 50.12 -38.18
N THR B 473 12.03 49.61 -39.40
CA THR B 473 12.91 48.47 -39.63
C THR B 473 13.99 48.77 -40.67
N ASP B 474 14.00 49.95 -41.27
CA ASP B 474 15.10 50.32 -42.15
C ASP B 474 16.32 50.65 -41.30
N GLU B 475 17.46 50.05 -41.65
CA GLU B 475 18.61 50.11 -40.76
C GLU B 475 19.03 51.54 -40.55
N GLN B 476 18.92 52.31 -41.64
CA GLN B 476 19.71 53.52 -41.62
C GLN B 476 18.85 54.61 -40.89
N LYS B 477 17.48 54.47 -40.92
CA LYS B 477 16.56 55.27 -40.12
C LYS B 477 16.56 54.85 -38.67
N VAL B 478 16.72 53.56 -38.39
CA VAL B 478 16.82 53.10 -37.01
C VAL B 478 18.05 53.70 -36.35
N LEU B 479 19.19 53.69 -37.07
CA LEU B 479 20.41 54.26 -36.51
C LEU B 479 20.25 55.75 -36.26
N GLU B 480 19.50 56.44 -37.12
CA GLU B 480 19.30 57.87 -36.91
C GLU B 480 18.43 58.14 -35.68
N LEU B 481 17.31 57.44 -35.55
CA LEU B 481 16.43 57.68 -34.40
C LEU B 481 17.06 57.21 -33.09
N ARG B 482 17.97 56.24 -33.15
CA ARG B 482 18.65 55.79 -31.94
C ARG B 482 19.44 56.91 -31.29
N GLU B 483 19.93 57.88 -32.06
CA GLU B 483 20.62 59.01 -31.46
C GLU B 483 19.65 59.92 -30.69
N ILE B 484 18.44 60.09 -31.21
CA ILE B 484 17.42 60.84 -30.46
C ILE B 484 17.09 60.11 -29.17
N ALA B 485 16.90 58.80 -29.27
CA ALA B 485 16.62 58.00 -28.08
C ALA B 485 17.76 58.12 -27.08
N ARG B 486 19.01 58.03 -27.54
CA ARG B 486 20.15 58.11 -26.63
C ARG B 486 20.23 59.47 -25.95
N LYS B 487 19.80 60.53 -26.63
CA LYS B 487 19.72 61.81 -25.92
C LYS B 487 18.73 61.72 -24.76
N LYS B 488 17.59 61.09 -25.00
CA LYS B 488 16.63 60.91 -23.91
C LYS B 488 17.22 60.03 -22.79
N TYR B 489 17.93 58.96 -23.16
CA TYR B 489 18.50 58.07 -22.16
C TYR B 489 19.53 58.82 -21.30
N ALA B 490 20.29 59.73 -21.92
CA ALA B 490 21.28 60.49 -21.15
C ALA B 490 20.62 61.47 -20.21
N GLU B 491 19.53 62.12 -20.64
CA GLU B 491 18.80 62.98 -19.70
C GLU B 491 18.31 62.18 -18.50
N ARG B 492 17.81 60.97 -18.76
CA ARG B 492 17.30 60.14 -17.66
C ARG B 492 18.42 59.72 -16.72
N ASP B 493 19.57 59.34 -17.28
CA ASP B 493 20.69 58.94 -16.44
C ASP B 493 21.17 60.11 -15.59
N ALA B 494 21.12 61.33 -16.14
CA ALA B 494 21.55 62.50 -15.36
C ALA B 494 20.61 62.75 -14.18
N ARG B 495 19.29 62.64 -14.44
CA ARG B 495 18.36 62.82 -13.34
C ARG B 495 18.62 61.77 -12.26
N LEU B 496 18.87 60.52 -12.68
CA LEU B 496 19.18 59.47 -11.73
C LEU B 496 20.46 59.77 -10.95
N ARG B 497 21.45 60.33 -11.62
CA ARG B 497 22.73 60.61 -10.98
C ARG B 497 22.57 61.61 -9.85
N GLU B 498 21.60 62.52 -9.98
CA GLU B 498 21.48 63.50 -8.90
C GLU B 498 20.90 62.92 -7.61
N LEU B 499 20.36 61.70 -7.64
CA LEU B 499 19.62 61.18 -6.49
C LEU B 499 20.54 60.44 -5.53
N SER B 500 20.23 60.56 -4.24
CA SER B 500 20.95 59.87 -3.18
C SER B 500 20.06 59.86 -1.95
N ASP B 501 20.41 59.02 -0.98
CA ASP B 501 19.62 58.97 0.25
C ASP B 501 19.63 60.31 0.97
N GLU B 502 20.77 61.03 0.89
CA GLU B 502 20.91 62.30 1.60
C GLU B 502 20.20 63.46 0.87
N ALA B 503 20.28 63.49 -0.46
CA ALA B 503 19.80 64.63 -1.22
C ALA B 503 18.30 64.68 -1.35
N VAL B 504 17.63 63.60 -1.01
CA VAL B 504 16.19 63.49 -1.18
C VAL B 504 15.54 63.61 0.21
N ASP B 505 14.44 64.31 0.35
CA ASP B 505 13.79 64.49 1.64
C ASP B 505 12.60 63.56 1.82
N THR B 506 12.32 62.69 0.86
CA THR B 506 11.14 61.84 0.90
C THR B 506 11.51 60.46 0.38
N TYR B 507 11.25 59.42 1.17
CA TYR B 507 11.31 58.03 0.71
C TYR B 507 9.88 57.56 0.48
N TYR B 508 9.71 56.39 -0.13
CA TYR B 508 8.37 55.93 -0.44
C TYR B 508 8.09 54.56 0.16
N SER B 509 6.92 54.42 0.75
CA SER B 509 6.43 53.11 1.13
C SER B 509 6.05 52.32 -0.12
N CYS B 510 6.07 51.00 0.02
CA CYS B 510 5.36 50.12 -0.90
C CYS B 510 4.61 49.09 -0.06
N LEU B 511 3.29 49.07 -0.26
CA LEU B 511 2.38 48.13 0.38
C LEU B 511 1.73 47.17 -0.61
N LEU B 512 2.29 47.07 -1.83
CA LEU B 512 1.63 46.30 -2.87
C LEU B 512 1.46 44.83 -2.47
N CYS B 513 2.43 44.28 -1.73
CA CYS B 513 2.41 42.87 -1.40
C CYS B 513 1.54 42.54 -0.20
N GLN B 514 0.95 43.54 0.46
CA GLN B 514 0.10 43.28 1.62
C GLN B 514 -1.19 42.54 1.25
N SER B 515 -1.56 42.51 -0.04
CA SER B 515 -2.61 41.60 -0.49
C SER B 515 -2.31 40.16 -0.03
N PHE B 516 -1.04 39.80 0.06
CA PHE B 516 -0.66 38.46 0.51
C PHE B 516 0.26 38.43 1.73
N ALA B 517 0.85 39.55 2.12
CA ALA B 517 1.80 39.62 3.23
C ALA B 517 1.38 40.78 4.13
N PRO B 518 0.32 40.60 4.92
CA PRO B 518 -0.37 41.74 5.54
C PRO B 518 0.50 42.58 6.49
N THR B 519 1.48 41.99 7.17
CA THR B 519 2.31 42.74 8.09
C THR B 519 3.54 43.33 7.43
N HIS B 520 3.79 43.06 6.16
CA HIS B 520 5.05 43.47 5.54
C HIS B 520 4.96 44.84 4.89
N VAL B 521 5.96 45.68 5.16
CA VAL B 521 6.06 47.02 4.59
C VAL B 521 7.43 47.20 3.98
N CYS B 522 7.48 47.64 2.72
CA CYS B 522 8.75 48.07 2.15
C CYS B 522 8.92 49.58 2.24
N ILE B 523 10.15 50.02 2.51
CA ILE B 523 10.55 51.42 2.37
C ILE B 523 11.58 51.47 1.25
N VAL B 524 11.29 52.25 0.20
CA VAL B 524 12.16 52.39 -0.96
C VAL B 524 12.82 53.76 -0.88
N SER B 525 14.16 53.75 -0.88
CA SER B 525 14.95 54.96 -0.88
C SER B 525 15.76 54.97 -2.19
N PRO B 526 16.38 56.10 -2.53
CA PRO B 526 17.11 56.17 -3.80
C PRO B 526 18.17 55.10 -3.94
N GLU B 527 18.80 54.71 -2.82
CA GLU B 527 19.90 53.77 -2.84
C GLU B 527 19.51 52.39 -2.32
N ARG B 528 18.22 52.10 -2.14
CA ARG B 528 17.78 50.75 -1.81
C ARG B 528 16.48 50.44 -2.55
N VAL B 529 16.61 49.66 -3.63
CA VAL B 529 15.47 49.16 -4.38
C VAL B 529 14.63 48.22 -3.52
N GLY B 530 13.37 48.08 -3.89
CA GLY B 530 12.55 47.06 -3.25
C GLY B 530 13.11 45.66 -3.48
N LEU B 531 12.89 44.80 -2.48
CA LEU B 531 13.50 43.48 -2.46
C LEU B 531 13.00 42.62 -3.60
N CYS B 532 11.88 42.97 -4.17
CA CYS B 532 11.46 42.24 -5.37
C CYS B 532 12.42 42.55 -6.53
N GLY B 533 13.16 43.67 -6.49
CA GLY B 533 14.00 44.04 -7.61
C GLY B 533 13.30 44.94 -8.60
N ALA B 534 11.98 45.09 -8.48
CA ALA B 534 11.23 45.77 -9.53
C ALA B 534 10.88 47.22 -9.22
N ILE B 535 11.01 47.68 -7.98
CA ILE B 535 10.53 49.00 -7.59
C ILE B 535 11.70 49.81 -7.07
N SER B 536 12.19 50.73 -7.89
CA SER B 536 13.16 51.73 -7.45
C SER B 536 12.41 52.97 -6.97
N TRP B 537 13.17 53.90 -6.37
CA TRP B 537 12.61 55.11 -5.80
C TRP B 537 11.82 55.90 -6.83
N LEU B 538 12.38 56.09 -8.04
CA LEU B 538 11.64 56.80 -9.07
C LEU B 538 10.38 56.04 -9.48
N ASP B 539 10.42 54.70 -9.47
CA ASP B 539 9.23 53.94 -9.81
C ASP B 539 8.14 54.19 -8.78
N ALA B 540 8.50 54.15 -7.49
CA ALA B 540 7.51 54.37 -6.44
C ALA B 540 6.97 55.79 -6.47
N LYS B 541 7.83 56.76 -6.75
CA LYS B 541 7.39 58.16 -6.82
C LYS B 541 6.42 58.36 -7.96
N ALA B 542 6.75 57.81 -9.14
CA ALA B 542 5.82 57.92 -10.27
C ALA B 542 4.52 57.20 -9.99
N ALA B 543 4.58 56.05 -9.31
CA ALA B 543 3.35 55.33 -9.01
C ALA B 543 2.46 56.16 -8.09
N TYR B 544 3.06 56.85 -7.13
CA TYR B 544 2.28 57.73 -6.26
C TYR B 544 1.71 58.91 -7.04
N GLU B 545 2.51 59.50 -7.93
CA GLU B 545 2.05 60.67 -8.69
C GLU B 545 0.95 60.29 -9.67
N ILE B 546 0.92 59.05 -10.15
CA ILE B 546 -0.16 58.62 -11.01
C ILE B 546 -1.38 58.26 -10.19
N ASN B 547 -1.17 57.58 -9.05
CA ASN B 547 -2.27 57.11 -8.22
C ASN B 547 -2.01 57.41 -6.74
N PRO B 548 -2.37 58.62 -6.28
CA PRO B 548 -2.16 58.95 -4.86
C PRO B 548 -2.89 57.99 -3.92
N ASN B 549 -3.93 57.33 -4.41
CA ASN B 549 -4.69 56.35 -3.64
C ASN B 549 -4.00 55.02 -3.50
N GLY B 550 -2.88 54.81 -4.17
CA GLY B 550 -2.29 53.51 -4.31
C GLY B 550 -1.37 53.10 -3.18
N PRO B 551 -0.70 51.96 -3.37
CA PRO B 551 0.11 51.38 -2.28
C PRO B 551 1.49 51.98 -2.10
N ASN B 552 1.84 53.05 -2.81
CA ASN B 552 3.08 53.77 -2.59
C ASN B 552 2.78 55.18 -2.11
N GLN B 553 3.32 55.55 -0.96
CA GLN B 553 3.06 56.87 -0.41
C GLN B 553 4.36 57.55 0.00
N PRO B 554 4.47 58.87 -0.20
CA PRO B 554 5.62 59.60 0.31
C PRO B 554 5.67 59.56 1.85
N ILE B 555 6.88 59.43 2.38
CA ILE B 555 7.13 59.56 3.81
C ILE B 555 8.32 60.50 3.97
N PRO B 556 8.16 61.62 4.66
CA PRO B 556 9.31 62.48 4.94
C PRO B 556 10.31 61.78 5.84
N LYS B 557 11.57 62.14 5.64
CA LYS B 557 12.68 61.76 6.51
C LYS B 557 12.71 62.74 7.67
N GLU B 558 12.16 62.34 8.82
CA GLU B 558 12.04 63.23 9.96
C GLU B 558 12.23 62.42 11.24
N GLY B 559 12.59 63.13 12.30
CA GLY B 559 12.76 62.47 13.59
C GLY B 559 13.93 61.51 13.66
N LEU B 560 15.08 61.91 13.13
CA LEU B 560 16.22 61.00 13.06
C LEU B 560 16.54 60.44 14.43
N ILE B 561 16.80 59.14 14.47
CA ILE B 561 17.17 58.43 15.68
C ILE B 561 18.61 57.93 15.61
N ASP B 562 19.02 57.38 14.47
CA ASP B 562 20.33 56.76 14.32
C ASP B 562 20.84 56.97 12.89
N PRO B 563 21.65 58.00 12.66
CA PRO B 563 22.21 58.23 11.31
C PRO B 563 23.06 57.08 10.78
N VAL B 564 23.72 56.31 11.64
CA VAL B 564 24.65 55.29 11.15
C VAL B 564 23.92 54.06 10.66
N LYS B 565 23.00 53.54 11.47
CA LYS B 565 22.20 52.38 11.08
C LYS B 565 20.99 52.76 10.24
N GLY B 566 20.63 54.04 10.21
CA GLY B 566 19.56 54.51 9.36
C GLY B 566 18.17 54.31 9.94
N GLN B 567 17.90 54.90 11.11
CA GLN B 567 16.60 54.82 11.74
C GLN B 567 16.02 56.21 11.92
N TRP B 568 14.78 56.38 11.51
CA TRP B 568 14.05 57.63 11.72
C TRP B 568 12.67 57.33 12.29
N GLU B 569 12.18 58.25 13.11
CA GLU B 569 10.87 58.06 13.72
C GLU B 569 9.77 58.06 12.66
N SER B 570 9.96 58.82 11.58
CA SER B 570 8.94 58.89 10.54
C SER B 570 8.67 57.51 9.93
N PHE B 571 9.74 56.81 9.55
CA PHE B 571 9.57 55.49 8.95
C PHE B 571 9.11 54.47 9.98
N ASN B 572 9.63 54.56 11.22
CA ASN B 572 9.16 53.65 12.27
C ASN B 572 7.66 53.77 12.46
N GLU B 573 7.15 54.99 12.54
CA GLU B 573 5.73 55.21 12.78
C GLU B 573 4.89 54.71 11.61
N TYR B 574 5.32 55.01 10.38
CA TYR B 574 4.55 54.51 9.23
C TYR B 574 4.51 52.99 9.23
N ILE B 575 5.65 52.35 9.54
CA ILE B 575 5.73 50.90 9.51
C ILE B 575 4.87 50.30 10.61
N TYR B 576 4.89 50.92 11.80
CA TYR B 576 4.12 50.41 12.93
C TYR B 576 2.63 50.46 12.62
N LYS B 577 2.20 51.53 11.99
CA LYS B 577 0.79 51.70 11.62
C LYS B 577 0.39 50.68 10.56
N ASN B 578 1.28 50.39 9.63
CA ASN B 578 0.93 49.57 8.49
C ASN B 578 1.43 48.14 8.61
N SER B 579 2.02 47.78 9.76
CA SER B 579 2.40 46.41 10.07
C SER B 579 1.43 45.75 11.05
N GLN B 580 0.26 46.36 11.28
CA GLN B 580 -0.63 45.94 12.36
C GLN B 580 0.09 45.98 13.70
N ARG B 581 0.96 46.96 13.86
CA ARG B 581 1.71 47.21 15.10
C ARG B 581 2.62 46.04 15.48
N THR B 582 3.07 45.26 14.50
CA THR B 582 4.03 44.20 14.78
C THR B 582 5.49 44.65 14.70
N ILE B 583 5.77 45.73 13.97
CA ILE B 583 7.14 46.21 13.74
C ILE B 583 7.22 47.64 14.27
N GLU B 584 8.14 47.88 15.21
CA GLU B 584 8.25 49.20 15.81
C GLU B 584 9.42 50.02 15.29
N ARG B 585 10.51 49.38 14.88
CA ARG B 585 11.70 50.08 14.46
C ARG B 585 12.23 49.41 13.20
N MET B 586 12.92 50.20 12.36
CA MET B 586 13.61 49.64 11.21
C MET B 586 14.86 50.45 10.95
N ASN B 587 15.97 49.72 10.80
CA ASN B 587 17.26 50.30 10.43
C ASN B 587 17.48 50.05 8.94
N LEU B 588 17.79 51.11 8.20
CA LEU B 588 17.92 51.00 6.76
C LEU B 588 19.28 50.46 6.30
N TYR B 589 20.31 50.56 7.13
CA TYR B 589 21.68 50.33 6.67
C TYR B 589 22.34 49.14 7.35
N THR B 590 21.58 48.28 8.00
CA THR B 590 22.15 47.10 8.64
C THR B 590 21.13 45.97 8.53
N ILE B 591 21.62 44.74 8.50
CA ILE B 591 20.74 43.59 8.66
C ILE B 591 20.74 43.06 10.09
N MET B 592 21.62 43.55 10.96
CA MET B 592 21.88 42.90 12.24
C MET B 592 20.98 43.40 13.37
N GLU B 593 20.33 44.53 13.20
CA GLU B 593 19.41 45.06 14.21
C GLU B 593 18.27 45.71 13.45
N TYR B 594 17.04 45.35 13.83
CA TYR B 594 15.82 45.83 13.21
C TYR B 594 15.95 45.91 11.68
N PRO B 595 16.31 44.81 11.02
CA PRO B 595 16.29 44.79 9.56
C PRO B 595 14.88 44.98 9.03
N MET B 596 14.78 45.58 7.85
CA MET B 596 13.50 45.63 7.13
C MET B 596 12.99 44.21 6.95
N THR B 597 11.67 44.05 7.00
CA THR B 597 11.08 42.74 6.82
C THR B 597 11.05 42.36 5.34
N SER B 598 10.62 41.13 5.08
CA SER B 598 10.39 40.65 3.72
C SER B 598 9.03 39.96 3.65
N CYS B 599 8.43 40.01 2.45
CA CYS B 599 7.21 39.23 2.20
C CYS B 599 7.59 37.80 1.81
N GLY B 600 8.16 37.62 0.62
CA GLY B 600 8.66 36.30 0.26
C GLY B 600 9.15 36.19 -1.17
N CYS B 601 9.07 37.29 -1.89
CA CYS B 601 9.42 37.40 -3.30
C CYS B 601 10.84 37.89 -3.51
N PHE B 602 11.64 37.99 -2.44
CA PHE B 602 12.97 38.59 -2.56
C PHE B 602 13.78 37.88 -3.62
N GLU B 603 14.54 38.65 -4.40
CA GLU B 603 15.45 38.05 -5.37
C GLU B 603 16.57 37.30 -4.69
N ALA B 604 17.01 37.74 -3.51
CA ALA B 604 18.11 37.07 -2.85
C ALA B 604 18.01 37.26 -1.35
N ILE B 605 18.81 36.47 -0.64
CA ILE B 605 18.85 36.51 0.82
C ILE B 605 20.30 36.68 1.26
N MET B 606 20.53 37.61 2.18
CA MET B 606 21.80 37.74 2.87
C MET B 606 21.67 37.15 4.27
N ALA B 607 22.76 36.57 4.76
CA ALA B 607 22.81 36.13 6.14
C ALA B 607 24.23 36.23 6.68
N TYR B 608 24.35 36.57 7.97
CA TYR B 608 25.65 36.68 8.62
C TYR B 608 26.13 35.32 9.12
N LEU B 609 27.40 35.02 8.88
CA LEU B 609 28.02 33.78 9.35
C LEU B 609 29.13 34.16 10.33
N PRO B 610 28.93 34.04 11.64
CA PRO B 610 29.98 34.49 12.56
C PRO B 610 31.32 33.84 12.29
N GLU B 611 31.32 32.57 11.88
CA GLU B 611 32.57 31.84 11.67
C GLU B 611 33.39 32.41 10.52
N LEU B 612 32.77 33.10 9.58
CA LEU B 612 33.49 33.76 8.50
C LEU B 612 33.60 35.28 8.68
N ASN B 613 33.01 35.83 9.76
CA ASN B 613 33.04 37.26 10.04
C ASN B 613 32.48 38.08 8.89
N GLY B 614 31.50 37.53 8.18
CA GLY B 614 31.01 38.17 6.97
C GLY B 614 29.70 37.56 6.51
N PHE B 615 29.25 38.06 5.35
CA PHE B 615 27.93 37.75 4.82
C PHE B 615 28.00 36.70 3.73
N MET B 616 27.02 35.79 3.72
CA MET B 616 26.69 35.05 2.52
C MET B 616 25.50 35.68 1.84
N ILE B 617 25.45 35.55 0.51
CA ILE B 617 24.28 35.92 -0.30
C ILE B 617 23.91 34.72 -1.14
N VAL B 618 22.61 34.49 -1.31
CA VAL B 618 22.13 33.39 -2.17
C VAL B 618 20.86 33.84 -2.87
N ASN B 619 20.84 33.70 -4.20
CA ASN B 619 19.70 34.08 -5.02
C ASN B 619 18.70 32.93 -5.14
N ARG B 620 17.45 33.31 -5.44
CA ARG B 620 16.37 32.34 -5.46
C ARG B 620 16.62 31.20 -6.44
N GLU B 621 17.32 31.48 -7.55
CA GLU B 621 17.51 30.48 -8.58
C GLU B 621 18.61 29.48 -8.24
N HIS B 622 19.42 29.74 -7.23
CA HIS B 622 20.56 28.88 -6.96
C HIS B 622 20.11 27.61 -6.26
N SER B 623 20.51 26.47 -6.81
CA SER B 623 20.25 25.19 -6.18
C SER B 623 21.55 24.71 -5.53
N GLY B 624 21.49 24.46 -4.25
CA GLY B 624 22.63 23.92 -3.55
C GLY B 624 22.72 24.40 -2.12
N MET B 625 23.48 23.65 -1.33
CA MET B 625 23.74 24.01 0.05
C MET B 625 24.57 25.29 0.10
N THR B 626 24.31 26.10 1.11
CA THR B 626 25.06 27.34 1.35
C THR B 626 25.83 27.19 2.65
N PRO B 627 26.88 27.99 2.84
CA PRO B 627 27.75 27.79 4.02
C PRO B 627 27.01 27.92 5.34
N ILE B 628 25.78 28.47 5.34
CA ILE B 628 25.00 28.51 6.58
C ILE B 628 24.31 27.19 6.88
N GLY B 629 24.49 26.18 6.03
CA GLY B 629 23.84 24.91 6.24
C GLY B 629 22.43 24.82 5.71
N MET B 630 22.05 25.74 4.85
CA MET B 630 20.68 25.74 4.31
C MET B 630 20.69 26.08 2.82
N THR B 631 19.71 25.57 2.09
CA THR B 631 19.40 25.95 0.72
C THR B 631 18.65 27.28 0.73
N PHE B 632 18.52 27.89 -0.45
CA PHE B 632 17.72 29.10 -0.52
C PHE B 632 16.34 28.90 0.07
N SER B 633 15.69 27.78 -0.26
CA SER B 633 14.29 27.60 0.15
C SER B 633 14.17 27.54 1.66
N THR B 634 15.06 26.83 2.33
CA THR B 634 14.96 26.74 3.79
C THR B 634 15.23 28.10 4.43
N LEU B 635 16.27 28.81 3.98
CA LEU B 635 16.50 30.16 4.46
C LEU B 635 15.28 31.05 4.27
N ALA B 636 14.65 30.95 3.09
CA ALA B 636 13.53 31.81 2.75
C ALA B 636 12.35 31.55 3.66
N GLY B 637 12.21 30.31 4.13
CA GLY B 637 11.14 30.02 5.06
C GLY B 637 11.28 30.81 6.36
N MET B 638 12.51 31.13 6.77
CA MET B 638 12.70 31.96 7.94
C MET B 638 12.62 33.45 7.63
N VAL B 639 13.03 33.86 6.43
CA VAL B 639 13.22 35.29 6.18
C VAL B 639 11.93 36.02 5.77
N GLY B 640 10.99 35.30 5.16
CA GLY B 640 9.77 35.90 4.68
C GLY B 640 8.68 35.96 5.73
N GLY B 641 7.50 36.37 5.30
CA GLY B 641 6.33 36.41 6.15
C GLY B 641 6.14 37.68 6.94
N GLY B 642 7.00 38.68 6.77
CA GLY B 642 6.79 39.96 7.39
C GLY B 642 7.26 40.06 8.82
N THR B 643 8.20 39.21 9.22
CA THR B 643 8.77 39.18 10.56
C THR B 643 10.19 39.73 10.54
N GLN B 644 10.62 40.30 11.66
CA GLN B 644 11.93 40.91 11.77
C GLN B 644 12.95 39.88 12.22
N THR B 645 14.04 39.75 11.46
CA THR B 645 14.98 38.65 11.60
C THR B 645 16.40 39.18 11.64
N PRO B 646 16.86 39.64 12.81
CA PRO B 646 18.24 40.14 12.89
C PRO B 646 19.23 39.07 12.43
N GLY B 647 20.20 39.50 11.62
CA GLY B 647 21.14 38.59 11.01
C GLY B 647 20.74 38.00 9.67
N PHE B 648 19.54 38.30 9.18
CA PHE B 648 19.10 37.80 7.88
C PHE B 648 18.28 38.88 7.19
N MET B 649 18.36 38.94 5.86
CA MET B 649 17.54 39.92 5.17
C MET B 649 17.32 39.58 3.71
N GLY B 650 16.13 39.88 3.22
CA GLY B 650 15.80 39.72 1.81
C GLY B 650 16.07 41.00 1.05
N ILE B 651 16.63 40.86 -0.15
CA ILE B 651 17.10 42.01 -0.92
C ILE B 651 16.87 41.79 -2.42
N GLY B 652 16.84 42.91 -3.13
CA GLY B 652 17.03 42.87 -4.57
C GLY B 652 18.49 42.73 -4.94
N LYS B 653 18.74 42.06 -6.07
CA LYS B 653 20.10 41.81 -6.49
C LYS B 653 20.86 43.11 -6.74
N SER B 654 20.19 44.10 -7.31
CA SER B 654 20.86 45.35 -7.64
C SER B 654 21.29 46.13 -6.40
N TYR B 655 20.65 45.86 -5.26
CA TYR B 655 21.05 46.52 -4.01
C TYR B 655 22.49 46.18 -3.66
N ILE B 656 22.98 45.02 -4.10
CA ILE B 656 24.36 44.65 -3.84
C ILE B 656 25.32 45.66 -4.45
N GLY B 657 24.89 46.35 -5.50
CA GLY B 657 25.67 47.37 -6.15
C GLY B 657 25.51 48.78 -5.62
N SER B 658 24.71 48.97 -4.56
CA SER B 658 24.47 50.31 -4.04
C SER B 658 25.60 50.77 -3.13
N ARG B 659 25.84 52.09 -3.15
CA ARG B 659 26.80 52.67 -2.21
C ARG B 659 26.34 52.48 -0.77
N LYS B 660 25.03 52.40 -0.54
CA LYS B 660 24.49 52.22 0.80
C LYS B 660 24.30 50.76 1.20
N PHE B 661 24.70 49.82 0.34
CA PHE B 661 24.57 48.39 0.62
C PHE B 661 25.08 48.06 2.03
N VAL B 662 24.15 47.67 2.91
CA VAL B 662 24.44 47.35 4.31
C VAL B 662 25.61 48.17 4.83
N LYS B 663 25.54 49.50 4.67
CA LYS B 663 26.72 50.33 4.89
C LYS B 663 27.19 50.27 6.34
N ALA B 664 26.26 50.18 7.29
CA ALA B 664 26.63 50.15 8.70
C ALA B 664 27.31 48.84 9.10
N ASP B 665 27.09 47.76 8.35
CA ASP B 665 27.71 46.47 8.60
C ASP B 665 29.04 46.30 7.88
N GLY B 666 29.50 47.31 7.15
CA GLY B 666 30.72 47.23 6.37
C GLY B 666 30.52 47.08 4.88
N GLY B 667 29.28 46.98 4.42
CA GLY B 667 29.06 46.99 2.99
C GLY B 667 29.68 45.81 2.28
N LEU B 668 30.09 46.06 1.04
CA LEU B 668 30.58 45.00 0.17
C LEU B 668 31.81 44.30 0.74
N ALA B 669 32.63 45.01 1.50
CA ALA B 669 33.81 44.38 2.09
C ALA B 669 33.42 43.22 3.00
N ARG B 670 32.19 43.21 3.51
CA ARG B 670 31.71 42.17 4.42
C ARG B 670 31.20 40.93 3.70
N VAL B 671 31.15 40.92 2.37
CA VAL B 671 30.56 39.82 1.62
C VAL B 671 31.62 38.76 1.39
N VAL B 672 31.40 37.55 1.92
CA VAL B 672 32.38 36.49 1.84
C VAL B 672 31.95 35.29 0.98
N TRP B 673 30.67 35.17 0.63
CA TRP B 673 30.26 34.02 -0.18
C TRP B 673 29.05 34.36 -1.03
N MET B 674 29.12 34.04 -2.31
CA MET B 674 28.03 34.15 -3.26
C MET B 674 28.10 32.99 -4.24
N PRO B 675 26.98 32.61 -4.84
CA PRO B 675 27.04 31.63 -5.94
C PRO B 675 27.85 32.18 -7.11
N LYS B 676 28.58 31.28 -7.78
CA LYS B 676 29.44 31.71 -8.88
C LYS B 676 28.67 32.49 -9.94
N ASP B 677 27.51 31.96 -10.33
CA ASP B 677 26.74 32.59 -11.39
C ASP B 677 26.20 33.95 -10.97
N LEU B 678 25.76 34.08 -9.72
CA LEU B 678 25.30 35.39 -9.26
C LEU B 678 26.44 36.40 -9.28
N LYS B 679 27.64 35.95 -8.88
CA LYS B 679 28.81 36.80 -8.93
C LYS B 679 29.11 37.25 -10.34
N GLU B 680 29.02 36.34 -11.31
CA GLU B 680 29.33 36.74 -12.68
C GLU B 680 28.29 37.72 -13.20
N GLN B 681 27.01 37.48 -12.89
CA GLN B 681 25.98 38.39 -13.38
C GLN B 681 26.18 39.80 -12.85
N LEU B 682 26.76 39.92 -11.66
CA LEU B 682 26.95 41.21 -11.01
C LEU B 682 28.39 41.69 -11.09
N ARG B 683 29.21 41.08 -11.94
CA ARG B 683 30.65 41.34 -11.89
C ARG B 683 30.97 42.80 -12.16
N SER B 684 30.28 43.43 -13.11
CA SER B 684 30.64 44.79 -13.50
C SER B 684 30.40 45.77 -12.36
N ILE B 685 29.20 45.75 -11.79
CA ILE B 685 28.90 46.66 -10.68
C ILE B 685 29.73 46.28 -9.45
N ILE B 686 30.02 45.00 -9.24
CA ILE B 686 30.82 44.63 -8.09
C ILE B 686 32.24 45.19 -8.25
N GLU B 687 32.80 45.11 -9.46
CA GLU B 687 34.15 45.64 -9.67
C GLU B 687 34.16 47.16 -9.52
N GLU B 688 33.14 47.85 -10.04
CA GLU B 688 33.11 49.30 -9.91
C GLU B 688 33.01 49.72 -8.46
N ARG B 689 32.09 49.10 -7.71
CA ARG B 689 31.93 49.45 -6.31
C ARG B 689 33.13 49.07 -5.47
N ALA B 690 33.75 47.92 -5.75
CA ALA B 690 34.94 47.53 -5.01
C ALA B 690 36.06 48.55 -5.24
N GLU B 691 36.18 49.04 -6.48
CA GLU B 691 37.16 50.09 -6.74
C GLU B 691 36.85 51.34 -5.93
N GLU B 692 35.57 51.71 -5.89
CA GLU B 692 35.19 52.91 -5.13
C GLU B 692 35.47 52.75 -3.64
N GLU B 693 35.31 51.54 -3.09
CA GLU B 693 35.52 51.32 -1.68
C GLU B 693 36.99 51.29 -1.29
N GLY B 694 37.89 51.11 -2.26
CA GLY B 694 39.28 50.84 -1.96
C GLY B 694 39.60 49.38 -1.78
N LEU B 695 38.71 48.48 -2.19
CA LEU B 695 38.94 47.04 -2.09
C LEU B 695 39.76 46.48 -3.25
N GLY B 696 39.94 47.23 -4.32
CA GLY B 696 40.53 46.71 -5.55
C GLY B 696 39.50 46.09 -6.46
N ARG B 697 39.73 46.23 -7.76
CA ARG B 697 38.82 45.64 -8.74
C ARG B 697 38.81 44.12 -8.66
N ASP B 698 39.90 43.52 -8.18
CA ASP B 698 40.00 42.07 -8.02
C ASP B 698 39.39 41.56 -6.73
N PHE B 699 38.74 42.41 -5.94
CA PHE B 699 38.12 41.95 -4.71
C PHE B 699 37.15 40.82 -4.98
N ILE B 700 36.54 40.82 -6.17
CA ILE B 700 35.55 39.81 -6.53
C ILE B 700 36.14 38.40 -6.47
N ASP B 701 37.43 38.26 -6.75
CA ASP B 701 38.03 36.93 -6.72
C ASP B 701 38.31 36.44 -5.31
N LYS B 702 38.22 37.33 -4.31
CA LYS B 702 38.33 36.93 -2.91
C LYS B 702 37.02 36.42 -2.32
N ILE B 703 35.90 36.66 -2.99
CA ILE B 703 34.61 36.16 -2.54
C ILE B 703 34.53 34.66 -2.83
N ALA B 704 34.28 33.86 -1.79
CA ALA B 704 34.11 32.42 -1.98
C ALA B 704 32.78 32.14 -2.68
N ASP B 705 32.73 30.97 -3.33
CA ASP B 705 31.51 30.49 -3.97
C ASP B 705 31.46 28.98 -3.84
N GLU B 706 30.46 28.37 -4.46
CA GLU B 706 30.26 26.93 -4.27
C GLU B 706 31.40 26.08 -4.83
N THR B 707 32.10 26.56 -5.86
CA THR B 707 33.25 25.78 -6.33
C THR B 707 34.36 25.78 -5.29
N VAL B 708 34.37 26.77 -4.39
CA VAL B 708 35.30 26.73 -3.26
C VAL B 708 34.76 25.81 -2.17
N GLY B 709 33.45 25.85 -1.93
CA GLY B 709 32.86 25.02 -0.91
C GLY B 709 31.46 25.48 -0.58
N THR B 710 30.76 24.62 0.15
CA THR B 710 29.41 24.90 0.62
C THR B 710 29.31 24.84 2.14
N THR B 711 30.44 24.71 2.84
CA THR B 711 30.48 24.68 4.28
C THR B 711 31.51 25.68 4.78
N VAL B 712 31.40 26.03 6.06
CA VAL B 712 32.34 26.98 6.65
C VAL B 712 33.77 26.44 6.56
N ASP B 713 33.95 25.16 6.89
CA ASP B 713 35.30 24.61 6.97
C ASP B 713 35.97 24.56 5.61
N GLU B 714 35.21 24.44 4.53
CA GLU B 714 35.81 24.56 3.21
C GLU B 714 36.12 26.00 2.83
N VAL B 715 35.30 26.94 3.27
CA VAL B 715 35.38 28.31 2.75
C VAL B 715 36.41 29.13 3.49
N LEU B 716 36.45 29.01 4.81
CA LEU B 716 37.35 29.87 5.59
C LEU B 716 38.81 29.74 5.18
N PRO B 717 39.37 28.55 4.95
CA PRO B 717 40.78 28.50 4.52
C PRO B 717 41.05 29.29 3.24
N PHE B 718 40.09 29.30 2.31
CA PHE B 718 40.24 30.08 1.08
C PHE B 718 40.21 31.58 1.39
N LEU B 719 39.33 31.99 2.29
CA LEU B 719 39.28 33.39 2.70
C LEU B 719 40.58 33.81 3.35
N GLU B 720 41.14 32.95 4.20
CA GLU B 720 42.42 33.25 4.84
C GLU B 720 43.53 33.37 3.79
N GLU B 721 43.60 32.40 2.86
CA GLU B 721 44.65 32.43 1.86
C GLU B 721 44.59 33.67 0.99
N LYS B 722 43.39 34.17 0.70
CA LYS B 722 43.28 35.35 -0.15
C LYS B 722 43.33 36.66 0.63
N GLY B 723 43.36 36.62 1.95
CA GLY B 723 43.42 37.86 2.70
C GLY B 723 42.16 38.67 2.62
N HIS B 724 41.00 38.02 2.70
CA HIS B 724 39.74 38.73 2.60
C HIS B 724 39.62 39.75 3.73
N PRO B 725 39.33 41.02 3.44
CA PRO B 725 39.33 42.04 4.49
C PRO B 725 38.36 41.75 5.63
N ALA B 726 37.26 41.04 5.35
CA ALA B 726 36.28 40.78 6.39
C ALA B 726 36.90 40.06 7.58
N LEU B 727 37.93 39.24 7.34
CA LEU B 727 38.53 38.49 8.44
C LEU B 727 39.16 39.42 9.47
N SER B 728 39.59 40.61 9.05
CA SER B 728 40.28 41.53 9.95
C SER B 728 39.39 42.65 10.47
N MET B 729 38.11 42.67 10.08
CA MET B 729 37.20 43.66 10.59
C MET B 729 36.59 43.21 11.92
N GLU B 730 35.90 44.13 12.58
CA GLU B 730 35.28 43.79 13.85
C GLU B 730 34.16 42.78 13.62
N PRO B 731 33.93 41.89 14.57
CA PRO B 731 32.76 41.02 14.46
C PRO B 731 31.48 41.85 14.49
N LEU B 732 30.50 41.42 13.70
CA LEU B 732 29.16 41.93 13.86
C LEU B 732 28.51 41.12 14.97
N LEU B 733 27.53 41.71 15.66
CA LEU B 733 26.94 41.03 16.80
C LEU B 733 28.03 40.65 17.81
FE1 SF4 C . -11.79 -45.93 5.85
FE2 SF4 C . -10.72 -45.66 3.41
FE3 SF4 C . -9.16 -45.26 5.65
FE4 SF4 C . -11.14 -43.48 4.98
S1 SF4 C . -9.27 -43.95 3.77
S2 SF4 C . -10.70 -44.33 7.04
S3 SF4 C . -12.74 -44.83 4.09
S4 SF4 C . -10.11 -47.20 4.98
ZN ZN D . -10.42 -39.87 3.96
NI NI E . -8.85 -39.51 1.61
C1 PEG F . 0.72 -22.92 -9.31
O1 PEG F . 1.54 -22.88 -8.24
C2 PEG F . 0.01 -21.63 -9.56
O2 PEG F . -0.88 -21.80 -10.65
C3 PEG F . -1.86 -22.81 -10.41
C4 PEG F . -1.46 -24.16 -10.97
O4 PEG F . -2.34 -25.21 -10.57
H11 PEG F . 1.24 -23.15 -10.11
H12 PEG F . 0.07 -23.63 -9.17
HO1 PEG F . 2.31 -22.64 -8.49
H21 PEG F . 0.66 -20.93 -9.76
H22 PEG F . -0.50 -21.38 -8.75
H31 PEG F . -2.71 -22.54 -10.79
H32 PEG F . -1.98 -22.90 -9.43
H41 PEG F . -0.56 -24.40 -10.72
H42 PEG F . -1.48 -24.10 -11.95
HO4 PEG F . -2.30 -25.84 -11.14
C1 CIT G . -26.26 -50.66 -13.29
O1 CIT G . -27.36 -50.42 -12.83
O2 CIT G . -25.85 -50.16 -14.34
C2 CIT G . -25.32 -51.59 -12.57
C3 CIT G . -25.92 -52.45 -11.45
O7 CIT G . -27.16 -51.94 -11.02
C4 CIT G . -26.16 -53.85 -12.00
C5 CIT G . -27.45 -53.92 -12.78
O3 CIT G . -27.40 -54.43 -13.93
O4 CIT G . -28.46 -53.40 -12.26
C6 CIT G . -24.91 -52.53 -10.30
O5 CIT G . -25.38 -52.69 -9.22
O6 CIT G . -23.69 -52.40 -10.57
H21 CIT G . -24.60 -51.04 -12.18
H22 CIT G . -24.91 -52.19 -13.23
HO7 CIT G . -27.20 -51.97 -10.18
H41 CIT G . -26.20 -54.48 -11.25
H42 CIT G . -25.41 -54.10 -12.58
C1 PEG H . -8.28 -48.34 13.44
O1 PEG H . -7.14 -48.36 12.61
C2 PEG H . -8.99 -46.98 13.34
O2 PEG H . -9.39 -46.55 14.61
C3 PEG H . -8.86 -45.30 14.93
C4 PEG H . -9.67 -44.60 16.03
O4 PEG H . -10.83 -45.33 16.35
H11 PEG H . -8.96 -49.13 13.14
H12 PEG H . -7.97 -48.50 14.48
HO1 PEG H . -6.75 -49.22 12.64
H21 PEG H . -8.30 -46.26 12.90
H22 PEG H . -9.85 -47.09 12.70
H31 PEG H . -7.84 -45.41 15.27
H32 PEG H . -8.88 -44.66 14.05
H41 PEG H . -9.06 -44.52 16.92
H42 PEG H . -9.96 -43.61 15.70
HO4 PEG H . -10.59 -46.21 16.58
C1 PEG I . 21.06 -39.33 20.80
O1 PEG I . 22.01 -40.09 21.49
C2 PEG I . 19.99 -38.82 21.76
O2 PEG I . 18.90 -38.32 21.03
C3 PEG I . 19.02 -36.97 20.66
C4 PEG I . 17.74 -36.49 19.97
O4 PEG I . 17.37 -35.24 20.50
H11 PEG I . 20.60 -39.94 20.03
H12 PEG I . 21.56 -38.47 20.33
HO1 PEG I . 22.74 -39.53 21.75
H21 PEG I . 19.66 -39.64 22.39
H22 PEG I . 20.41 -38.04 22.38
H31 PEG I . 19.20 -36.37 21.55
H32 PEG I . 19.86 -36.86 19.98
H41 PEG I . 17.92 -36.40 18.90
H42 PEG I . 16.95 -37.21 20.15
HO4 PEG I . 16.46 -35.26 20.73
C1 PEG J . 0.40 -46.04 8.32
O1 PEG J . 1.51 -45.51 7.65
C2 PEG J . 0.47 -45.85 9.81
O2 PEG J . -0.36 -46.80 10.47
C3 PEG J . -1.71 -46.58 10.16
C4 PEG J . -2.14 -45.41 10.92
O4 PEG J . -2.92 -45.79 11.97
H11 PEG J . 0.33 -47.00 8.13
H12 PEG J . -0.42 -45.61 7.98
HO1 PEG J . 2.21 -45.89 7.93
H21 PEG J . 1.39 -45.95 10.12
H22 PEG J . 0.17 -44.94 10.05
H31 PEG J . -1.83 -46.43 9.20
H32 PEG J . -2.24 -47.36 10.42
H41 PEG J . -1.34 -44.94 11.25
H42 PEG J . -2.64 -44.82 10.33
HO4 PEG J . -3.32 -45.11 12.28
C1 PEG K . -10.73 0.96 13.30
O1 PEG K . -11.91 0.51 12.68
C2 PEG K . -10.98 1.19 14.79
O2 PEG K . -10.36 0.18 15.55
C3 PEG K . -8.97 0.29 15.61
C4 PEG K . -8.50 0.23 17.07
O4 PEG K . -7.80 -0.97 17.28
H11 PEG K . -10.42 1.89 12.84
H12 PEG K . -9.95 0.22 13.18
HO1 PEG K . -12.65 1.01 13.00
H21 PEG K . -10.57 2.15 15.08
H22 PEG K . -12.04 1.17 14.99
H31 PEG K . -8.51 -0.52 15.06
H32 PEG K . -8.66 1.24 15.18
H41 PEG K . -9.37 0.25 17.73
H42 PEG K . -7.86 1.07 17.29
HO4 PEG K . -7.66 -1.10 18.19
O2 UW8 L . 12.85 -4.29 -4.27
O1 UW8 L . 11.20 -5.27 -5.17
C6 UW8 L . 14.00 -5.20 -7.26
C4 UW8 L . 15.55 -6.65 -3.80
C2 UW8 L . 13.62 -5.35 -4.64
C1 UW8 L . 12.53 -5.87 -5.05
C3 UW8 L . 14.23 -6.01 -3.55
C5 UW8 L . 14.39 -4.96 -5.86
C7 UW8 L . 12.53 -2.50 -7.47
C9 UW8 L . 12.51 -0.08 -7.10
C12 UW8 L . 14.43 -0.33 -5.04
C13 UW8 L . 8.43 -2.90 -4.57
C11 UW8 L . 14.34 -1.30 -6.20
C8 UW8 L . 12.84 -1.46 -6.45
C14 UW8 L . 8.86 -3.27 -3.19
C15 UW8 L . 8.28 -2.32 -2.15
C17 UW8 L . 8.17 -4.56 -2.76
C18 UW8 L . 8.51 -5.78 -3.59
O10 UW8 L . 12.87 -2.51 -8.62
O13 UW8 L . 14.59 0.91 -5.20
O14 UW8 L . 14.28 -0.84 -3.92
O15 UW8 L . 9.43 -3.28 -5.57
O16 UW8 L . 10.33 -3.35 -3.32
O17 UW8 L . 7.37 -2.30 -4.81
O19 UW8 L . 6.91 -3.00 -0.24
O20 UW8 L . 9.27 -6.61 -3.04
O21 UW8 L . 8.01 -5.94 -4.72
O3 UW8 L . 12.35 -7.27 -5.53
O4 UW8 L . 16.64 -6.29 -3.23
O5 UW8 L . 15.59 -7.60 -4.59
O6 UW8 L . 14.53 -4.44 -8.09
O7 UW8 L . 13.45 -6.20 -7.51
O8 UW8 L . 11.75 -3.56 -6.95
O9 UW8 L . 12.06 -1.80 -5.28
C16' UW8 L . 8.12 -2.76 -0.75
O18' UW8 L . 9.21 -3.56 -0.18
TI1 UW8 L . 11.36 -3.41 -4.91
H3A UW8 L . 14.34 -5.30 -2.74
H3B UW8 L . 13.55 -6.81 -3.22
H5B UW8 L . 15.36 -5.42 -5.75
H5A UW8 L . 14.52 -3.88 -5.79
H9A UW8 L . 11.97 0.65 -6.46
H9B UW8 L . 12.14 -0.08 -8.17
H11B UW8 L . 14.84 -0.90 -7.09
H11A UW8 L . 14.80 -2.25 -5.94
H15B UW8 L . 8.10 0.18 -3.92
H15A UW8 L . 8.02 -1.39 -2.41
H17B UW8 L . 7.08 -4.41 -2.82
H17A UW8 L . 8.43 -4.76 -1.73
C1 PEG M . -14.67 -24.02 32.31
O1 PEG M . -14.47 -25.24 31.62
C2 PEG M . -13.72 -22.94 31.88
O2 PEG M . -12.50 -23.51 31.42
C3 PEG M . -11.33 -22.86 31.89
C4 PEG M . -10.47 -23.82 32.68
O4 PEG M . -10.47 -25.11 32.13
H11 PEG M . -14.56 -24.17 33.27
H12 PEG M . -15.59 -23.71 32.16
HO1 PEG M . -14.68 -25.88 32.13
H21 PEG M . -13.52 -22.34 32.64
H22 PEG M . -14.12 -22.40 31.16
H31 PEG M . -11.59 -22.10 32.48
H32 PEG M . -10.82 -22.50 31.14
H41 PEG M . -10.80 -23.86 33.59
H42 PEG M . -9.56 -23.48 32.70
HO4 PEG M . -9.86 -25.17 31.54
O6 BU3 N . -3.91 -28.24 31.24
C3 BU3 N . -3.40 -28.38 32.55
C4 BU3 N . -1.96 -28.76 32.71
C2 BU3 N . -4.21 -29.42 33.36
O5 BU3 N . -4.99 -30.23 32.54
C1 BU3 N . -4.98 -28.57 34.33
HO6 BU3 N . -3.38 -28.62 30.69
H3 BU3 N . -3.53 -27.51 33.00
H41 BU3 N . -1.89 -29.58 33.24
H42 BU3 N . -1.48 -28.04 33.16
H43 BU3 N . -1.55 -28.91 31.83
H2 BU3 N . -3.57 -29.99 33.85
HO5 BU3 N . -5.17 -29.81 31.82
H11 BU3 N . -5.91 -28.86 34.34
H12 BU3 N . -4.92 -27.64 34.08
H13 BU3 N . -4.61 -28.69 35.22
C1 CIT O . 20.77 -42.29 -9.30
O1 CIT O . 21.66 -42.41 -10.13
O2 CIT O . 20.55 -41.23 -8.76
C2 CIT O . 19.83 -43.47 -9.02
C3 CIT O . 20.25 -44.48 -7.95
O7 CIT O . 21.57 -44.15 -7.56
C4 CIT O . 19.32 -44.44 -6.75
C5 CIT O . 19.26 -43.14 -6.06
O3 CIT O . 18.55 -43.04 -5.13
O4 CIT O . 19.95 -42.23 -6.47
C6 CIT O . 20.15 -45.94 -8.47
O5 CIT O . 19.95 -46.16 -9.62
O6 CIT O . 20.23 -46.77 -7.67
H21 CIT O . 19.69 -43.96 -9.87
H22 CIT O . 18.96 -43.10 -8.76
HO7 CIT O . 21.57 -43.39 -7.21
H41 CIT O . 19.61 -45.12 -6.11
H42 CIT O . 18.42 -44.68 -7.05
O6 BU3 P . -4.65 3.88 -9.83
C3 BU3 P . -6.00 3.70 -10.21
C4 BU3 P . -6.86 4.93 -9.98
C2 BU3 P . -6.66 2.52 -9.47
O5 BU3 P . -6.03 1.30 -9.77
C1 BU3 P . -8.12 2.41 -9.86
HO6 BU3 P . -4.58 3.79 -8.99
H3 BU3 P . -6.02 3.49 -11.17
H41 BU3 P . -7.35 4.83 -9.14
H42 BU3 P . -7.49 5.03 -10.71
H43 BU3 P . -6.29 5.72 -9.92
H2 BU3 P . -6.59 2.68 -8.50
HO5 BU3 P . -6.25 1.06 -10.55
H11 BU3 P . -8.37 1.47 -9.97
H12 BU3 P . -8.26 2.88 -10.70
H13 BU3 P . -8.67 2.81 -9.17
FE1 SF4 Q . 6.49 46.61 -3.19
FE2 SF4 Q . 8.33 45.47 -1.62
FE3 SF4 Q . 8.41 45.03 -4.32
FE4 SF4 Q . 6.44 43.93 -2.80
S1 SF4 Q . 8.65 43.46 -2.66
S2 SF4 Q . 6.18 45.01 -4.80
S3 SF4 Q . 6.08 45.56 -1.21
S4 SF4 Q . 8.73 47.01 -3.26
ZN ZN R . 6.01 40.19 -2.30
NI NI S . 8.23 38.80 -1.12
C1 CIT T . 24.61 33.99 -33.61
O1 CIT T . 23.93 34.75 -34.30
O2 CIT T . 25.81 34.16 -33.32
C2 CIT T . 24.00 32.73 -33.06
C3 CIT T . 24.98 31.87 -32.29
O7 CIT T . 26.03 32.70 -31.82
C4 CIT T . 24.21 31.22 -31.14
C5 CIT T . 24.19 31.90 -29.80
O3 CIT T . 23.06 32.32 -29.46
O4 CIT T . 25.22 31.97 -29.15
C6 CIT T . 25.55 30.79 -33.23
O5 CIT T . 24.76 30.27 -34.02
O6 CIT T . 26.79 30.54 -33.16
H21 CIT T . 23.25 32.98 -32.47
H22 CIT T . 23.63 32.21 -33.81
HO7 CIT T . 26.47 32.27 -31.23
H41 CIT T . 24.52 30.30 -31.02
H42 CIT T . 23.28 31.18 -31.39
C1 PEG U . 10.33 50.73 20.90
O1 PEG U . 10.91 49.64 20.23
C2 PEG U . 9.48 51.56 19.92
O2 PEG U . 9.59 52.93 20.20
C3 PEG U . 9.34 53.77 19.09
C4 PEG U . 10.65 54.29 18.50
O4 PEG U . 10.41 54.99 17.30
H11 PEG U . 9.70 50.37 21.70
H12 PEG U . 11.12 51.36 21.30
HO1 PEG U . 10.58 48.83 20.58
H21 PEG U . 9.83 51.37 18.90
H22 PEG U . 8.45 51.25 20.01
H31 PEG U . 8.74 54.61 19.41
H32 PEG U . 8.81 53.20 18.33
H41 PEG U . 11.12 54.96 19.21
H42 PEG U . 11.31 53.46 18.31
HO4 PEG U . 10.65 55.89 17.41
#